data_2VC2
#
_entry.id   2VC2
#
_cell.length_a   149.151
_cell.length_b   149.151
_cell.length_c   176.217
_cell.angle_alpha   90.00
_cell.angle_beta   90.00
_cell.angle_gamma   120.00
#
_symmetry.space_group_name_H-M   'P 32 2 1'
#
loop_
_entity.id
_entity.type
_entity.pdbx_description
1 polymer 'INTEGRIN ALPHA-IIB'
2 polymer 'INTEGRIN BETA-3'
3 polymer 'MONOCLONAL ANTIBODY 10E5 HEAVY CHAIN'
4 polymer 'MONOCLONAL ANTIBODY 10E5 LIGHT CHAIN'
5 branched alpha-D-mannopyranose-(1-3)-[alpha-D-mannopyranose-(1-6)]alpha-D-mannopyranose-(1-4)-2-acetamido-2-deoxy-beta-D-glucopyranose-(1-4)-2-acetamido-2-deoxy-beta-D-glucopyranose
6 branched alpha-D-mannopyranose-(1-3)-[alpha-D-mannopyranose-(1-6)]alpha-D-mannopyranose-(1-6)-[alpha-D-mannopyranose-(1-3)]alpha-D-mannopyranose-(1-4)-2-acetamido-2-deoxy-beta-D-glucopyranose-(1-4)-2-acetamido-2-deoxy-beta-D-glucopyranose
7 non-polymer 'MAGNESIUM ION'
8 non-polymer GLYCEROL
9 non-polymer 'CALCIUM ION'
10 non-polymer 2-acetamido-2-deoxy-beta-D-glucopyranose
11 non-polymer '2-(S)-[N-(3-PYRIDYLSULFONYL)AMINO]-3-[[2-CARBONYL-5-[2-(PIPERIDIN-4-YL)ETHYL]-THIENO[2,3-B]THIOPHENEYL]AMINO]-PROPIONIC ACID'
12 water water
#
loop_
_entity_poly.entity_id
_entity_poly.type
_entity_poly.pdbx_seq_one_letter_code
_entity_poly.pdbx_strand_id
1 'polypeptide(L)'
;LNLDPVQLTFYAGPNGSQFGFSLDFHKDSHGRVAIVVGAPRTLGPSQEETGGVFLCPWRAEGGQCPSLLFDLRDETRNVG
SQTLQTFKARQGLGASVVSWSDVIVACAPWQHWNVLEKTEEAEKTPVGSCFLAQPESGRRAEYSPCRGNTLSRIYVENDF
SWDKRYCEAGFSSVVTQAGELVLGAPGGYYFLGLLAQAPVADIFSSYRPGILLWHVSSQSLSFDSSNPEYFDGYWGYSVA
VGEFDGDLNTTEYVVGAPTWSWTLGAVEILDSYYQRLHRLRGEQMASYFGHSVAVTDVNGDGRHDLLVGAPLYMESRADR
KLAEVGRVYLFLQPRGPHALGAPSLLLTGTQLYGRFGSAIAPLGDLDRDGYNDIAVAAPYGGPSGRGQVLVFLGQSEGLR
SRPSQVLDSPFPTGSAFGFSLRGAVDIDDNGYPDLIVGAYGANQVAVYRAQP
;
A
2 'polypeptide(L)'
;GPNICTTRGVSSCQQCLAVSPMCAWCSDEALPLGSPRCDLKENLLKDNCAPESIEFPVSEARVLEDRPLSDKGSGDSSQV
TQVSPQRIALRLRPDDSKNFSIQVRQVEDYPVDIYYLMDLSYSMKDDLWSIQNLGTKLATQMRKLTSNLRIGFGAFVDKP
VSPYMYISPPEALENPCYDMKTTCLPMFGYKHVLTLTDQVTRFNEEVKKQSVSRNRDAPEGGFDAIMQATVCDEKIGWRN
DASHLLVFTTDAKTHIALDGRLAGIVQPNDGQCHVGSDNHYSASTTMDYPSLGLMTEKLSQKNINLIFAVTENVVNLYQN
YSELIPGTTVGVLSMDSSNVLQLIVDAYGKIRSKVELEVRDLPEELSLSFNATCLNNEVIPGLKSCMGLKIGDTVSFSIE
AKVRGCPQEKEKSFTIKPVGFKDSLIVQVTFDCDCACQAQAEPNSHRCNNGNGTFECGVCR
;
B
3 'polypeptide(L)'
;EVQLQQSGAELVKPGASVKLSCTASGFNIKDTYVHWVKQRPEQGLEWIGRIDPANGYTKYDPKFQGKATITADTSSNTAY
LQLSSLTSEDTAVYYCVRPLYDYYAMDYWGQGTSVTVSSAKTTAPSVYPLAPVCGDTTGSSVTLGCLVKGYFPEPVTLTW
NSGSLSSGVHTFPAVLQSDLYTLSSSVTVTSSTWPSQSITCNVAHPASSTKVDKKIEPRGP
;
H
4 'polypeptide(L)'
;DILMTQSPSSMSVSLGDTVSITCHASQGISSNIGWLQQKPGKSFMGLIYYGTNLVDGVPSRFSGSGSGADYSLTISSLDS
EDFADYYCVQYAQLPYTFGGGTKLEIKRADAAPTVSIFPPSSEQLTSGGASVVCFLNNFYPKDINVKWKIDGSERQNGVL
NSWTDQDSKDSTYSMSSTLTLTKDEYERHNSYTCEATHKTSTSPIVKSFNRNEC
;
L
#
# COMPACT_ATOMS: atom_id res chain seq x y z
N LEU A 1 17.83 9.26 34.48
CA LEU A 1 18.50 10.00 35.58
C LEU A 1 20.00 10.22 35.29
N ASN A 2 20.57 9.42 34.40
CA ASN A 2 22.02 9.39 34.25
C ASN A 2 22.57 9.08 32.86
N LEU A 3 21.81 9.41 31.81
CA LEU A 3 22.36 9.37 30.46
C LEU A 3 23.20 10.63 30.27
N ASP A 4 24.47 10.47 29.93
CA ASP A 4 25.39 11.60 29.81
C ASP A 4 25.10 12.38 28.52
N PRO A 5 24.74 13.67 28.64
CA PRO A 5 24.40 14.50 27.48
C PRO A 5 25.60 15.19 26.82
N VAL A 6 26.73 15.25 27.53
CA VAL A 6 27.94 15.89 27.04
C VAL A 6 28.80 14.92 26.24
N GLN A 7 28.97 13.71 26.77
CA GLN A 7 29.84 12.68 26.17
C GLN A 7 29.10 11.95 25.04
N LEU A 8 28.66 12.67 24.02
CA LEU A 8 27.91 12.05 22.93
C LEU A 8 28.82 11.40 21.90
N THR A 9 28.23 10.60 21.03
CA THR A 9 28.93 10.02 19.90
C THR A 9 28.04 10.17 18.68
N PHE A 10 28.61 10.64 17.58
CA PHE A 10 27.86 10.87 16.35
C PHE A 10 28.32 9.94 15.22
N TYR A 11 27.40 9.14 14.72
CA TYR A 11 27.62 8.38 13.49
C TYR A 11 26.90 9.12 12.36
N ALA A 12 27.60 9.30 11.24
CA ALA A 12 27.10 10.12 10.12
C ALA A 12 27.04 9.36 8.80
N GLY A 13 25.87 9.39 8.15
CA GLY A 13 25.72 8.86 6.79
C GLY A 13 25.90 9.97 5.76
N PRO A 14 25.62 9.67 4.47
CA PRO A 14 25.73 10.68 3.40
C PRO A 14 24.55 11.65 3.36
N ASN A 15 24.69 12.74 2.62
CA ASN A 15 23.62 13.74 2.50
C ASN A 15 22.38 13.20 1.83
N GLY A 16 21.22 13.63 2.33
CA GLY A 16 19.93 13.24 1.74
C GLY A 16 19.62 11.76 1.84
N SER A 17 20.43 11.02 2.61
CA SER A 17 20.32 9.57 2.69
C SER A 17 19.33 9.13 3.74
N GLN A 18 18.90 10.07 4.57
CA GLN A 18 18.05 9.80 5.73
C GLN A 18 18.66 8.73 6.63
N PHE A 19 19.98 8.80 6.81
CA PHE A 19 20.73 7.94 7.71
C PHE A 19 20.22 8.15 9.13
N GLY A 20 19.65 7.11 9.72
CA GLY A 20 19.06 7.21 11.06
C GLY A 20 17.54 7.25 11.08
N PHE A 21 16.91 7.01 9.92
CA PHE A 21 15.47 6.85 9.84
C PHE A 21 15.04 5.68 10.70
N SER A 22 15.82 4.60 10.62
CA SER A 22 15.61 3.44 11.45
C SER A 22 16.95 3.03 12.05
N LEU A 23 16.92 2.35 13.19
CA LEU A 23 18.15 1.84 13.80
C LEU A 23 17.86 0.73 14.80
N ASP A 24 18.91 -0.02 15.12
CA ASP A 24 18.83 -1.07 16.13
C ASP A 24 20.23 -1.50 16.54
N PHE A 25 20.35 -1.97 17.78
CA PHE A 25 21.57 -2.60 18.24
C PHE A 25 21.68 -3.99 17.62
N HIS A 26 22.89 -4.39 17.23
CA HIS A 26 23.14 -5.74 16.71
C HIS A 26 24.35 -6.35 17.38
N LYS A 27 24.26 -7.64 17.67
CA LYS A 27 25.32 -8.36 18.36
C LYS A 27 25.82 -9.53 17.52
N ASP A 28 27.14 -9.59 17.30
CA ASP A 28 27.74 -10.69 16.56
C ASP A 28 27.80 -11.94 17.44
N SER A 29 28.29 -13.05 16.88
CA SER A 29 28.37 -14.32 17.61
C SER A 29 29.31 -14.27 18.82
N HIS A 30 30.35 -13.43 18.74
CA HIS A 30 31.32 -13.30 19.84
C HIS A 30 30.75 -12.52 21.03
N GLY A 31 29.70 -11.74 20.79
CA GLY A 31 29.03 -10.96 21.83
C GLY A 31 29.19 -9.47 21.69
N ARG A 32 29.99 -9.04 20.71
CA ARG A 32 30.29 -7.62 20.50
C ARG A 32 29.11 -6.87 19.92
N VAL A 33 28.71 -5.77 20.57
CA VAL A 33 27.60 -4.95 20.11
C VAL A 33 28.08 -3.96 19.03
N ALA A 34 27.23 -3.79 18.02
CA ALA A 34 27.41 -2.77 16.99
C ALA A 34 26.03 -2.15 16.75
N ILE A 35 25.95 -1.17 15.85
CA ILE A 35 24.67 -0.48 15.57
C ILE A 35 24.33 -0.61 14.10
N VAL A 36 23.10 -1.05 13.82
CA VAL A 36 22.56 -1.08 12.46
C VAL A 36 21.78 0.20 12.23
N VAL A 37 22.13 0.94 11.19
CA VAL A 37 21.42 2.16 10.82
C VAL A 37 20.87 2.01 9.41
N GLY A 38 19.60 2.32 9.24
CA GLY A 38 18.94 2.30 7.93
C GLY A 38 18.89 3.69 7.34
N ALA A 39 19.20 3.79 6.05
CA ALA A 39 19.26 5.08 5.35
C ALA A 39 18.45 4.95 4.07
N PRO A 40 17.13 5.14 4.16
CA PRO A 40 16.21 4.78 3.08
C PRO A 40 16.36 5.57 1.77
N ARG A 41 17.05 6.70 1.79
CA ARG A 41 17.23 7.48 0.56
C ARG A 41 18.66 7.51 0.03
N THR A 42 19.52 6.62 0.52
CA THR A 42 20.86 6.48 -0.02
C THR A 42 20.79 6.21 -1.52
N LEU A 43 21.70 6.83 -2.27
CA LEU A 43 21.80 6.60 -3.70
C LEU A 43 22.44 5.24 -3.95
N GLY A 44 21.98 4.57 -5.00
CA GLY A 44 22.57 3.32 -5.45
C GLY A 44 23.83 3.59 -6.25
N PRO A 45 24.44 2.52 -6.77
CA PRO A 45 25.67 2.67 -7.54
C PRO A 45 25.49 3.40 -8.88
N SER A 46 24.26 3.40 -9.40
CA SER A 46 23.94 4.09 -10.65
C SER A 46 23.19 5.40 -10.39
N GLN A 47 23.53 6.07 -9.28
CA GLN A 47 23.03 7.39 -8.92
C GLN A 47 21.51 7.49 -8.78
N GLU A 48 20.82 6.37 -8.63
CA GLU A 48 19.38 6.38 -8.39
C GLU A 48 19.09 5.98 -6.94
N GLU A 49 18.13 6.62 -6.30
CA GLU A 49 17.81 6.33 -4.91
C GLU A 49 17.30 4.91 -4.74
N THR A 50 17.98 4.12 -3.92
CA THR A 50 17.53 2.77 -3.58
C THR A 50 17.44 2.55 -2.07
N GLY A 51 18.12 3.40 -1.30
CA GLY A 51 18.24 3.22 0.13
C GLY A 51 19.39 2.30 0.47
N GLY A 52 19.76 2.24 1.74
CA GLY A 52 20.86 1.40 2.17
C GLY A 52 20.89 1.14 3.66
N VAL A 53 21.82 0.28 4.06
CA VAL A 53 22.01 -0.10 5.45
C VAL A 53 23.50 -0.02 5.80
N PHE A 54 23.80 0.44 7.00
CA PHE A 54 25.18 0.56 7.48
C PHE A 54 25.31 -0.19 8.80
N LEU A 55 26.46 -0.83 9.01
CA LEU A 55 26.71 -1.58 10.23
C LEU A 55 27.90 -0.99 10.99
N CYS A 56 27.58 -0.07 11.90
CA CYS A 56 28.56 0.68 12.67
C CYS A 56 29.08 -0.12 13.85
N PRO A 57 30.41 -0.20 14.00
CA PRO A 57 30.97 -0.78 15.22
C PRO A 57 31.11 0.30 16.28
N TRP A 58 31.00 -0.09 17.54
CA TRP A 58 31.05 0.88 18.63
C TRP A 58 32.40 1.59 18.67
N ARG A 59 32.35 2.92 18.68
CA ARG A 59 33.52 3.77 18.87
C ARG A 59 33.11 5.03 19.62
N ALA A 60 33.88 5.40 20.66
CA ALA A 60 33.62 6.63 21.40
C ALA A 60 33.53 7.83 20.45
N GLU A 61 34.46 7.88 19.49
CA GLU A 61 34.50 8.97 18.50
C GLU A 61 33.44 8.85 17.40
N GLY A 62 33.01 7.64 17.09
CA GLY A 62 32.06 7.41 16.01
C GLY A 62 32.63 7.87 14.68
N GLY A 63 31.75 8.20 13.73
CA GLY A 63 32.16 8.70 12.42
C GLY A 63 31.41 8.05 11.28
N GLN A 64 32.11 7.82 10.17
CA GLN A 64 31.51 7.17 8.99
C GLN A 64 31.40 5.66 9.19
N CYS A 65 30.40 5.04 8.55
CA CYS A 65 30.14 3.62 8.73
C CYS A 65 30.24 2.79 7.45
N PRO A 66 30.47 1.47 7.58
CA PRO A 66 30.57 0.58 6.43
C PRO A 66 29.22 0.09 5.96
N SER A 67 29.04 -0.01 4.65
CA SER A 67 27.76 -0.36 4.07
C SER A 67 27.56 -1.86 4.07
N LEU A 68 26.45 -2.31 4.66
CA LEU A 68 26.03 -3.70 4.59
C LEU A 68 25.43 -3.93 3.21
N LEU A 69 26.14 -4.67 2.35
CA LEU A 69 25.76 -4.74 0.94
C LEU A 69 24.52 -5.57 0.66
N PHE A 70 23.68 -5.07 -0.25
CA PHE A 70 22.54 -5.82 -0.74
C PHE A 70 22.44 -5.69 -2.26
N ASP A 71 21.80 -6.65 -2.89
CA ASP A 71 21.61 -6.63 -4.34
C ASP A 71 20.56 -5.57 -4.67
N LEU A 72 20.98 -4.56 -5.42
CA LEU A 72 20.07 -3.48 -5.81
C LEU A 72 19.72 -3.55 -7.29
N ARG A 73 19.95 -4.69 -7.92
CA ARG A 73 19.59 -4.88 -9.31
C ARG A 73 18.15 -5.33 -9.43
N ASP A 74 17.39 -4.70 -10.33
CA ASP A 74 16.02 -5.13 -10.64
C ASP A 74 16.07 -6.49 -11.31
N GLU A 75 14.99 -7.25 -11.18
CA GLU A 75 14.94 -8.62 -11.65
C GLU A 75 13.74 -8.83 -12.55
N THR A 76 13.92 -9.62 -13.59
CA THR A 76 12.81 -10.07 -14.43
C THR A 76 12.88 -11.57 -14.58
N ARG A 77 11.73 -12.23 -14.48
CA ARG A 77 11.64 -13.65 -14.76
C ARG A 77 10.45 -13.93 -15.65
N ASN A 78 10.72 -14.48 -16.83
CA ASN A 78 9.67 -14.98 -17.72
C ASN A 78 9.40 -16.45 -17.42
N VAL A 79 8.38 -16.71 -16.61
CA VAL A 79 8.05 -18.06 -16.16
C VAL A 79 6.54 -18.29 -16.20
N GLY A 80 6.13 -19.54 -16.40
CA GLY A 80 4.71 -19.89 -16.42
C GLY A 80 3.88 -18.98 -17.29
N SER A 81 4.40 -18.68 -18.48
CA SER A 81 3.77 -17.78 -19.45
C SER A 81 3.40 -16.40 -18.88
N GLN A 82 4.17 -15.94 -17.91
CA GLN A 82 4.02 -14.61 -17.35
C GLN A 82 5.38 -13.92 -17.28
N THR A 83 5.38 -12.63 -16.94
CA THR A 83 6.61 -11.88 -16.68
C THR A 83 6.57 -11.27 -15.29
N LEU A 84 7.43 -11.77 -14.41
CA LEU A 84 7.58 -11.23 -13.06
C LEU A 84 8.61 -10.11 -13.10
N GLN A 85 8.38 -9.04 -12.33
CA GLN A 85 9.25 -7.86 -12.34
C GLN A 85 9.43 -7.24 -10.96
N THR A 86 10.68 -7.10 -10.52
CA THR A 86 10.99 -6.33 -9.31
C THR A 86 11.59 -4.96 -9.69
N PHE A 87 11.24 -3.95 -8.91
CA PHE A 87 11.66 -2.57 -9.13
C PHE A 87 12.16 -1.97 -7.83
N LYS A 88 13.48 -1.79 -7.72
CA LYS A 88 14.11 -1.37 -6.48
C LYS A 88 14.34 0.14 -6.40
N ALA A 89 14.04 0.85 -7.48
CA ALA A 89 14.16 2.30 -7.50
C ALA A 89 13.19 2.91 -6.50
N ARG A 90 13.72 3.75 -5.60
CA ARG A 90 12.95 4.46 -4.59
CA ARG A 90 12.94 4.47 -4.60
C ARG A 90 12.21 3.50 -3.66
N GLN A 91 12.81 2.35 -3.40
CA GLN A 91 12.20 1.33 -2.55
C GLN A 91 12.30 1.65 -1.07
N GLY A 92 13.26 2.51 -0.71
CA GLY A 92 13.46 2.91 0.67
C GLY A 92 14.07 1.82 1.53
N LEU A 93 15.07 1.12 1.01
CA LEU A 93 15.75 0.07 1.77
C LEU A 93 16.32 0.67 3.06
N GLY A 94 15.94 0.09 4.19
CA GLY A 94 16.36 0.59 5.49
C GLY A 94 15.41 1.57 6.13
N ALA A 95 14.16 1.61 5.63
CA ALA A 95 13.10 2.39 6.26
C ALA A 95 12.69 1.72 7.59
N SER A 96 13.10 0.46 7.75
CA SER A 96 13.00 -0.23 9.02
C SER A 96 14.11 -1.28 9.06
N VAL A 97 14.80 -1.37 10.20
CA VAL A 97 15.87 -2.35 10.37
C VAL A 97 15.80 -2.96 11.76
N VAL A 98 15.61 -4.28 11.84
CA VAL A 98 15.60 -4.96 13.12
C VAL A 98 16.68 -6.05 13.13
N SER A 99 17.25 -6.30 14.30
CA SER A 99 18.31 -7.31 14.47
C SER A 99 17.78 -8.50 15.25
N TRP A 100 18.23 -9.70 14.91
CA TRP A 100 17.92 -10.88 15.71
C TRP A 100 19.06 -11.88 15.64
N SER A 101 19.52 -12.31 16.82
CA SER A 101 20.68 -13.19 16.93
C SER A 101 21.82 -12.67 16.04
N ASP A 102 22.19 -13.43 15.01
CA ASP A 102 23.26 -13.05 14.10
C ASP A 102 22.69 -12.70 12.72
N VAL A 103 21.47 -12.18 12.70
CA VAL A 103 20.82 -11.78 11.45
C VAL A 103 20.34 -10.33 11.53
N ILE A 104 20.35 -9.65 10.39
CA ILE A 104 19.75 -8.32 10.27
C ILE A 104 18.66 -8.37 9.21
N VAL A 105 17.53 -7.71 9.48
CA VAL A 105 16.43 -7.65 8.53
C VAL A 105 16.15 -6.17 8.22
N ALA A 106 16.59 -5.73 7.03
CA ALA A 106 16.34 -4.36 6.58
C ALA A 106 15.27 -4.44 5.52
N CYS A 107 14.25 -3.58 5.62
CA CYS A 107 13.13 -3.64 4.68
C CYS A 107 13.07 -2.42 3.77
N ALA A 108 12.59 -2.66 2.55
CA ALA A 108 12.30 -1.63 1.57
C ALA A 108 10.78 -1.65 1.36
N PRO A 109 10.04 -0.87 2.17
CA PRO A 109 8.59 -0.88 2.15
C PRO A 109 7.97 -0.50 0.81
N TRP A 110 8.66 0.34 0.03
CA TRP A 110 8.10 0.83 -1.23
C TRP A 110 8.74 0.19 -2.46
N GLN A 111 9.31 -1.00 -2.29
CA GLN A 111 9.76 -1.78 -3.43
C GLN A 111 8.53 -2.15 -4.26
N HIS A 112 8.57 -1.88 -5.55
CA HIS A 112 7.43 -2.15 -6.42
C HIS A 112 7.59 -3.48 -7.13
N TRP A 113 6.49 -3.93 -7.70
CA TRP A 113 6.39 -5.27 -8.26
C TRP A 113 5.27 -5.28 -9.30
N ASN A 114 5.49 -5.99 -10.39
CA ASN A 114 4.46 -6.14 -11.41
C ASN A 114 4.57 -7.50 -12.08
N VAL A 115 3.47 -7.93 -12.69
CA VAL A 115 3.42 -9.17 -13.45
C VAL A 115 2.70 -8.93 -14.77
N LEU A 116 3.36 -9.21 -15.88
CA LEU A 116 2.78 -8.99 -17.20
C LEU A 116 2.36 -10.33 -17.79
N GLU A 117 1.22 -10.34 -18.46
CA GLU A 117 0.73 -11.54 -19.16
C GLU A 117 -0.06 -11.11 -20.39
N LYS A 118 0.55 -11.27 -21.56
CA LYS A 118 -0.01 -10.74 -22.80
C LYS A 118 -0.26 -9.24 -22.59
N THR A 119 -1.41 -8.71 -23.00
CA THR A 119 -1.71 -7.28 -22.81
C THR A 119 -2.21 -6.92 -21.41
N GLU A 120 -2.18 -7.87 -20.47
CA GLU A 120 -2.68 -7.62 -19.11
C GLU A 120 -1.56 -7.57 -18.07
N GLU A 121 -1.87 -7.00 -16.91
CA GLU A 121 -0.89 -6.88 -15.83
C GLU A 121 -1.53 -6.93 -14.45
N ALA A 122 -0.73 -7.24 -13.44
CA ALA A 122 -1.18 -7.20 -12.05
C ALA A 122 -1.22 -5.77 -11.51
N GLU A 123 -0.57 -4.85 -12.22
CA GLU A 123 -0.39 -3.44 -11.81
C GLU A 123 0.92 -3.31 -11.03
N LYS A 124 1.74 -2.33 -11.44
CA LYS A 124 2.97 -1.99 -10.75
C LYS A 124 2.65 -1.31 -9.42
N THR A 125 2.91 -2.00 -8.32
CA THR A 125 2.43 -1.59 -6.99
C THR A 125 3.47 -1.90 -5.90
N PRO A 126 3.47 -1.12 -4.80
CA PRO A 126 4.48 -1.28 -3.76
C PRO A 126 4.18 -2.41 -2.79
N VAL A 127 4.64 -3.61 -3.11
CA VAL A 127 4.42 -4.78 -2.25
C VAL A 127 5.34 -4.74 -1.03
N GLY A 128 6.50 -4.14 -1.20
CA GLY A 128 7.54 -4.14 -0.18
C GLY A 128 8.35 -5.41 -0.24
N SER A 129 9.48 -5.41 0.46
CA SER A 129 10.29 -6.61 0.62
C SER A 129 11.33 -6.38 1.70
N CYS A 130 11.69 -7.44 2.43
CA CYS A 130 12.77 -7.35 3.40
C CYS A 130 13.96 -8.14 2.89
N PHE A 131 15.13 -7.54 3.05
CA PHE A 131 16.41 -8.17 2.77
C PHE A 131 16.98 -8.65 4.10
N LEU A 132 17.30 -9.94 4.18
CA LEU A 132 17.91 -10.51 5.38
C LEU A 132 19.40 -10.72 5.12
N ALA A 133 20.22 -10.42 6.13
CA ALA A 133 21.67 -10.57 6.04
C ALA A 133 22.23 -11.25 7.28
N GLN A 134 23.12 -12.20 7.04
CA GLN A 134 23.84 -12.87 8.11
C GLN A 134 25.32 -12.48 7.96
N PRO A 135 25.74 -11.38 8.63
CA PRO A 135 27.02 -10.72 8.32
C PRO A 135 28.29 -11.57 8.45
N GLU A 136 28.40 -12.35 9.53
CA GLU A 136 29.61 -13.14 9.78
C GLU A 136 29.79 -14.35 8.84
N SER A 137 28.77 -14.65 8.04
CA SER A 137 28.86 -15.69 7.01
C SER A 137 28.76 -15.09 5.61
N GLY A 138 27.96 -14.05 5.46
CA GLY A 138 27.74 -13.39 4.17
C GLY A 138 26.47 -13.85 3.47
N ARG A 139 25.69 -14.71 4.11
CA ARG A 139 24.45 -15.20 3.54
C ARG A 139 23.45 -14.06 3.37
N ARG A 140 22.70 -14.10 2.27
CA ARG A 140 21.61 -13.15 2.03
C ARG A 140 20.36 -13.90 1.63
N ALA A 141 19.22 -13.42 2.13
CA ALA A 141 17.91 -13.92 1.75
C ALA A 141 16.95 -12.75 1.63
N GLU A 142 15.82 -12.98 0.96
CA GLU A 142 14.77 -11.97 0.84
C GLU A 142 13.45 -12.58 1.32
N TYR A 143 12.48 -11.71 1.55
CA TYR A 143 11.13 -12.13 1.97
C TYR A 143 10.15 -11.06 1.48
N SER A 144 9.31 -11.44 0.52
CA SER A 144 8.38 -10.51 -0.10
C SER A 144 6.99 -11.16 -0.20
N PRO A 145 6.31 -11.31 0.95
CA PRO A 145 5.14 -12.17 1.06
C PRO A 145 3.86 -11.65 0.39
N CYS A 146 3.86 -10.41 -0.08
CA CYS A 146 2.69 -9.85 -0.74
C CYS A 146 2.74 -9.92 -2.27
N ARG A 147 3.87 -10.34 -2.82
CA ARG A 147 3.98 -10.55 -4.26
C ARG A 147 2.98 -11.60 -4.72
N GLY A 148 2.27 -11.30 -5.81
CA GLY A 148 1.32 -12.24 -6.40
C GLY A 148 1.50 -12.33 -7.89
N ASN A 149 0.74 -13.21 -8.52
CA ASN A 149 0.72 -13.31 -9.99
C ASN A 149 -0.72 -13.34 -10.46
N THR A 150 -1.56 -12.54 -9.82
CA THR A 150 -2.97 -12.40 -10.18
C THR A 150 -3.15 -11.12 -10.98
N LEU A 151 -3.88 -11.22 -12.09
CA LEU A 151 -4.03 -10.08 -13.00
C LEU A 151 -5.08 -9.07 -12.55
N SER A 152 -4.88 -7.82 -12.94
CA SER A 152 -5.69 -6.67 -12.52
C SER A 152 -7.19 -6.97 -12.51
N ARG A 153 -7.68 -7.54 -13.60
CA ARG A 153 -9.12 -7.79 -13.78
C ARG A 153 -9.72 -8.73 -12.72
N ILE A 154 -8.98 -9.78 -12.36
CA ILE A 154 -9.50 -10.81 -11.43
C ILE A 154 -9.81 -10.22 -10.05
N TYR A 155 -9.01 -9.25 -9.63
CA TYR A 155 -9.28 -8.51 -8.41
C TYR A 155 -10.59 -7.72 -8.53
N VAL A 156 -10.76 -7.03 -9.66
CA VAL A 156 -11.98 -6.26 -9.91
C VAL A 156 -13.21 -7.17 -9.89
N GLU A 157 -13.08 -8.34 -10.49
CA GLU A 157 -14.15 -9.33 -10.53
C GLU A 157 -14.50 -9.85 -9.15
N ASN A 158 -13.54 -9.86 -8.22
CA ASN A 158 -13.75 -10.36 -6.87
C ASN A 158 -13.86 -9.26 -5.81
N ASP A 159 -14.28 -8.07 -6.22
CA ASP A 159 -14.42 -6.92 -5.32
C ASP A 159 -13.19 -6.74 -4.44
N PHE A 160 -12.03 -6.84 -5.06
CA PHE A 160 -10.74 -6.55 -4.41
C PHE A 160 -10.46 -7.36 -3.15
N SER A 161 -10.99 -8.57 -3.09
CA SER A 161 -10.73 -9.45 -1.96
C SER A 161 -9.27 -9.90 -2.03
N TRP A 162 -8.63 -9.97 -0.86
CA TRP A 162 -7.29 -10.49 -0.72
C TRP A 162 -6.31 -9.76 -1.62
N ASP A 163 -6.51 -8.46 -1.76
CA ASP A 163 -5.65 -7.61 -2.59
C ASP A 163 -4.43 -7.19 -1.78
N LYS A 164 -3.31 -7.86 -2.00
CA LYS A 164 -2.07 -7.57 -1.27
C LYS A 164 -1.10 -6.71 -2.09
N ARG A 165 -1.61 -6.05 -3.14
CA ARG A 165 -0.74 -5.36 -4.08
C ARG A 165 -0.03 -4.13 -3.49
N TYR A 166 -0.62 -3.52 -2.47
CA TYR A 166 -0.12 -2.25 -1.92
C TYR A 166 0.37 -2.42 -0.48
N CYS A 167 0.66 -3.66 -0.09
CA CYS A 167 1.10 -4.01 1.27
C CYS A 167 2.07 -3.05 1.93
N GLU A 168 3.18 -2.80 1.24
CA GLU A 168 4.37 -2.16 1.79
C GLU A 168 4.96 -2.98 2.94
N ALA A 169 5.09 -4.28 2.68
CA ALA A 169 5.64 -5.22 3.64
C ALA A 169 6.94 -4.68 4.21
N GLY A 170 7.10 -4.81 5.53
CA GLY A 170 8.30 -4.31 6.21
C GLY A 170 8.21 -2.86 6.61
N PHE A 171 7.08 -2.22 6.32
CA PHE A 171 6.83 -0.83 6.72
C PHE A 171 7.21 -0.69 8.19
N SER A 172 6.70 -1.63 9.00
CA SER A 172 7.17 -1.84 10.37
C SER A 172 7.57 -3.30 10.50
N SER A 173 8.43 -3.60 11.48
CA SER A 173 8.94 -4.96 11.66
C SER A 173 9.35 -5.25 13.10
N VAL A 174 9.25 -6.52 13.47
CA VAL A 174 9.74 -7.01 14.76
C VAL A 174 10.00 -8.51 14.66
N VAL A 175 10.90 -9.01 15.52
CA VAL A 175 11.22 -10.45 15.59
C VAL A 175 10.97 -10.94 17.00
N THR A 176 10.29 -12.07 17.15
CA THR A 176 10.15 -12.70 18.47
C THR A 176 11.48 -13.32 18.89
N GLN A 177 11.61 -13.69 20.16
CA GLN A 177 12.85 -14.29 20.64
C GLN A 177 13.12 -15.63 19.96
N ALA A 178 12.06 -16.40 19.69
CA ALA A 178 12.21 -17.70 19.02
C ALA A 178 12.70 -17.59 17.56
N GLY A 179 12.61 -16.39 16.97
CA GLY A 179 13.05 -16.17 15.60
C GLY A 179 11.93 -16.06 14.58
N GLU A 180 10.72 -15.75 15.04
CA GLU A 180 9.59 -15.48 14.14
C GLU A 180 9.61 -14.01 13.76
N LEU A 181 9.87 -13.75 12.48
CA LEU A 181 9.85 -12.39 11.93
C LEU A 181 8.40 -12.01 11.73
N VAL A 182 8.07 -10.78 12.12
CA VAL A 182 6.71 -10.26 11.99
C VAL A 182 6.80 -8.92 11.26
N LEU A 183 6.14 -8.82 10.11
CA LEU A 183 6.18 -7.60 9.31
C LEU A 183 4.84 -6.91 9.31
N GLY A 184 4.88 -5.60 9.55
CA GLY A 184 3.71 -4.74 9.36
C GLY A 184 3.59 -4.33 7.90
N ALA A 185 2.39 -4.46 7.34
CA ALA A 185 2.09 -4.04 5.97
C ALA A 185 0.77 -3.27 6.01
N PRO A 186 0.84 -1.95 6.24
CA PRO A 186 -0.38 -1.15 6.43
C PRO A 186 -1.21 -0.92 5.16
N GLY A 187 -0.60 -1.17 4.00
CA GLY A 187 -1.33 -1.09 2.73
C GLY A 187 -2.00 -2.38 2.32
N GLY A 188 -1.81 -3.45 3.09
CA GLY A 188 -2.41 -4.75 2.79
C GLY A 188 -3.93 -4.68 2.69
N TYR A 189 -4.49 -5.51 1.81
CA TYR A 189 -5.94 -5.64 1.67
C TYR A 189 -6.62 -4.30 1.41
N TYR A 190 -6.14 -3.63 0.36
CA TYR A 190 -6.60 -2.31 -0.04
C TYR A 190 -6.60 -1.34 1.14
N PHE A 191 -5.46 -1.29 1.83
CA PHE A 191 -5.19 -0.31 2.89
C PHE A 191 -5.92 -0.54 4.22
N LEU A 192 -6.47 -1.75 4.40
CA LEU A 192 -6.89 -2.19 5.74
C LEU A 192 -5.66 -2.37 6.61
N GLY A 193 -4.71 -3.14 6.10
CA GLY A 193 -3.49 -3.50 6.80
C GLY A 193 -3.43 -4.99 7.10
N LEU A 194 -2.22 -5.53 7.11
CA LEU A 194 -2.02 -6.95 7.45
C LEU A 194 -0.67 -7.17 8.12
N LEU A 195 -0.56 -8.31 8.79
CA LEU A 195 0.72 -8.78 9.32
C LEU A 195 1.12 -10.09 8.63
N ALA A 196 2.39 -10.18 8.26
CA ALA A 196 2.94 -11.43 7.72
C ALA A 196 4.06 -11.88 8.65
N GLN A 197 4.10 -13.16 8.97
CA GLN A 197 5.13 -13.71 9.84
C GLN A 197 5.73 -14.97 9.24
N ALA A 198 6.98 -15.25 9.57
CA ALA A 198 7.66 -16.46 9.15
C ALA A 198 8.92 -16.62 9.98
N PRO A 199 9.32 -17.87 10.25
CA PRO A 199 10.60 -18.09 10.91
C PRO A 199 11.76 -17.59 10.06
N VAL A 200 12.72 -16.91 10.70
CA VAL A 200 13.90 -16.42 10.00
C VAL A 200 14.60 -17.57 9.29
N ALA A 201 14.80 -18.66 10.04
CA ALA A 201 15.36 -19.91 9.52
C ALA A 201 14.72 -20.37 8.20
N ASP A 202 13.40 -20.32 8.15
CA ASP A 202 12.65 -20.83 7.01
C ASP A 202 12.66 -19.86 5.84
N ILE A 203 12.64 -18.57 6.13
CA ILE A 203 12.86 -17.55 5.09
C ILE A 203 14.18 -17.84 4.37
N PHE A 204 15.23 -18.11 5.15
CA PHE A 204 16.55 -18.39 4.58
C PHE A 204 16.59 -19.65 3.75
N SER A 205 16.06 -20.75 4.30
CA SER A 205 16.17 -22.05 3.64
C SER A 205 15.29 -22.19 2.39
N SER A 206 14.28 -21.33 2.27
CA SER A 206 13.39 -21.37 1.10
C SER A 206 13.72 -20.29 0.07
N TYR A 207 14.72 -19.45 0.35
CA TYR A 207 15.13 -18.43 -0.61
C TYR A 207 16.19 -18.92 -1.60
N ARG A 208 15.98 -18.59 -2.86
CA ARG A 208 17.00 -18.72 -3.90
C ARG A 208 16.88 -17.54 -4.84
N PRO A 209 18.02 -17.01 -5.33
CA PRO A 209 17.94 -15.82 -6.17
C PRO A 209 17.36 -16.12 -7.54
N GLY A 210 16.60 -15.18 -8.07
CA GLY A 210 16.02 -15.30 -9.40
C GLY A 210 14.61 -15.87 -9.43
N ILE A 211 14.18 -16.49 -8.33
CA ILE A 211 12.89 -17.18 -8.27
C ILE A 211 11.74 -16.18 -8.19
N LEU A 212 11.90 -15.15 -7.36
CA LEU A 212 10.94 -14.03 -7.24
C LEU A 212 9.61 -14.42 -6.58
N LEU A 213 8.86 -15.34 -7.17
CA LEU A 213 7.70 -15.91 -6.46
C LEU A 213 8.10 -17.26 -5.88
N TRP A 214 8.12 -17.38 -4.56
CA TRP A 214 8.39 -18.67 -3.91
C TRP A 214 7.59 -18.80 -2.63
N HIS A 215 7.62 -20.00 -2.05
CA HIS A 215 6.81 -20.34 -0.88
C HIS A 215 7.64 -20.42 0.41
N VAL A 216 7.20 -19.72 1.45
CA VAL A 216 7.68 -20.01 2.80
C VAL A 216 6.55 -20.73 3.55
N SER A 217 6.57 -22.05 3.47
CA SER A 217 5.44 -22.88 3.94
C SER A 217 5.01 -22.60 5.37
N SER A 218 5.97 -22.23 6.20
CA SER A 218 5.72 -21.98 7.62
C SER A 218 5.13 -20.59 7.89
N GLN A 219 4.91 -19.79 6.85
CA GLN A 219 4.43 -18.42 7.05
C GLN A 219 2.94 -18.37 7.36
N SER A 220 2.53 -17.24 7.92
CA SER A 220 1.18 -17.06 8.42
C SER A 220 0.78 -15.58 8.25
N LEU A 221 -0.09 -15.31 7.28
CA LEU A 221 -0.58 -13.95 7.07
C LEU A 221 -1.89 -13.71 7.82
N SER A 222 -2.14 -12.44 8.17
CA SER A 222 -3.38 -12.05 8.83
C SER A 222 -4.49 -11.94 7.80
N PHE A 223 -5.69 -11.57 8.24
CA PHE A 223 -6.89 -11.76 7.42
C PHE A 223 -7.45 -10.50 6.81
N ASP A 224 -8.17 -10.69 5.71
CA ASP A 224 -8.92 -9.64 5.04
C ASP A 224 -10.27 -9.54 5.75
N SER A 225 -10.88 -8.36 5.68
CA SER A 225 -12.16 -8.09 6.31
C SER A 225 -12.98 -7.13 5.47
N SER A 226 -14.30 -7.18 5.65
CA SER A 226 -15.22 -6.29 4.97
C SER A 226 -15.93 -5.36 5.96
N ASN A 227 -15.44 -5.32 7.21
CA ASN A 227 -15.96 -4.43 8.25
C ASN A 227 -15.40 -3.02 8.06
N PRO A 228 -16.26 -2.04 7.73
CA PRO A 228 -15.81 -0.68 7.42
C PRO A 228 -14.93 -0.01 8.48
N GLU A 229 -15.06 -0.43 9.73
CA GLU A 229 -14.20 0.06 10.80
C GLU A 229 -12.70 -0.05 10.47
N TYR A 230 -12.32 -1.12 9.78
CA TYR A 230 -10.92 -1.37 9.43
C TYR A 230 -10.45 -0.69 8.14
N PHE A 231 -11.39 -0.20 7.33
CA PHE A 231 -11.06 0.45 6.06
C PHE A 231 -10.09 1.62 6.24
N ASP A 232 -9.02 1.65 5.45
CA ASP A 232 -8.03 2.73 5.46
C ASP A 232 -7.40 2.93 6.84
N GLY A 233 -7.33 1.86 7.64
CA GLY A 233 -6.89 1.96 9.02
C GLY A 233 -5.39 1.84 9.21
N TYR A 234 -4.70 1.37 8.17
CA TYR A 234 -3.25 1.18 8.21
C TYR A 234 -2.82 0.30 9.39
N TRP A 235 -3.59 -0.76 9.60
CA TRP A 235 -3.29 -1.80 10.56
C TRP A 235 -1.90 -2.37 10.26
N GLY A 236 -0.96 -2.17 11.18
CA GLY A 236 0.44 -2.59 10.99
C GLY A 236 1.41 -1.46 10.69
N TYR A 237 0.94 -0.23 10.79
CA TYR A 237 1.79 0.96 10.72
C TYR A 237 2.92 0.83 11.75
N SER A 238 2.59 0.24 12.89
CA SER A 238 3.58 -0.11 13.91
C SER A 238 3.27 -1.50 14.47
N VAL A 239 4.30 -2.17 14.96
CA VAL A 239 4.15 -3.53 15.49
C VAL A 239 5.15 -3.81 16.60
N ALA A 240 4.77 -4.64 17.56
CA ALA A 240 5.65 -5.03 18.66
C ALA A 240 5.16 -6.32 19.31
N VAL A 241 6.02 -6.97 20.09
CA VAL A 241 5.66 -8.25 20.72
C VAL A 241 5.83 -8.20 22.22
N GLY A 242 5.16 -9.11 22.91
CA GLY A 242 5.15 -9.14 24.38
C GLY A 242 4.28 -10.25 24.94
N GLU A 243 4.16 -10.30 26.26
CA GLU A 243 3.40 -11.35 26.94
C GLU A 243 2.15 -10.77 27.61
N PHE A 244 0.98 -11.13 27.06
CA PHE A 244 -0.30 -10.52 27.49
C PHE A 244 -1.46 -11.50 27.77
N ASP A 245 -1.16 -12.80 27.86
CA ASP A 245 -2.21 -13.80 28.12
C ASP A 245 -1.87 -14.78 29.25
N GLY A 246 -0.78 -14.54 29.97
CA GLY A 246 -0.36 -15.41 31.06
C GLY A 246 0.39 -16.67 30.62
N ASP A 247 0.11 -17.14 29.40
CA ASP A 247 0.73 -18.35 28.85
C ASP A 247 2.09 -18.00 28.26
N LEU A 248 3.16 -18.26 29.02
CA LEU A 248 4.53 -17.99 28.59
C LEU A 248 4.90 -18.77 27.31
N ASN A 249 4.16 -19.85 27.03
CA ASN A 249 4.40 -20.67 25.86
C ASN A 249 4.03 -20.01 24.54
N THR A 250 3.02 -19.14 24.57
CA THR A 250 2.57 -18.39 23.39
C THR A 250 3.14 -16.98 23.38
N THR A 251 3.22 -16.39 22.20
CA THR A 251 3.66 -15.00 22.05
C THR A 251 2.52 -14.15 21.54
N GLU A 252 2.38 -12.95 22.10
CA GLU A 252 1.33 -12.03 21.72
C GLU A 252 1.91 -10.92 20.86
N TYR A 253 1.11 -10.43 19.91
CA TYR A 253 1.51 -9.36 19.01
C TYR A 253 0.69 -8.11 19.28
N VAL A 254 1.35 -6.96 19.29
CA VAL A 254 0.67 -5.66 19.41
C VAL A 254 0.74 -4.93 18.06
N VAL A 255 -0.42 -4.61 17.50
CA VAL A 255 -0.48 -3.96 16.18
C VAL A 255 -1.04 -2.54 16.29
N GLY A 256 -0.45 -1.63 15.50
CA GLY A 256 -0.87 -0.24 15.44
C GLY A 256 -1.73 0.04 14.21
N ALA A 257 -2.88 0.66 14.44
CA ALA A 257 -3.81 1.02 13.37
C ALA A 257 -4.22 2.49 13.54
N PRO A 258 -3.31 3.43 13.23
CA PRO A 258 -3.49 4.85 13.56
C PRO A 258 -4.67 5.58 12.92
N THR A 259 -5.20 5.06 11.81
CA THR A 259 -6.36 5.70 11.18
C THR A 259 -7.62 4.80 11.24
N TRP A 260 -7.55 3.76 12.08
CA TRP A 260 -8.65 2.81 12.27
C TRP A 260 -9.96 3.52 12.62
N SER A 261 -11.07 2.97 12.15
CA SER A 261 -12.41 3.52 12.36
C SER A 261 -12.49 5.03 12.13
N TRP A 262 -12.41 5.43 10.86
CA TRP A 262 -12.57 6.83 10.45
C TRP A 262 -11.61 7.75 11.20
N THR A 263 -10.33 7.39 11.16
CA THR A 263 -9.24 8.14 11.78
C THR A 263 -9.35 8.31 13.30
N LEU A 264 -10.11 7.45 13.98
CA LEU A 264 -10.08 7.41 15.45
C LEU A 264 -8.79 6.74 15.93
N GLY A 265 -8.34 5.73 15.19
CA GLY A 265 -7.11 5.03 15.52
C GLY A 265 -7.32 3.99 16.61
N ALA A 266 -6.50 2.94 16.58
CA ALA A 266 -6.57 1.90 17.58
C ALA A 266 -5.27 1.10 17.62
N VAL A 267 -5.11 0.35 18.70
CA VAL A 267 -4.01 -0.60 18.83
C VAL A 267 -4.58 -1.90 19.39
N GLU A 268 -4.27 -3.01 18.74
CA GLU A 268 -4.84 -4.30 19.12
C GLU A 268 -3.79 -5.24 19.70
N ILE A 269 -4.23 -6.17 20.54
CA ILE A 269 -3.37 -7.22 21.07
C ILE A 269 -3.90 -8.57 20.62
N LEU A 270 -3.06 -9.33 19.92
CA LEU A 270 -3.47 -10.58 19.30
C LEU A 270 -2.57 -11.73 19.72
N ASP A 271 -3.09 -12.94 19.59
CA ASP A 271 -2.26 -14.15 19.71
C ASP A 271 -1.52 -14.34 18.38
N SER A 272 -0.67 -15.36 18.31
CA SER A 272 0.10 -15.61 17.10
C SER A 272 -0.74 -16.13 15.91
N TYR A 273 -2.01 -16.46 16.17
CA TYR A 273 -2.97 -16.82 15.12
C TYR A 273 -3.79 -15.61 14.63
N TYR A 274 -3.46 -14.43 15.12
CA TYR A 274 -4.13 -13.18 14.73
C TYR A 274 -5.57 -13.08 15.24
N GLN A 275 -5.85 -13.75 16.36
CA GLN A 275 -7.13 -13.59 17.03
C GLN A 275 -7.02 -12.42 17.98
N ARG A 276 -8.04 -11.55 17.99
CA ARG A 276 -8.06 -10.41 18.90
C ARG A 276 -8.22 -10.85 20.35
N LEU A 277 -7.34 -10.34 21.19
CA LEU A 277 -7.42 -10.51 22.64
C LEU A 277 -7.94 -9.23 23.29
N HIS A 278 -7.43 -8.08 22.88
N HIS A 278 -7.38 -8.09 22.91
CA HIS A 278 -7.99 -6.82 23.31
CA HIS A 278 -7.82 -6.77 23.38
C HIS A 278 -7.75 -5.75 22.28
C HIS A 278 -7.77 -5.77 22.23
N ARG A 279 -8.59 -4.72 22.31
CA ARG A 279 -8.48 -3.55 21.43
C ARG A 279 -8.39 -2.32 22.30
N LEU A 280 -7.57 -1.36 21.88
CA LEU A 280 -7.45 -0.10 22.57
C LEU A 280 -7.80 1.00 21.57
N ARG A 281 -8.93 1.66 21.82
CA ARG A 281 -9.43 2.69 20.92
C ARG A 281 -8.72 4.00 21.17
N GLY A 282 -8.47 4.74 20.10
CA GLY A 282 -7.89 6.07 20.19
C GLY A 282 -8.84 7.04 20.87
N GLU A 283 -8.30 8.16 21.32
CA GLU A 283 -9.05 9.11 22.15
C GLU A 283 -9.66 10.22 21.29
N GLN A 284 -8.87 10.73 20.34
CA GLN A 284 -9.26 11.89 19.55
C GLN A 284 -8.85 11.67 18.10
N MET A 285 -9.78 11.94 17.18
CA MET A 285 -9.54 11.67 15.77
C MET A 285 -8.31 12.41 15.22
N ALA A 286 -7.68 11.80 14.23
CA ALA A 286 -6.49 12.34 13.54
C ALA A 286 -5.24 12.48 14.41
N SER A 287 -5.31 12.07 15.68
CA SER A 287 -4.17 12.16 16.59
C SER A 287 -3.12 11.10 16.27
N TYR A 288 -3.48 10.17 15.39
CA TYR A 288 -2.61 9.09 14.96
C TYR A 288 -2.27 8.12 16.09
N PHE A 289 -3.20 7.96 17.01
CA PHE A 289 -3.08 6.98 18.10
C PHE A 289 -2.74 5.62 17.48
N GLY A 290 -1.56 5.10 17.82
CA GLY A 290 -1.05 3.86 17.22
C GLY A 290 0.11 4.07 16.26
N HIS A 291 0.57 5.32 16.14
CA HIS A 291 1.78 5.63 15.38
C HIS A 291 2.95 4.87 15.96
N SER A 292 3.02 4.86 17.29
CA SER A 292 4.08 4.20 18.03
C SER A 292 3.48 3.27 19.07
N VAL A 293 4.04 2.08 19.19
CA VAL A 293 3.68 1.17 20.28
C VAL A 293 4.94 0.62 20.91
N ALA A 294 4.89 0.41 22.23
CA ALA A 294 6.04 -0.12 22.98
C ALA A 294 5.56 -1.05 24.09
N VAL A 295 6.30 -2.13 24.31
CA VAL A 295 5.98 -3.13 25.33
C VAL A 295 7.15 -3.28 26.30
N THR A 296 6.88 -3.04 27.59
CA THR A 296 7.89 -3.23 28.64
C THR A 296 7.23 -3.20 30.02
N ASP A 297 7.82 -3.90 30.98
CA ASP A 297 7.30 -3.91 32.34
C ASP A 297 7.91 -2.74 33.13
N VAL A 298 7.10 -1.70 33.35
CA VAL A 298 7.58 -0.47 34.00
C VAL A 298 7.28 -0.37 35.50
N ASN A 299 6.37 -1.19 36.01
CA ASN A 299 6.09 -1.21 37.46
C ASN A 299 6.69 -2.41 38.20
N GLY A 300 7.60 -3.11 37.54
CA GLY A 300 8.38 -4.18 38.18
C GLY A 300 7.58 -5.30 38.82
N ASP A 301 6.46 -5.69 38.21
CA ASP A 301 5.65 -6.80 38.72
C ASP A 301 5.78 -8.07 37.87
N GLY A 302 6.56 -8.00 36.79
CA GLY A 302 6.83 -9.16 35.94
C GLY A 302 5.85 -9.33 34.80
N ARG A 303 4.80 -8.51 34.77
CA ARG A 303 3.84 -8.53 33.69
C ARG A 303 4.12 -7.34 32.78
N HIS A 304 4.21 -7.59 31.47
CA HIS A 304 4.46 -6.52 30.50
C HIS A 304 3.38 -5.45 30.54
N ASP A 305 3.80 -4.20 30.33
CA ASP A 305 2.88 -3.08 30.18
C ASP A 305 2.95 -2.58 28.73
N LEU A 306 1.98 -1.75 28.34
CA LEU A 306 1.85 -1.28 26.96
C LEU A 306 1.89 0.23 26.88
N LEU A 307 2.58 0.76 25.87
CA LEU A 307 2.66 2.20 25.66
C LEU A 307 2.28 2.54 24.22
N VAL A 308 1.28 3.43 24.05
CA VAL A 308 0.82 3.83 22.72
C VAL A 308 1.07 5.31 22.49
N GLY A 309 1.48 5.66 21.27
CA GLY A 309 1.84 7.02 20.91
C GLY A 309 0.86 7.65 19.94
N ALA A 310 0.25 8.76 20.36
CA ALA A 310 -0.63 9.58 19.52
C ALA A 310 0.01 10.96 19.36
N PRO A 311 0.97 11.09 18.43
CA PRO A 311 1.80 12.28 18.34
C PRO A 311 1.12 13.55 17.81
N LEU A 312 -0.02 13.41 17.14
CA LEU A 312 -0.75 14.58 16.65
C LEU A 312 -1.94 14.95 17.57
N TYR A 313 -1.93 14.46 18.81
CA TYR A 313 -3.00 14.77 19.78
C TYR A 313 -3.05 16.25 20.14
N MET A 314 -4.26 16.81 20.16
CA MET A 314 -4.49 18.23 20.43
C MET A 314 -5.09 18.45 21.82
N GLU A 315 -4.31 19.02 22.73
CA GLU A 315 -4.74 19.25 24.11
C GLU A 315 -5.65 20.47 24.21
N SER A 316 -6.66 20.40 25.08
CA SER A 316 -7.55 21.54 25.31
C SER A 316 -6.88 22.62 26.16
N ARG A 317 -7.26 23.88 25.91
CA ARG A 317 -6.70 25.04 26.61
C ARG A 317 -7.75 26.13 26.80
N ALA A 318 -7.37 27.21 27.48
CA ALA A 318 -8.27 28.34 27.74
C ALA A 318 -8.95 28.84 26.45
N ASP A 319 -10.21 29.26 26.60
CA ASP A 319 -11.08 29.71 25.50
C ASP A 319 -11.31 28.67 24.39
N ARG A 320 -11.51 27.42 24.81
CA ARG A 320 -11.88 26.31 23.91
C ARG A 320 -10.85 26.02 22.81
N LYS A 321 -9.62 26.49 22.99
CA LYS A 321 -8.59 26.37 21.96
C LYS A 321 -7.83 25.05 22.12
N LEU A 322 -7.68 24.34 21.01
CA LEU A 322 -6.95 23.07 20.97
C LEU A 322 -5.53 23.35 20.54
N ALA A 323 -4.60 22.53 21.01
CA ALA A 323 -3.17 22.70 20.72
C ALA A 323 -2.47 21.36 20.49
N GLU A 324 -2.06 21.12 19.26
CA GLU A 324 -1.38 19.88 18.90
C GLU A 324 -0.05 19.76 19.63
N VAL A 325 0.01 18.82 20.57
CA VAL A 325 1.25 18.58 21.33
C VAL A 325 1.72 17.11 21.32
N GLY A 326 0.81 16.17 21.08
CA GLY A 326 1.14 14.75 21.11
C GLY A 326 0.88 14.14 22.47
N ARG A 327 0.69 12.83 22.51
CA ARG A 327 0.40 12.13 23.77
C ARG A 327 0.84 10.66 23.76
N VAL A 328 1.34 10.20 24.92
CA VAL A 328 1.66 8.80 25.14
C VAL A 328 0.75 8.22 26.22
N TYR A 329 0.19 7.05 25.97
CA TYR A 329 -0.73 6.39 26.89
C TYR A 329 -0.05 5.15 27.45
N LEU A 330 -0.14 4.97 28.78
CA LEU A 330 0.43 3.82 29.46
C LEU A 330 -0.68 2.94 30.00
N PHE A 331 -0.61 1.65 29.68
CA PHE A 331 -1.55 0.66 30.16
C PHE A 331 -0.80 -0.42 30.92
N LEU A 332 -0.98 -0.46 32.25
CA LEU A 332 -0.40 -1.51 33.06
C LEU A 332 -1.24 -2.78 32.89
N GLN A 333 -0.58 -3.93 32.90
CA GLN A 333 -1.28 -5.20 32.79
C GLN A 333 -1.62 -5.65 34.19
N PRO A 334 -2.90 -6.01 34.43
CA PRO A 334 -3.31 -6.53 35.73
C PRO A 334 -3.00 -8.02 35.86
N ARG A 335 -3.29 -8.59 37.02
CA ARG A 335 -3.06 -10.02 37.27
C ARG A 335 -4.26 -10.86 36.84
N GLY A 336 -4.07 -12.18 36.84
CA GLY A 336 -5.13 -13.12 36.48
C GLY A 336 -5.56 -12.98 35.03
N PRO A 337 -6.66 -13.67 34.67
CA PRO A 337 -7.24 -13.55 33.32
C PRO A 337 -8.06 -12.26 33.17
N HIS A 338 -7.37 -11.12 33.25
CA HIS A 338 -8.00 -9.81 33.18
C HIS A 338 -7.39 -9.02 32.03
N ALA A 339 -8.26 -8.33 31.27
CA ALA A 339 -7.82 -7.55 30.12
C ALA A 339 -7.18 -6.24 30.56
N LEU A 340 -6.49 -5.58 29.63
CA LEU A 340 -6.04 -4.22 29.85
C LEU A 340 -7.27 -3.33 29.94
N GLY A 341 -7.20 -2.32 30.80
CA GLY A 341 -8.32 -1.41 31.01
C GLY A 341 -8.04 -0.02 30.47
N ALA A 342 -8.47 0.99 31.21
CA ALA A 342 -8.20 2.38 30.89
C ALA A 342 -6.72 2.67 31.13
N PRO A 343 -6.24 3.81 30.64
CA PRO A 343 -4.83 4.10 30.83
C PRO A 343 -4.49 4.35 32.29
N SER A 344 -3.39 3.75 32.75
CA SER A 344 -2.89 4.00 34.10
C SER A 344 -2.29 5.40 34.20
N LEU A 345 -1.78 5.91 33.07
CA LEU A 345 -1.24 7.27 33.01
C LEU A 345 -1.29 7.82 31.59
N LEU A 346 -1.52 9.14 31.49
CA LEU A 346 -1.44 9.86 30.23
C LEU A 346 -0.32 10.89 30.31
N LEU A 347 0.61 10.81 29.36
CA LEU A 347 1.70 11.79 29.24
C LEU A 347 1.46 12.64 28.00
N THR A 348 1.24 13.93 28.20
CA THR A 348 0.99 14.87 27.12
C THR A 348 2.24 15.69 26.84
N GLY A 349 2.48 15.99 25.57
CA GLY A 349 3.58 16.86 25.18
C GLY A 349 3.30 18.29 25.60
N THR A 350 4.33 19.14 25.55
CA THR A 350 4.18 20.56 25.91
C THR A 350 4.47 21.52 24.75
N GLN A 351 5.32 21.11 23.81
CA GLN A 351 5.65 21.95 22.66
C GLN A 351 4.64 21.78 21.52
N LEU A 352 4.16 22.90 20.97
CA LEU A 352 3.23 22.87 19.84
C LEU A 352 3.90 22.20 18.64
N TYR A 353 3.15 21.35 17.95
CA TYR A 353 3.66 20.56 16.81
C TYR A 353 4.88 19.71 17.16
N GLY A 354 5.07 19.41 18.44
CA GLY A 354 6.26 18.69 18.90
C GLY A 354 6.25 17.21 18.54
N ARG A 355 5.06 16.67 18.31
CA ARG A 355 4.88 15.25 18.01
C ARG A 355 5.44 14.35 19.11
N PHE A 356 5.21 14.76 20.35
CA PHE A 356 5.49 13.95 21.52
C PHE A 356 4.85 12.58 21.29
N GLY A 357 5.58 11.52 21.59
CA GLY A 357 5.08 10.16 21.37
C GLY A 357 5.20 9.68 19.93
N SER A 358 6.04 10.36 19.14
CA SER A 358 6.36 9.89 17.80
C SER A 358 7.25 8.64 17.89
N ALA A 359 8.01 8.52 18.97
CA ALA A 359 8.78 7.31 19.29
C ALA A 359 8.66 6.98 20.78
N ILE A 360 8.65 5.70 21.12
CA ILE A 360 8.69 5.25 22.52
C ILE A 360 9.66 4.09 22.63
N ALA A 361 10.75 4.28 23.36
CA ALA A 361 11.81 3.26 23.46
C ALA A 361 12.00 2.74 24.88
N PRO A 362 11.79 1.42 25.11
CA PRO A 362 12.17 0.83 26.38
C PRO A 362 13.69 0.92 26.60
N LEU A 363 14.10 1.39 27.77
CA LEU A 363 15.52 1.63 28.04
C LEU A 363 16.13 0.51 28.88
N GLY A 364 15.31 -0.44 29.31
CA GLY A 364 15.73 -1.39 30.34
C GLY A 364 15.73 -0.67 31.66
N ASP A 365 16.60 -1.06 32.58
CA ASP A 365 16.72 -0.38 33.88
C ASP A 365 17.90 0.58 33.84
N LEU A 366 17.63 1.80 33.39
CA LEU A 366 18.68 2.80 33.16
C LEU A 366 19.50 3.12 34.40
N ASP A 367 18.82 3.26 35.54
CA ASP A 367 19.50 3.58 36.80
C ASP A 367 19.68 2.37 37.73
N ARG A 368 19.37 1.17 37.22
CA ARG A 368 19.54 -0.08 37.96
C ARG A 368 18.87 -0.06 39.35
N ASP A 369 17.64 0.43 39.41
CA ASP A 369 16.89 0.53 40.68
C ASP A 369 15.85 -0.57 40.85
N GLY A 370 15.67 -1.40 39.82
CA GLY A 370 14.66 -2.47 39.85
C GLY A 370 13.56 -2.27 38.83
N TYR A 371 13.15 -1.02 38.62
CA TYR A 371 12.07 -0.69 37.68
C TYR A 371 12.62 -0.33 36.31
N ASN A 372 12.02 -0.89 35.25
CA ASN A 372 12.38 -0.51 33.89
C ASN A 372 11.97 0.92 33.56
N ASP A 373 12.71 1.53 32.65
CA ASP A 373 12.52 2.92 32.28
C ASP A 373 12.27 2.97 30.77
N ILE A 374 11.79 4.12 30.29
CA ILE A 374 11.53 4.31 28.88
C ILE A 374 11.98 5.70 28.41
N ALA A 375 12.07 5.87 27.09
CA ALA A 375 12.27 7.18 26.48
C ALA A 375 11.13 7.47 25.51
N VAL A 376 10.66 8.72 25.50
CA VAL A 376 9.60 9.16 24.58
C VAL A 376 10.13 10.30 23.72
N ALA A 377 9.95 10.19 22.41
CA ALA A 377 10.49 11.17 21.48
C ALA A 377 9.48 12.26 21.15
N ALA A 378 9.96 13.51 21.17
CA ALA A 378 9.24 14.68 20.65
C ALA A 378 10.12 15.34 19.57
N PRO A 379 10.11 14.76 18.34
CA PRO A 379 11.07 15.10 17.27
C PRO A 379 11.14 16.57 16.87
N TYR A 380 10.10 17.34 17.14
CA TYR A 380 10.11 18.79 16.89
C TYR A 380 9.76 19.54 18.19
N GLY A 381 10.14 18.94 19.32
CA GLY A 381 9.90 19.51 20.64
C GLY A 381 11.03 20.43 21.07
N GLY A 382 10.94 20.91 22.30
CA GLY A 382 11.90 21.88 22.82
C GLY A 382 11.49 23.28 22.37
N PRO A 383 11.81 24.32 23.18
CA PRO A 383 11.41 25.70 22.85
C PRO A 383 11.76 26.17 21.42
N SER A 384 12.87 25.66 20.86
CA SER A 384 13.28 26.03 19.50
C SER A 384 12.71 25.11 18.43
N GLY A 385 12.23 23.93 18.83
CA GLY A 385 11.62 22.97 17.89
C GLY A 385 12.62 22.08 17.18
N ARG A 386 13.87 22.08 17.62
CA ARG A 386 14.90 21.25 17.00
C ARG A 386 14.80 19.77 17.38
N GLY A 387 14.00 19.46 18.39
CA GLY A 387 13.76 18.09 18.79
C GLY A 387 14.11 17.85 20.24
N GLN A 388 13.57 16.78 20.80
CA GLN A 388 13.74 16.47 22.20
C GLN A 388 13.41 15.01 22.48
N VAL A 389 14.17 14.38 23.38
CA VAL A 389 13.86 13.03 23.84
C VAL A 389 13.83 13.06 25.37
N LEU A 390 12.68 12.69 25.93
CA LEU A 390 12.47 12.75 27.37
C LEU A 390 12.57 11.36 27.98
N VAL A 391 13.33 11.25 29.09
CA VAL A 391 13.47 9.98 29.82
C VAL A 391 12.43 9.92 30.93
N PHE A 392 11.88 8.72 31.15
CA PHE A 392 10.92 8.49 32.22
C PHE A 392 11.30 7.24 33.01
N LEU A 393 11.65 7.40 34.29
CA LEU A 393 11.97 6.26 35.14
C LEU A 393 10.70 5.59 35.65
N GLY A 394 10.73 4.27 35.73
CA GLY A 394 9.59 3.49 36.22
C GLY A 394 9.54 3.41 37.72
N GLN A 395 8.40 2.96 38.23
CA GLN A 395 8.15 2.91 39.66
C GLN A 395 6.91 2.06 39.98
N SER A 396 6.76 1.67 41.25
CA SER A 396 5.69 0.76 41.68
C SER A 396 4.31 1.16 41.17
N GLU A 397 4.07 2.48 41.12
CA GLU A 397 2.76 3.01 40.74
C GLU A 397 2.59 3.13 39.23
N GLY A 398 3.66 2.87 38.48
CA GLY A 398 3.64 2.87 37.01
C GLY A 398 4.81 3.66 36.42
N LEU A 399 4.53 4.89 36.04
CA LEU A 399 5.55 5.82 35.56
C LEU A 399 5.37 7.20 36.22
N ARG A 400 6.35 8.07 36.00
CA ARG A 400 6.33 9.43 36.51
C ARG A 400 5.74 10.39 35.48
N SER A 401 4.95 11.36 35.94
CA SER A 401 4.49 12.46 35.09
C SER A 401 5.65 13.37 34.68
N ARG A 402 6.47 13.70 35.67
CA ARG A 402 7.66 14.54 35.49
CA ARG A 402 7.64 14.55 35.46
C ARG A 402 8.79 13.70 34.90
N PRO A 403 9.37 14.12 33.75
CA PRO A 403 10.49 13.34 33.24
C PRO A 403 11.73 13.47 34.12
N SER A 404 12.55 12.42 34.16
CA SER A 404 13.75 12.41 34.97
C SER A 404 14.89 13.17 34.30
N GLN A 405 14.85 13.22 32.97
CA GLN A 405 15.90 13.84 32.19
C GLN A 405 15.39 14.17 30.79
N VAL A 406 15.79 15.34 30.29
CA VAL A 406 15.42 15.76 28.95
C VAL A 406 16.69 15.94 28.12
N LEU A 407 16.66 15.40 26.91
CA LEU A 407 17.79 15.50 25.99
C LEU A 407 17.38 16.39 24.82
N ASP A 408 18.15 17.44 24.55
CA ASP A 408 17.86 18.37 23.45
C ASP A 408 18.67 18.01 22.21
N SER A 409 18.04 18.16 21.04
CA SER A 409 18.69 17.92 19.75
C SER A 409 19.96 18.76 19.63
N PRO A 410 21.12 18.09 19.44
CA PRO A 410 22.35 18.82 19.14
C PRO A 410 22.46 19.16 17.65
N PHE A 411 21.51 18.67 16.85
CA PHE A 411 21.51 18.91 15.40
C PHE A 411 20.62 20.12 15.06
N PRO A 412 20.80 20.71 13.86
CA PRO A 412 20.00 21.86 13.46
C PRO A 412 18.51 21.55 13.23
N THR A 413 17.71 22.60 13.11
CA THR A 413 16.29 22.46 12.79
C THR A 413 16.08 21.51 11.63
N GLY A 414 15.08 20.64 11.76
CA GLY A 414 14.71 19.71 10.69
C GLY A 414 15.23 18.28 10.82
N SER A 415 16.20 18.06 11.70
CA SER A 415 16.84 16.75 11.87
C SER A 415 15.87 15.62 12.20
N ALA A 416 14.73 15.96 12.80
CA ALA A 416 13.78 14.94 13.27
C ALA A 416 14.41 14.14 14.40
N PHE A 417 15.31 14.77 15.12
CA PHE A 417 15.98 14.17 16.25
C PHE A 417 14.95 13.52 17.17
N GLY A 418 14.95 12.20 17.24
CA GLY A 418 14.00 11.45 18.05
C GLY A 418 13.11 10.51 17.25
N PHE A 419 12.95 10.79 15.97
CA PHE A 419 12.09 9.99 15.09
C PHE A 419 12.35 8.49 15.19
N SER A 420 13.58 8.11 15.54
CA SER A 420 13.91 6.73 15.87
C SER A 420 14.68 6.65 17.20
N LEU A 421 14.47 5.54 17.92
CA LEU A 421 15.11 5.32 19.22
C LEU A 421 15.29 3.83 19.45
N ARG A 422 16.36 3.47 20.15
CA ARG A 422 16.54 2.11 20.63
C ARG A 422 17.38 2.12 21.89
N GLY A 423 17.05 1.23 22.83
CA GLY A 423 17.77 1.12 24.09
C GLY A 423 17.80 -0.29 24.65
N ALA A 424 18.04 -0.40 25.96
CA ALA A 424 18.11 -1.67 26.66
C ALA A 424 19.28 -2.55 26.19
N VAL A 425 20.36 -1.91 25.74
CA VAL A 425 21.56 -2.61 25.30
C VAL A 425 22.79 -1.86 25.83
N ASP A 426 23.72 -2.60 26.44
CA ASP A 426 24.94 -2.02 26.97
C ASP A 426 26.02 -2.05 25.90
N ILE A 427 26.21 -0.92 25.21
CA ILE A 427 27.11 -0.87 24.06
C ILE A 427 28.58 -0.82 24.45
N ASP A 428 28.88 -0.13 25.56
CA ASP A 428 30.27 0.07 26.00
C ASP A 428 30.69 -0.88 27.12
N ASP A 429 29.76 -1.68 27.60
CA ASP A 429 30.03 -2.73 28.58
C ASP A 429 30.39 -2.17 29.97
N ASN A 430 29.73 -1.09 30.37
CA ASN A 430 29.93 -0.51 31.70
C ASN A 430 28.86 -0.96 32.71
N GLY A 431 28.00 -1.90 32.33
CA GLY A 431 26.98 -2.45 33.22
C GLY A 431 25.63 -1.75 33.16
N TYR A 432 25.59 -0.57 32.53
CA TYR A 432 24.35 0.19 32.41
C TYR A 432 23.95 0.19 30.94
N PRO A 433 22.62 0.12 30.65
CA PRO A 433 22.15 0.15 29.27
C PRO A 433 22.22 1.56 28.69
N ASP A 434 22.29 1.66 27.36
CA ASP A 434 22.47 2.94 26.68
C ASP A 434 21.28 3.26 25.77
N LEU A 435 21.39 4.35 25.01
CA LEU A 435 20.32 4.80 24.11
C LEU A 435 20.87 5.44 22.86
N ILE A 436 20.55 4.86 21.71
CA ILE A 436 20.88 5.47 20.42
C ILE A 436 19.64 6.19 19.88
N VAL A 437 19.83 7.46 19.49
CA VAL A 437 18.75 8.29 18.94
C VAL A 437 19.10 8.64 17.50
N GLY A 438 18.12 8.56 16.60
CA GLY A 438 18.35 8.88 15.19
C GLY A 438 17.87 10.28 14.84
N ALA A 439 18.50 10.87 13.84
CA ALA A 439 18.07 12.17 13.31
C ALA A 439 18.19 12.14 11.79
N TYR A 440 17.21 11.53 11.13
CA TYR A 440 17.30 11.25 9.70
C TYR A 440 17.44 12.52 8.88
N GLY A 441 16.82 13.61 9.33
CA GLY A 441 16.95 14.90 8.66
C GLY A 441 18.38 15.39 8.59
N ALA A 442 19.14 15.11 9.65
CA ALA A 442 20.55 15.49 9.72
C ALA A 442 21.48 14.41 9.18
N ASN A 443 20.93 13.24 8.86
CA ASN A 443 21.71 12.09 8.37
C ASN A 443 22.69 11.57 9.43
N GLN A 444 22.28 11.61 10.70
CA GLN A 444 23.17 11.23 11.80
C GLN A 444 22.44 10.46 12.89
N VAL A 445 23.23 9.79 13.73
CA VAL A 445 22.73 9.06 14.90
C VAL A 445 23.57 9.41 16.13
N ALA A 446 22.93 9.95 17.16
CA ALA A 446 23.60 10.25 18.43
C ALA A 446 23.51 9.05 19.38
N VAL A 447 24.61 8.75 20.08
CA VAL A 447 24.63 7.69 21.09
C VAL A 447 24.88 8.29 22.47
N TYR A 448 23.94 8.05 23.38
CA TYR A 448 24.07 8.52 24.76
C TYR A 448 24.41 7.34 25.67
N ARG A 449 25.31 7.56 26.63
CA ARG A 449 25.79 6.49 27.53
C ARG A 449 25.31 6.69 28.96
N ALA A 450 24.91 5.59 29.61
CA ALA A 450 24.50 5.60 31.01
C ALA A 450 25.73 5.51 31.91
N GLN A 451 25.70 6.28 32.99
CA GLN A 451 26.85 6.40 33.91
C GLN A 451 26.40 6.23 35.36
N PRO A 452 27.25 5.61 36.21
CA PRO A 452 26.93 5.47 37.65
C PRO A 452 26.49 6.77 38.31
N GLY B 1 -20.71 95.54 35.66
CA GLY B 1 -21.21 96.85 35.16
C GLY B 1 -21.33 96.90 33.63
N PRO B 2 -20.25 97.30 32.93
CA PRO B 2 -20.28 97.43 31.46
C PRO B 2 -19.92 96.14 30.71
N ASN B 3 -20.30 96.08 29.43
CA ASN B 3 -20.04 94.90 28.60
C ASN B 3 -18.77 95.02 27.75
N ILE B 4 -18.36 93.91 27.15
CA ILE B 4 -17.12 93.82 26.39
C ILE B 4 -17.16 94.61 25.07
N CYS B 5 -18.36 94.78 24.50
CA CYS B 5 -18.52 95.48 23.23
C CYS B 5 -18.12 96.96 23.33
N THR B 6 -18.71 97.64 24.31
CA THR B 6 -18.44 99.06 24.53
C THR B 6 -16.98 99.32 24.94
N THR B 7 -16.46 98.47 25.81
CA THR B 7 -15.17 98.73 26.49
C THR B 7 -13.94 98.18 25.76
N ARG B 8 -13.92 98.27 24.43
CA ARG B 8 -12.77 97.79 23.65
C ARG B 8 -12.58 98.57 22.34
N GLY B 9 -12.11 99.81 22.46
CA GLY B 9 -11.78 100.66 21.30
C GLY B 9 -12.95 100.94 20.37
N VAL B 10 -13.33 99.93 19.59
CA VAL B 10 -14.45 99.99 18.65
C VAL B 10 -14.51 101.31 17.86
N SER B 11 -13.51 101.49 17.01
CA SER B 11 -13.49 102.59 16.05
C SER B 11 -14.44 102.33 14.87
N SER B 12 -14.60 101.05 14.51
CA SER B 12 -15.40 100.67 13.34
C SER B 12 -16.40 99.55 13.63
N CYS B 13 -17.33 99.40 12.70
CA CYS B 13 -18.28 98.29 12.71
C CYS B 13 -17.58 96.95 12.63
N GLN B 14 -16.45 96.90 11.92
CA GLN B 14 -15.70 95.66 11.73
C GLN B 14 -14.98 95.21 13.00
N GLN B 15 -14.42 96.17 13.73
CA GLN B 15 -13.76 95.88 15.01
C GLN B 15 -14.80 95.45 16.05
N CYS B 16 -16.03 95.94 15.89
CA CYS B 16 -17.15 95.61 16.77
C CYS B 16 -17.53 94.14 16.65
N LEU B 17 -17.67 93.66 15.40
CA LEU B 17 -17.93 92.24 15.13
C LEU B 17 -16.74 91.36 15.52
N ALA B 18 -15.54 91.94 15.49
CA ALA B 18 -14.31 91.24 15.83
C ALA B 18 -14.19 90.90 17.31
N VAL B 19 -14.95 91.60 18.17
CA VAL B 19 -14.85 91.39 19.62
C VAL B 19 -15.52 90.10 20.07
N SER B 20 -16.84 90.01 19.86
CA SER B 20 -17.62 88.87 20.32
C SER B 20 -18.89 88.69 19.48
N PRO B 21 -19.37 87.44 19.33
CA PRO B 21 -20.60 87.18 18.57
C PRO B 21 -21.86 87.95 19.02
N MET B 22 -21.90 88.41 20.27
CA MET B 22 -23.09 89.07 20.81
C MET B 22 -23.12 90.59 20.60
N CYS B 23 -22.10 91.14 19.96
CA CYS B 23 -22.02 92.58 19.73
C CYS B 23 -22.81 93.01 18.50
N ALA B 24 -23.45 94.17 18.59
CA ALA B 24 -24.16 94.79 17.48
C ALA B 24 -23.69 96.23 17.31
N TRP B 25 -23.87 96.77 16.11
CA TRP B 25 -23.44 98.13 15.78
C TRP B 25 -24.64 98.97 15.32
N CYS B 26 -24.66 100.24 15.72
CA CYS B 26 -25.76 101.15 15.42
C CYS B 26 -25.32 102.12 14.33
N SER B 27 -25.89 101.95 13.13
CA SER B 27 -25.54 102.81 12.00
C SER B 27 -26.28 104.15 12.08
N ASP B 28 -27.41 104.17 12.78
CA ASP B 28 -28.29 105.34 12.85
C ASP B 28 -27.55 106.61 13.27
N GLU B 29 -27.65 107.66 12.44
CA GLU B 29 -27.04 108.95 12.74
C GLU B 29 -27.89 109.75 13.73
N ALA B 30 -29.19 109.44 13.81
CA ALA B 30 -30.08 110.09 14.77
C ALA B 30 -29.72 109.79 16.24
N LEU B 31 -28.90 108.75 16.45
CA LEU B 31 -28.41 108.41 17.79
C LEU B 31 -27.55 109.54 18.37
N PRO B 32 -27.73 109.86 19.67
CA PRO B 32 -26.89 110.90 20.27
C PRO B 32 -25.44 110.45 20.42
N LEU B 33 -24.51 111.40 20.33
CA LEU B 33 -23.07 111.09 20.38
C LEU B 33 -22.62 110.53 21.73
N GLY B 34 -23.41 110.81 22.79
CA GLY B 34 -23.17 110.23 24.10
C GLY B 34 -23.32 108.70 24.17
N SER B 35 -24.14 108.15 23.28
CA SER B 35 -24.36 106.70 23.22
C SER B 35 -23.22 106.00 22.48
N PRO B 36 -22.88 104.76 22.92
CA PRO B 36 -21.90 103.95 22.21
C PRO B 36 -22.55 103.18 21.07
N ARG B 37 -21.87 103.11 19.93
CA ARG B 37 -22.41 102.41 18.76
C ARG B 37 -22.23 100.90 18.84
N CYS B 38 -21.10 100.47 19.41
CA CYS B 38 -20.81 99.03 19.56
C CYS B 38 -21.25 98.51 20.94
N ASP B 39 -22.35 97.76 20.95
CA ASP B 39 -22.97 97.32 22.20
C ASP B 39 -23.77 96.03 21.98
N LEU B 40 -24.42 95.53 23.05
CA LEU B 40 -25.39 94.46 22.93
C LEU B 40 -26.62 94.97 22.19
N LYS B 41 -27.33 94.08 21.50
CA LYS B 41 -28.52 94.47 20.74
C LYS B 41 -29.68 94.89 21.63
N GLU B 42 -29.68 94.40 22.88
CA GLU B 42 -30.64 94.85 23.89
C GLU B 42 -30.42 96.34 24.17
N ASN B 43 -29.17 96.71 24.40
CA ASN B 43 -28.79 98.08 24.73
C ASN B 43 -29.04 99.09 23.61
N LEU B 44 -28.78 98.70 22.37
CA LEU B 44 -29.00 99.57 21.22
C LEU B 44 -30.48 99.94 21.08
N LEU B 45 -31.34 98.92 21.02
CA LEU B 45 -32.78 99.15 20.92
C LEU B 45 -33.31 99.94 22.12
N LYS B 46 -32.70 99.74 23.28
CA LYS B 46 -33.04 100.50 24.49
C LYS B 46 -32.64 101.98 24.38
N ASP B 47 -31.57 102.26 23.64
CA ASP B 47 -31.07 103.63 23.46
C ASP B 47 -31.55 104.27 22.16
N ASN B 48 -32.82 104.07 21.83
CA ASN B 48 -33.47 104.74 20.68
C ASN B 48 -32.84 104.50 19.31
N CYS B 49 -31.99 103.47 19.19
CA CYS B 49 -31.38 103.15 17.90
C CYS B 49 -32.41 102.41 17.05
N ALA B 50 -32.70 102.94 15.87
CA ALA B 50 -33.73 102.37 14.99
C ALA B 50 -33.38 100.94 14.59
N PRO B 51 -34.30 99.98 14.85
CA PRO B 51 -34.06 98.55 14.54
C PRO B 51 -33.59 98.27 13.11
N GLU B 52 -33.92 99.15 12.17
CA GLU B 52 -33.49 99.04 10.78
C GLU B 52 -31.98 99.30 10.61
N SER B 53 -31.43 100.11 11.52
CA SER B 53 -30.04 100.56 11.44
C SER B 53 -29.05 99.66 12.19
N ILE B 54 -29.56 98.67 12.92
CA ILE B 54 -28.72 97.77 13.70
C ILE B 54 -28.06 96.71 12.83
N GLU B 55 -26.74 96.57 12.97
CA GLU B 55 -25.98 95.52 12.28
C GLU B 55 -25.66 94.41 13.28
N PHE B 56 -26.23 93.23 13.04
CA PHE B 56 -26.06 92.09 13.96
C PHE B 56 -26.17 90.77 13.19
N PRO B 57 -25.10 90.38 12.46
CA PRO B 57 -25.13 89.17 11.66
C PRO B 57 -25.23 87.90 12.50
N VAL B 58 -26.05 86.95 12.07
CA VAL B 58 -26.19 85.68 12.76
C VAL B 58 -25.73 84.54 11.85
N SER B 59 -24.93 83.63 12.40
CA SER B 59 -24.40 82.49 11.65
C SER B 59 -25.49 81.47 11.34
N GLU B 60 -25.38 80.83 10.17
CA GLU B 60 -26.38 79.86 9.71
C GLU B 60 -25.79 78.73 8.87
N ALA B 61 -26.48 77.59 8.87
CA ALA B 61 -26.20 76.50 7.93
C ALA B 61 -27.17 76.59 6.75
N ARG B 62 -26.95 75.77 5.72
CA ARG B 62 -27.85 75.72 4.56
C ARG B 62 -27.74 74.41 3.78
N VAL B 63 -28.79 73.59 3.86
CA VAL B 63 -28.87 72.36 3.08
C VAL B 63 -28.91 72.65 1.57
N LEU B 64 -27.74 72.58 0.92
CA LEU B 64 -27.62 72.84 -0.52
C LEU B 64 -27.94 71.59 -1.34
N GLU B 65 -27.29 70.48 -1.01
CA GLU B 65 -27.59 69.16 -1.58
C GLU B 65 -28.16 68.26 -0.49
N ASP B 66 -29.40 67.84 -0.66
CA ASP B 66 -30.13 67.13 0.38
C ASP B 66 -30.97 65.99 -0.22
N ARG B 67 -30.30 65.12 -0.97
CA ARG B 67 -30.96 63.95 -1.54
C ARG B 67 -31.19 62.90 -0.45
N PRO B 68 -32.33 62.20 -0.50
CA PRO B 68 -32.66 61.25 0.56
C PRO B 68 -31.77 60.01 0.53
N LEU B 69 -31.76 59.27 1.65
CA LEU B 69 -30.98 58.04 1.77
C LEU B 69 -31.65 56.92 0.98
N SER B 70 -30.85 55.99 0.47
CA SER B 70 -31.33 54.93 -0.43
C SER B 70 -32.04 53.79 0.32
N ASP B 71 -32.78 52.97 -0.43
CA ASP B 71 -33.48 51.80 0.10
C ASP B 71 -33.21 50.59 -0.82
N LYS B 72 -33.95 49.50 -0.62
CA LYS B 72 -33.95 48.37 -1.55
C LYS B 72 -35.33 47.72 -1.60
N SER B 77 -28.37 49.76 -6.42
CA SER B 77 -27.29 49.79 -7.39
C SER B 77 -27.59 50.72 -8.58
N SER B 78 -27.52 52.03 -8.31
CA SER B 78 -27.65 53.06 -9.35
C SER B 78 -26.87 54.30 -8.94
N GLN B 79 -27.35 54.97 -7.89
CA GLN B 79 -26.67 56.14 -7.34
C GLN B 79 -26.11 55.83 -5.96
N VAL B 80 -26.95 55.27 -5.10
CA VAL B 80 -26.58 54.90 -3.73
C VAL B 80 -26.20 56.13 -2.87
N THR B 81 -27.19 56.66 -2.16
CA THR B 81 -26.99 57.74 -1.20
C THR B 81 -26.97 57.16 0.21
N GLN B 82 -25.82 57.27 0.88
CA GLN B 82 -25.62 56.74 2.22
C GLN B 82 -25.38 57.83 3.27
N VAL B 83 -24.72 58.90 2.87
CA VAL B 83 -24.61 60.12 3.69
C VAL B 83 -25.66 61.12 3.19
N SER B 84 -26.21 61.90 4.11
CA SER B 84 -27.21 62.92 3.79
C SER B 84 -27.35 63.90 4.94
N PRO B 85 -27.31 65.21 4.66
CA PRO B 85 -27.14 65.85 3.35
C PRO B 85 -25.72 65.72 2.81
N GLN B 86 -25.54 66.02 1.52
CA GLN B 86 -24.24 65.89 0.87
C GLN B 86 -23.47 67.21 0.88
N ARG B 87 -24.18 68.34 0.83
CA ARG B 87 -23.55 69.66 0.80
C ARG B 87 -24.28 70.66 1.70
N ILE B 88 -23.58 71.18 2.70
CA ILE B 88 -24.08 72.25 3.56
C ILE B 88 -23.22 73.50 3.38
N ALA B 89 -23.85 74.67 3.40
CA ALA B 89 -23.14 75.93 3.39
C ALA B 89 -23.20 76.55 4.79
N LEU B 90 -22.06 76.55 5.49
CA LEU B 90 -21.92 77.28 6.75
C LEU B 90 -21.44 78.70 6.49
N ARG B 91 -22.02 79.66 7.20
CA ARG B 91 -21.56 81.04 7.15
C ARG B 91 -21.37 81.54 8.59
N LEU B 92 -20.13 81.82 8.98
CA LEU B 92 -19.81 82.15 10.35
C LEU B 92 -19.28 83.57 10.50
N ARG B 93 -19.36 84.08 11.72
CA ARG B 93 -18.80 85.39 12.08
C ARG B 93 -17.70 85.18 13.15
N PRO B 94 -16.84 86.19 13.37
CA PRO B 94 -15.65 86.03 14.20
C PRO B 94 -15.90 85.30 15.53
N ASP B 95 -15.08 84.31 15.83
CA ASP B 95 -15.19 83.47 17.04
C ASP B 95 -16.44 82.58 17.11
N ASP B 96 -17.50 82.92 16.37
CA ASP B 96 -18.79 82.23 16.48
C ASP B 96 -18.72 80.80 15.94
N SER B 97 -19.64 79.95 16.40
CA SER B 97 -19.75 78.58 15.91
C SER B 97 -21.18 78.32 15.40
N LYS B 98 -21.36 77.16 14.79
CA LYS B 98 -22.68 76.75 14.27
C LYS B 98 -22.77 75.22 14.20
N ASN B 99 -23.95 74.68 14.48
CA ASN B 99 -24.18 73.25 14.44
C ASN B 99 -25.10 72.83 13.30
N PHE B 100 -25.03 71.56 12.95
CA PHE B 100 -25.78 71.00 11.83
C PHE B 100 -25.85 69.48 11.93
N SER B 101 -26.73 68.88 11.14
CA SER B 101 -26.99 67.45 11.22
C SER B 101 -26.27 66.66 10.14
N ILE B 102 -26.26 65.35 10.32
CA ILE B 102 -25.73 64.41 9.33
C ILE B 102 -26.30 63.04 9.65
N GLN B 103 -26.68 62.30 8.62
CA GLN B 103 -27.20 60.95 8.77
C GLN B 103 -26.43 60.01 7.86
N VAL B 104 -25.84 58.96 8.45
CA VAL B 104 -25.20 57.90 7.67
C VAL B 104 -26.10 56.68 7.69
N ARG B 105 -26.09 55.91 6.60
CA ARG B 105 -26.86 54.67 6.50
C ARG B 105 -26.11 53.63 5.70
N GLN B 106 -26.09 52.40 6.19
CA GLN B 106 -25.44 51.28 5.50
C GLN B 106 -26.38 50.74 4.42
N VAL B 107 -26.20 51.21 3.18
CA VAL B 107 -27.02 50.78 2.04
C VAL B 107 -26.32 49.70 1.23
N GLU B 108 -25.04 49.91 0.94
CA GLU B 108 -24.27 48.99 0.11
C GLU B 108 -24.17 47.60 0.74
N ASP B 109 -24.11 46.58 -0.12
CA ASP B 109 -24.01 45.20 0.32
C ASP B 109 -22.61 44.93 0.86
N TYR B 110 -22.51 43.96 1.76
CA TYR B 110 -21.24 43.63 2.41
C TYR B 110 -20.37 42.78 1.48
N PRO B 111 -19.04 43.02 1.50
CA PRO B 111 -18.11 42.26 0.68
C PRO B 111 -17.90 40.82 1.18
N VAL B 112 -18.12 39.84 0.31
CA VAL B 112 -17.94 38.41 0.64
C VAL B 112 -17.15 37.66 -0.43
N ASP B 113 -16.09 36.98 -0.02
CA ASP B 113 -15.31 36.10 -0.89
C ASP B 113 -15.78 34.66 -0.66
N ILE B 114 -15.96 33.90 -1.75
CA ILE B 114 -16.24 32.47 -1.66
C ILE B 114 -15.34 31.68 -2.61
N TYR B 115 -14.34 31.00 -2.05
CA TYR B 115 -13.50 30.09 -2.83
C TYR B 115 -14.05 28.68 -2.71
N TYR B 116 -13.99 27.95 -3.82
CA TYR B 116 -14.71 26.69 -3.97
C TYR B 116 -13.74 25.56 -4.36
N LEU B 117 -13.53 24.62 -3.45
CA LEU B 117 -12.67 23.47 -3.74
C LEU B 117 -13.51 22.31 -4.26
N MET B 118 -13.18 21.86 -5.47
CA MET B 118 -13.88 20.73 -6.09
C MET B 118 -13.04 19.45 -6.03
N ASP B 119 -13.57 18.44 -5.34
CA ASP B 119 -13.03 17.08 -5.42
C ASP B 119 -13.38 16.56 -6.82
N LEU B 120 -12.39 16.44 -7.70
CA LEU B 120 -12.61 15.84 -9.02
C LEU B 120 -11.96 14.46 -9.15
N SER B 121 -12.02 13.68 -8.07
CA SER B 121 -11.63 12.27 -8.12
C SER B 121 -12.75 11.46 -8.77
N TYR B 122 -12.43 10.25 -9.23
CA TYR B 122 -13.39 9.47 -10.01
C TYR B 122 -14.66 9.09 -9.24
N SER B 123 -14.55 9.02 -7.92
CA SER B 123 -15.70 8.73 -7.06
C SER B 123 -16.74 9.85 -7.17
N MET B 124 -16.28 11.05 -7.49
CA MET B 124 -17.17 12.18 -7.68
C MET B 124 -17.84 12.19 -9.06
N LYS B 125 -17.60 11.17 -9.88
CA LYS B 125 -18.21 11.12 -11.22
C LYS B 125 -19.72 11.29 -11.10
N ASP B 126 -20.35 10.44 -10.28
CA ASP B 126 -21.80 10.49 -10.07
C ASP B 126 -22.25 11.71 -9.26
N ASP B 127 -21.32 12.29 -8.50
CA ASP B 127 -21.58 13.51 -7.72
C ASP B 127 -21.20 14.79 -8.49
N LEU B 128 -20.75 14.66 -9.73
CA LEU B 128 -20.23 15.81 -10.50
C LEU B 128 -21.30 16.86 -10.73
N TRP B 129 -22.46 16.43 -11.24
CA TRP B 129 -23.56 17.35 -11.45
C TRP B 129 -23.89 18.15 -10.19
N SER B 130 -23.81 17.49 -9.03
CA SER B 130 -24.15 18.12 -7.76
C SER B 130 -23.20 19.26 -7.39
N ILE B 131 -21.89 19.04 -7.56
CA ILE B 131 -20.92 20.10 -7.22
C ILE B 131 -20.95 21.25 -8.24
N GLN B 132 -21.23 20.93 -9.51
CA GLN B 132 -21.42 21.97 -10.53
C GLN B 132 -22.67 22.80 -10.20
N ASN B 133 -23.76 22.11 -9.86
CA ASN B 133 -25.01 22.74 -9.44
C ASN B 133 -24.83 23.57 -8.17
N LEU B 134 -24.15 23.02 -7.17
CA LEU B 134 -23.91 23.76 -5.93
C LEU B 134 -23.08 25.01 -6.20
N GLY B 135 -22.02 24.86 -6.98
CA GLY B 135 -21.15 25.99 -7.33
C GLY B 135 -21.91 27.09 -8.05
N THR B 136 -22.64 26.73 -9.09
CA THR B 136 -23.38 27.70 -9.89
C THR B 136 -24.58 28.32 -9.16
N LYS B 137 -25.09 27.64 -8.14
CA LYS B 137 -26.14 28.19 -7.27
C LYS B 137 -25.53 29.12 -6.23
N LEU B 138 -24.41 28.73 -5.63
CA LEU B 138 -23.65 29.60 -4.73
C LEU B 138 -23.34 30.91 -5.43
N ALA B 139 -22.79 30.84 -6.63
CA ALA B 139 -22.46 32.03 -7.39
C ALA B 139 -23.69 32.89 -7.62
N THR B 140 -24.77 32.28 -8.09
CA THR B 140 -25.98 33.02 -8.51
C THR B 140 -26.75 33.62 -7.35
N GLN B 141 -27.07 32.81 -6.34
CA GLN B 141 -27.90 33.26 -5.22
C GLN B 141 -27.18 34.28 -4.34
N MET B 142 -25.87 34.08 -4.13
CA MET B 142 -25.09 35.03 -3.34
C MET B 142 -24.96 36.38 -4.04
N ARG B 143 -24.92 36.36 -5.37
CA ARG B 143 -24.89 37.60 -6.14
C ARG B 143 -26.17 38.39 -5.89
N LYS B 144 -27.32 37.70 -5.87
CA LYS B 144 -28.59 38.33 -5.50
C LYS B 144 -28.55 38.89 -4.07
N LEU B 145 -27.90 38.17 -3.16
CA LEU B 145 -27.81 38.58 -1.75
C LEU B 145 -26.83 39.75 -1.53
N THR B 146 -25.74 39.76 -2.28
CA THR B 146 -24.72 40.81 -2.16
C THR B 146 -24.06 41.11 -3.50
N SER B 147 -24.17 42.36 -3.94
CA SER B 147 -23.55 42.79 -5.20
C SER B 147 -22.04 42.87 -5.09
N ASN B 148 -21.52 42.96 -3.87
CA ASN B 148 -20.08 42.98 -3.63
C ASN B 148 -19.52 41.60 -3.32
N LEU B 149 -20.02 40.58 -4.03
CA LEU B 149 -19.50 39.23 -3.93
C LEU B 149 -18.26 39.09 -4.80
N ARG B 150 -17.34 38.24 -4.39
CA ARG B 150 -16.34 37.70 -5.29
C ARG B 150 -16.23 36.20 -5.09
N ILE B 151 -16.08 35.49 -6.19
CA ILE B 151 -16.13 34.04 -6.17
C ILE B 151 -15.03 33.49 -7.07
N GLY B 152 -14.45 32.37 -6.63
CA GLY B 152 -13.42 31.66 -7.39
C GLY B 152 -13.43 30.18 -7.03
N PHE B 153 -12.63 29.39 -7.73
CA PHE B 153 -12.58 27.95 -7.42
C PHE B 153 -11.28 27.26 -7.82
N GLY B 154 -11.08 26.08 -7.24
CA GLY B 154 -9.97 25.20 -7.59
C GLY B 154 -10.41 23.76 -7.42
N ALA B 155 -9.62 22.83 -7.93
CA ALA B 155 -9.95 21.41 -7.86
C ALA B 155 -8.79 20.63 -7.27
N PHE B 156 -9.08 19.47 -6.71
CA PHE B 156 -8.05 18.60 -6.14
C PHE B 156 -8.40 17.13 -6.33
N VAL B 157 -7.38 16.27 -6.31
CA VAL B 157 -7.58 14.82 -6.30
C VAL B 157 -6.80 14.21 -5.12
N ASP B 158 -5.51 13.95 -5.33
CA ASP B 158 -4.65 13.42 -4.27
C ASP B 158 -3.19 13.54 -4.71
N LYS B 159 -2.27 13.27 -3.80
CA LYS B 159 -0.86 13.37 -4.11
C LYS B 159 -0.54 12.41 -5.24
N PRO B 160 -0.11 12.95 -6.40
CA PRO B 160 0.13 12.13 -7.60
C PRO B 160 1.41 11.30 -7.48
N VAL B 161 1.33 10.26 -6.66
CA VAL B 161 2.45 9.40 -6.34
C VAL B 161 1.92 8.01 -5.98
N SER B 162 2.65 6.96 -6.34
CA SER B 162 2.32 5.60 -5.90
C SER B 162 2.37 5.55 -4.37
N PRO B 163 1.43 4.82 -3.74
CA PRO B 163 0.36 3.99 -4.29
C PRO B 163 -0.95 4.72 -4.62
N TYR B 164 -1.05 6.01 -4.29
CA TYR B 164 -2.28 6.76 -4.56
C TYR B 164 -2.55 6.82 -6.06
N MET B 165 -1.49 7.07 -6.82
CA MET B 165 -1.58 7.21 -8.28
C MET B 165 -1.31 5.88 -8.97
N TYR B 166 -2.15 5.55 -9.95
CA TYR B 166 -1.87 4.41 -10.84
C TYR B 166 -0.65 4.77 -11.70
N ILE B 167 0.38 3.95 -11.63
CA ILE B 167 1.64 4.24 -12.30
C ILE B 167 1.96 3.23 -13.40
N SER B 168 0.97 2.44 -13.79
CA SER B 168 1.11 1.52 -14.92
C SER B 168 -0.24 1.13 -15.51
N PRO B 169 -0.25 0.77 -16.80
CA PRO B 169 0.86 0.84 -17.75
C PRO B 169 1.20 2.29 -18.09
N PRO B 170 2.27 2.52 -18.86
CA PRO B 170 2.75 3.90 -19.09
C PRO B 170 1.67 4.86 -19.54
N GLU B 171 0.72 4.34 -20.32
CA GLU B 171 -0.39 5.15 -20.84
C GLU B 171 -1.34 5.60 -19.73
N ALA B 172 -1.35 4.87 -18.63
CA ALA B 172 -2.21 5.19 -17.49
C ALA B 172 -1.85 6.49 -16.78
N LEU B 173 -0.68 7.05 -17.06
CA LEU B 173 -0.25 8.28 -16.41
C LEU B 173 -1.02 9.48 -16.96
N GLU B 174 -1.00 9.64 -18.27
CA GLU B 174 -1.80 10.66 -18.95
C GLU B 174 -3.29 10.35 -18.93
N ASN B 175 -3.65 9.09 -18.74
CA ASN B 175 -5.05 8.66 -18.68
C ASN B 175 -5.26 7.60 -17.59
N PRO B 176 -5.49 8.04 -16.35
CA PRO B 176 -5.81 7.13 -15.24
C PRO B 176 -7.00 6.19 -15.50
N CYS B 177 -7.89 6.56 -16.42
CA CYS B 177 -9.03 5.71 -16.77
C CYS B 177 -8.69 4.65 -17.84
N TYR B 178 -7.42 4.58 -18.23
CA TYR B 178 -6.99 3.74 -19.34
C TYR B 178 -7.45 2.29 -19.22
N ASP B 179 -7.33 1.71 -18.03
CA ASP B 179 -7.67 0.30 -17.84
C ASP B 179 -9.18 0.08 -17.71
N MET B 180 -9.97 1.10 -18.01
CA MET B 180 -11.42 0.96 -18.14
C MET B 180 -11.87 1.19 -19.58
N LYS B 181 -10.92 1.36 -20.49
CA LYS B 181 -11.19 1.71 -21.89
C LYS B 181 -12.04 2.98 -22.00
N THR B 182 -11.80 3.92 -21.09
CA THR B 182 -12.40 5.26 -21.15
C THR B 182 -11.30 6.28 -20.83
N THR B 183 -11.52 7.54 -21.20
CA THR B 183 -10.52 8.57 -20.97
C THR B 183 -10.96 9.56 -19.93
N CYS B 184 -10.00 10.00 -19.12
CA CYS B 184 -10.22 11.09 -18.19
C CYS B 184 -8.89 11.82 -18.01
N LEU B 185 -8.94 12.91 -17.26
CA LEU B 185 -7.78 13.77 -17.09
C LEU B 185 -6.70 13.09 -16.26
N PRO B 186 -5.45 13.53 -16.42
CA PRO B 186 -4.34 13.09 -15.58
C PRO B 186 -4.50 13.56 -14.14
N MET B 187 -3.99 12.78 -13.21
CA MET B 187 -4.13 13.07 -11.78
C MET B 187 -3.38 14.34 -11.38
N PHE B 188 -3.82 14.97 -10.28
CA PHE B 188 -3.13 16.15 -9.73
C PHE B 188 -3.41 16.30 -8.25
N GLY B 189 -2.51 17.01 -7.57
CA GLY B 189 -2.69 17.30 -6.14
C GLY B 189 -3.72 18.39 -5.93
N TYR B 190 -3.31 19.63 -6.18
CA TYR B 190 -4.20 20.78 -6.11
C TYR B 190 -3.95 21.72 -7.28
N LYS B 191 -5.03 22.08 -7.95
CA LYS B 191 -5.00 22.96 -9.11
C LYS B 191 -5.91 24.16 -8.82
N HIS B 192 -5.32 25.36 -8.77
CA HIS B 192 -6.08 26.62 -8.69
C HIS B 192 -6.56 26.93 -10.10
N VAL B 193 -7.86 27.19 -10.26
CA VAL B 193 -8.45 27.31 -11.57
C VAL B 193 -8.95 28.72 -11.88
N LEU B 194 -9.63 29.34 -10.92
CA LEU B 194 -10.17 30.68 -11.12
C LEU B 194 -10.02 31.55 -9.86
N THR B 195 -9.22 32.61 -9.97
CA THR B 195 -9.03 33.57 -8.87
C THR B 195 -10.35 34.27 -8.55
N LEU B 196 -10.53 34.64 -7.28
CA LEU B 196 -11.74 35.31 -6.82
C LEU B 196 -12.09 36.47 -7.75
N THR B 197 -13.15 36.28 -8.52
CA THR B 197 -13.61 37.28 -9.49
C THR B 197 -15.05 37.68 -9.21
N ASP B 198 -15.45 38.82 -9.77
CA ASP B 198 -16.85 39.27 -9.70
C ASP B 198 -17.63 38.87 -10.96
N GLN B 199 -17.00 38.08 -11.83
CA GLN B 199 -17.63 37.63 -13.09
C GLN B 199 -18.32 36.29 -12.91
N VAL B 200 -19.59 36.33 -12.54
CA VAL B 200 -20.37 35.12 -12.25
C VAL B 200 -20.66 34.30 -13.52
N THR B 201 -20.96 34.97 -14.62
CA THR B 201 -21.13 34.29 -15.92
C THR B 201 -19.93 33.40 -16.20
N ARG B 202 -18.74 33.96 -16.08
CA ARG B 202 -17.50 33.27 -16.36
C ARG B 202 -17.22 32.14 -15.37
N PHE B 203 -17.41 32.41 -14.08
CA PHE B 203 -17.23 31.40 -13.03
C PHE B 203 -18.10 30.17 -13.30
N ASN B 204 -19.38 30.40 -13.58
CA ASN B 204 -20.33 29.29 -13.81
C ASN B 204 -19.99 28.48 -15.05
N GLU B 205 -19.43 29.13 -16.07
CA GLU B 205 -18.99 28.45 -17.29
C GLU B 205 -17.81 27.53 -17.02
N GLU B 206 -16.81 28.04 -16.32
CA GLU B 206 -15.60 27.27 -16.01
C GLU B 206 -15.87 26.12 -15.05
N VAL B 207 -16.82 26.31 -14.14
CA VAL B 207 -17.21 25.26 -13.21
C VAL B 207 -17.87 24.12 -13.96
N LYS B 208 -18.71 24.45 -14.93
CA LYS B 208 -19.42 23.44 -15.71
C LYS B 208 -18.51 22.72 -16.69
N LYS B 209 -17.36 23.32 -17.00
CA LYS B 209 -16.36 22.68 -17.86
C LYS B 209 -15.62 21.53 -17.18
N GLN B 210 -15.54 21.56 -15.85
CA GLN B 210 -14.70 20.61 -15.10
C GLN B 210 -15.16 19.17 -15.29
N SER B 211 -14.18 18.26 -15.41
CA SER B 211 -14.43 16.82 -15.47
C SER B 211 -13.57 16.09 -14.44
N VAL B 212 -13.94 14.85 -14.14
CA VAL B 212 -13.24 14.08 -13.11
C VAL B 212 -11.95 13.44 -13.63
N SER B 213 -11.06 13.14 -12.69
CA SER B 213 -9.84 12.37 -12.92
C SER B 213 -10.02 11.03 -12.17
N ARG B 214 -8.93 10.39 -11.75
CA ARG B 214 -9.02 9.12 -11.03
C ARG B 214 -7.76 8.79 -10.22
N ASN B 215 -7.95 8.11 -9.09
CA ASN B 215 -6.84 7.62 -8.27
C ASN B 215 -7.25 6.36 -7.52
N ARG B 216 -6.32 5.75 -6.81
CA ARG B 216 -6.52 4.40 -6.29
C ARG B 216 -7.32 4.31 -4.99
N ASP B 217 -6.94 5.11 -4.00
CA ASP B 217 -7.53 5.00 -2.65
C ASP B 217 -8.62 6.04 -2.37
N ALA B 218 -9.62 5.61 -1.60
CA ALA B 218 -10.80 6.42 -1.33
C ALA B 218 -10.48 7.76 -0.67
N PRO B 219 -9.63 7.76 0.38
CA PRO B 219 -9.23 9.03 1.01
C PRO B 219 -8.45 9.91 0.04
N GLU B 220 -8.80 11.20 -0.01
CA GLU B 220 -8.21 12.13 -0.97
C GLU B 220 -7.37 13.20 -0.30
N GLY B 221 -6.65 13.97 -1.11
CA GLY B 221 -5.76 15.01 -0.61
C GLY B 221 -6.37 16.41 -0.56
N GLY B 222 -7.59 16.50 -0.07
CA GLY B 222 -8.30 17.78 -0.05
C GLY B 222 -7.70 18.75 0.95
N PHE B 223 -7.11 18.21 2.00
CA PHE B 223 -6.53 19.05 3.05
C PHE B 223 -5.30 19.81 2.57
N ASP B 224 -4.61 19.27 1.57
CA ASP B 224 -3.60 20.05 0.87
C ASP B 224 -4.25 21.28 0.24
N ALA B 225 -5.36 21.08 -0.45
CA ALA B 225 -6.07 22.17 -1.13
C ALA B 225 -6.54 23.25 -0.15
N ILE B 226 -7.05 22.84 0.99
CA ILE B 226 -7.49 23.78 2.01
C ILE B 226 -6.32 24.65 2.47
N MET B 227 -5.20 24.01 2.79
CA MET B 227 -4.02 24.68 3.32
C MET B 227 -3.43 25.68 2.32
N GLN B 228 -3.39 25.29 1.04
CA GLN B 228 -2.89 26.16 -0.01
C GLN B 228 -3.91 27.23 -0.37
N ALA B 229 -5.18 26.85 -0.40
CA ALA B 229 -6.25 27.82 -0.62
C ALA B 229 -6.31 28.88 0.49
N THR B 230 -5.75 28.57 1.66
CA THR B 230 -5.73 29.51 2.78
C THR B 230 -4.50 30.39 2.74
N VAL B 231 -3.32 29.77 2.64
CA VAL B 231 -2.06 30.48 2.79
C VAL B 231 -1.63 31.24 1.53
N CYS B 232 -2.08 30.80 0.36
CA CYS B 232 -1.74 31.46 -0.89
C CYS B 232 -2.60 32.68 -1.12
N ASP B 233 -2.24 33.79 -0.47
CA ASP B 233 -3.03 35.02 -0.47
C ASP B 233 -3.18 35.63 -1.87
N GLU B 234 -2.05 35.93 -2.50
CA GLU B 234 -2.06 36.62 -3.78
C GLU B 234 -2.71 35.77 -4.88
N LYS B 235 -2.39 34.48 -4.91
CA LYS B 235 -2.96 33.58 -5.94
C LYS B 235 -4.48 33.53 -5.89
N ILE B 236 -5.04 33.20 -4.72
CA ILE B 236 -6.50 33.11 -4.54
C ILE B 236 -7.16 34.49 -4.54
N GLY B 237 -6.45 35.49 -4.01
CA GLY B 237 -6.90 36.88 -4.08
C GLY B 237 -7.97 37.28 -3.08
N TRP B 238 -7.83 36.83 -1.83
CA TRP B 238 -8.73 37.27 -0.76
C TRP B 238 -8.55 38.75 -0.53
N ARG B 239 -9.64 39.44 -0.25
CA ARG B 239 -9.61 40.87 0.02
C ARG B 239 -9.47 41.11 1.52
N ASN B 240 -8.65 42.11 1.90
CA ASN B 240 -8.41 42.43 3.30
C ASN B 240 -9.72 42.76 4.00
N ASP B 241 -10.38 43.82 3.56
CA ASP B 241 -11.67 44.21 4.13
C ASP B 241 -12.80 43.47 3.42
N ALA B 242 -12.93 42.17 3.72
CA ALA B 242 -13.98 41.33 3.13
C ALA B 242 -14.15 40.01 3.89
N SER B 243 -15.35 39.44 3.80
CA SER B 243 -15.68 38.22 4.54
C SER B 243 -15.23 36.98 3.77
N HIS B 244 -14.48 36.09 4.42
CA HIS B 244 -13.82 34.97 3.73
C HIS B 244 -14.47 33.61 4.00
N LEU B 245 -14.94 32.97 2.93
CA LEU B 245 -15.58 31.66 3.02
C LEU B 245 -14.92 30.66 2.07
N LEU B 246 -14.48 29.53 2.63
CA LEU B 246 -13.83 28.47 1.85
C LEU B 246 -14.70 27.22 1.86
N VAL B 247 -15.31 26.92 0.71
CA VAL B 247 -16.27 25.81 0.61
C VAL B 247 -15.60 24.57 0.01
N PHE B 248 -15.66 23.47 0.76
CA PHE B 248 -14.94 22.24 0.46
C PHE B 248 -15.93 21.12 0.16
N THR B 249 -15.81 20.52 -1.02
CA THR B 249 -16.70 19.45 -1.47
C THR B 249 -15.96 18.12 -1.60
N THR B 250 -16.58 17.03 -1.16
CA THR B 250 -16.03 15.69 -1.34
C THR B 250 -17.06 14.62 -1.01
N ASP B 251 -16.87 13.41 -1.55
CA ASP B 251 -17.77 12.29 -1.25
C ASP B 251 -17.12 11.21 -0.40
N ALA B 252 -15.85 11.38 -0.06
CA ALA B 252 -15.09 10.37 0.68
C ALA B 252 -14.36 10.98 1.87
N LYS B 253 -13.75 10.12 2.67
CA LYS B 253 -12.88 10.56 3.76
C LYS B 253 -11.62 11.20 3.20
N THR B 254 -10.79 11.77 4.09
CA THR B 254 -9.62 12.55 3.66
C THR B 254 -8.34 12.10 4.34
N HIS B 255 -7.24 12.18 3.61
CA HIS B 255 -5.92 11.95 4.20
C HIS B 255 -5.60 13.04 5.21
N ILE B 256 -4.87 12.65 6.24
CA ILE B 256 -4.46 13.54 7.31
C ILE B 256 -2.95 13.38 7.55
N ALA B 257 -2.37 14.30 8.30
CA ALA B 257 -0.93 14.28 8.59
C ALA B 257 -0.47 12.91 9.13
N LEU B 258 0.67 12.45 8.61
CA LEU B 258 1.28 11.14 8.87
C LEU B 258 0.77 10.02 7.93
N ASP B 259 -0.23 10.31 7.10
CA ASP B 259 -0.65 9.37 6.05
C ASP B 259 0.38 9.31 4.93
N GLY B 260 1.09 10.41 4.71
CA GLY B 260 2.05 10.54 3.61
C GLY B 260 3.15 9.50 3.57
N ARG B 261 3.46 8.92 4.72
CA ARG B 261 4.51 7.92 4.83
C ARG B 261 4.26 6.69 3.95
N LEU B 262 2.99 6.41 3.63
CA LEU B 262 2.67 5.31 2.73
C LEU B 262 3.08 5.61 1.29
N ALA B 263 3.32 6.88 0.97
CA ALA B 263 3.91 7.28 -0.30
C ALA B 263 5.39 7.62 -0.12
N GLY B 264 5.92 7.27 1.06
CA GLY B 264 7.29 7.62 1.44
C GLY B 264 7.52 9.09 1.72
N ILE B 265 6.46 9.83 2.05
CA ILE B 265 6.56 11.26 2.33
C ILE B 265 6.54 11.51 3.84
N VAL B 266 7.65 12.01 4.38
CA VAL B 266 7.81 12.20 5.82
C VAL B 266 8.02 13.66 6.27
N GLN B 267 8.49 14.53 5.37
CA GLN B 267 8.64 15.97 5.68
C GLN B 267 7.30 16.59 6.11
N PRO B 268 7.23 17.13 7.33
CA PRO B 268 5.97 17.75 7.76
C PRO B 268 5.62 19.01 6.97
N ASN B 269 4.32 19.30 6.92
CA ASN B 269 3.78 20.43 6.19
C ASN B 269 4.17 21.76 6.84
N ASP B 270 4.86 22.60 6.07
CA ASP B 270 5.35 23.90 6.55
C ASP B 270 4.27 25.00 6.61
N GLY B 271 3.05 24.69 6.17
CA GLY B 271 1.93 25.62 6.19
C GLY B 271 2.16 26.86 5.34
N GLN B 272 2.95 26.70 4.29
CA GLN B 272 3.33 27.81 3.43
C GLN B 272 2.74 27.66 2.05
N CYS B 273 2.77 28.74 1.28
CA CYS B 273 2.25 28.72 -0.08
C CYS B 273 3.26 28.14 -1.04
N HIS B 274 2.90 27.04 -1.69
CA HIS B 274 3.73 26.46 -2.74
C HIS B 274 2.95 26.26 -4.04
N VAL B 275 2.07 27.22 -4.33
CA VAL B 275 1.36 27.26 -5.59
C VAL B 275 1.95 28.38 -6.43
N GLY B 276 2.90 28.03 -7.29
CA GLY B 276 3.63 29.01 -8.10
C GLY B 276 2.84 29.62 -9.25
N SER B 277 3.55 29.97 -10.31
CA SER B 277 2.95 30.64 -11.47
C SER B 277 2.10 29.71 -12.35
N ASP B 278 2.28 28.39 -12.22
CA ASP B 278 1.52 27.42 -13.03
C ASP B 278 0.28 26.86 -12.32
N ASN B 279 -0.05 27.41 -11.16
CA ASN B 279 -1.29 27.07 -10.43
C ASN B 279 -1.43 25.63 -9.93
N HIS B 280 -0.33 24.90 -9.84
N HIS B 280 -0.32 24.89 -9.84
CA HIS B 280 -0.32 23.56 -9.27
CA HIS B 280 -0.32 23.56 -9.27
C HIS B 280 0.40 23.61 -7.94
C HIS B 280 0.42 23.61 -7.93
N TYR B 281 -0.01 22.77 -6.99
CA TYR B 281 0.63 22.72 -5.68
C TYR B 281 1.92 21.92 -5.83
N SER B 282 3.04 22.64 -5.96
CA SER B 282 4.32 22.03 -6.30
C SER B 282 4.90 21.13 -5.22
N ALA B 283 4.47 21.32 -3.96
CA ALA B 283 4.95 20.50 -2.84
C ALA B 283 4.12 19.24 -2.59
N SER B 284 3.24 18.89 -3.52
CA SER B 284 2.30 17.76 -3.35
C SER B 284 3.00 16.42 -3.11
N THR B 285 4.04 16.14 -3.89
CA THR B 285 4.73 14.85 -3.82
C THR B 285 5.93 14.84 -2.87
N THR B 286 6.20 15.96 -2.21
CA THR B 286 7.40 16.08 -1.37
C THR B 286 7.11 16.42 0.10
N MET B 287 5.86 16.76 0.41
CA MET B 287 5.49 17.24 1.74
C MET B 287 4.25 16.49 2.23
N ASP B 288 4.21 16.19 3.53
CA ASP B 288 3.09 15.44 4.11
C ASP B 288 1.81 16.29 4.09
N TYR B 289 0.67 15.62 4.30
CA TYR B 289 -0.60 16.32 4.46
C TYR B 289 -0.55 17.16 5.74
N PRO B 290 -1.30 18.27 5.77
CA PRO B 290 -1.30 19.13 6.97
C PRO B 290 -2.09 18.53 8.11
N SER B 291 -1.71 18.82 9.34
CA SER B 291 -2.46 18.35 10.50
C SER B 291 -3.63 19.29 10.77
N LEU B 292 -4.62 18.81 11.51
CA LEU B 292 -5.78 19.63 11.87
C LEU B 292 -5.39 20.92 12.57
N GLY B 293 -4.39 20.84 13.45
CA GLY B 293 -3.91 22.00 14.19
C GLY B 293 -3.31 23.08 13.31
N LEU B 294 -2.52 22.66 12.33
CA LEU B 294 -1.89 23.61 11.41
C LEU B 294 -2.96 24.31 10.59
N MET B 295 -3.96 23.56 10.16
CA MET B 295 -5.09 24.14 9.41
C MET B 295 -5.84 25.16 10.27
N THR B 296 -6.18 24.75 11.49
CA THR B 296 -6.83 25.65 12.46
C THR B 296 -6.05 26.94 12.61
N GLU B 297 -4.72 26.82 12.66
CA GLU B 297 -3.85 27.97 12.84
C GLU B 297 -3.88 28.91 11.64
N LYS B 298 -3.76 28.35 10.44
CA LYS B 298 -3.69 29.19 9.23
C LYS B 298 -5.05 29.73 8.83
N LEU B 299 -6.11 28.92 9.00
CA LEU B 299 -7.47 29.41 8.78
C LEU B 299 -7.76 30.62 9.67
N SER B 300 -7.38 30.50 10.94
CA SER B 300 -7.54 31.58 11.91
C SER B 300 -6.70 32.79 11.54
N GLN B 301 -5.43 32.56 11.25
CA GLN B 301 -4.46 33.62 10.94
C GLN B 301 -4.91 34.44 9.73
N LYS B 302 -5.37 33.75 8.68
CA LYS B 302 -5.82 34.38 7.44
C LYS B 302 -7.29 34.78 7.49
N ASN B 303 -7.94 34.48 8.60
CA ASN B 303 -9.32 34.91 8.86
C ASN B 303 -10.30 34.37 7.80
N ILE B 304 -10.36 33.03 7.72
CA ILE B 304 -11.17 32.33 6.73
C ILE B 304 -12.04 31.27 7.43
N ASN B 305 -13.34 31.27 7.12
CA ASN B 305 -14.26 30.26 7.64
C ASN B 305 -14.32 29.05 6.70
N LEU B 306 -14.15 27.86 7.27
CA LEU B 306 -14.24 26.63 6.49
C LEU B 306 -15.66 26.07 6.55
N ILE B 307 -16.18 25.70 5.39
CA ILE B 307 -17.45 24.99 5.29
C ILE B 307 -17.22 23.67 4.56
N PHE B 308 -17.49 22.56 5.24
CA PHE B 308 -17.48 21.26 4.60
C PHE B 308 -18.84 21.02 3.96
N ALA B 309 -18.85 20.90 2.63
CA ALA B 309 -20.06 20.51 1.89
C ALA B 309 -19.84 19.10 1.39
N VAL B 310 -19.96 18.14 2.29
CA VAL B 310 -19.71 16.75 1.99
C VAL B 310 -21.02 15.98 1.76
N THR B 311 -20.97 14.89 1.00
CA THR B 311 -22.15 14.06 0.75
C THR B 311 -22.56 13.36 2.04
N GLU B 312 -23.81 12.90 2.09
CA GLU B 312 -24.38 12.35 3.33
C GLU B 312 -23.52 11.28 3.98
N ASN B 313 -22.97 10.36 3.17
CA ASN B 313 -22.23 9.22 3.71
C ASN B 313 -21.04 9.58 4.60
N VAL B 314 -20.54 10.81 4.49
CA VAL B 314 -19.42 11.27 5.33
C VAL B 314 -19.70 12.55 6.13
N VAL B 315 -20.97 12.97 6.23
CA VAL B 315 -21.32 14.14 7.06
C VAL B 315 -20.85 13.97 8.51
N ASN B 316 -21.09 12.80 9.09
CA ASN B 316 -20.71 12.54 10.47
C ASN B 316 -19.20 12.55 10.70
N LEU B 317 -18.45 12.12 9.69
CA LEU B 317 -17.00 12.21 9.73
C LEU B 317 -16.55 13.67 9.82
N TYR B 318 -17.00 14.48 8.86
CA TYR B 318 -16.58 15.88 8.78
C TYR B 318 -17.21 16.74 9.88
N GLN B 319 -18.39 16.34 10.37
CA GLN B 319 -18.95 16.95 11.57
C GLN B 319 -17.95 16.82 12.72
N ASN B 320 -17.46 15.61 12.94
CA ASN B 320 -16.50 15.37 14.01
C ASN B 320 -15.20 16.14 13.82
N TYR B 321 -14.68 16.20 12.60
CA TYR B 321 -13.52 17.03 12.31
C TYR B 321 -13.82 18.50 12.57
N SER B 322 -15.03 18.93 12.21
CA SER B 322 -15.45 20.32 12.38
C SER B 322 -15.32 20.78 13.82
N GLU B 323 -15.60 19.86 14.75
CA GLU B 323 -15.48 20.16 16.18
C GLU B 323 -14.03 20.32 16.65
N LEU B 324 -13.09 19.83 15.86
CA LEU B 324 -11.67 19.97 16.20
C LEU B 324 -11.04 21.17 15.49
N ILE B 325 -11.80 21.84 14.63
CA ILE B 325 -11.36 23.07 13.98
C ILE B 325 -12.41 24.15 14.26
N PRO B 326 -12.38 24.74 15.46
CA PRO B 326 -13.47 25.58 15.95
C PRO B 326 -13.90 26.63 14.94
N GLY B 327 -15.20 26.83 14.78
CA GLY B 327 -15.73 27.84 13.87
C GLY B 327 -16.06 27.27 12.51
N THR B 328 -15.63 26.04 12.26
CA THR B 328 -15.99 25.34 11.04
C THR B 328 -17.45 24.89 11.12
N THR B 329 -18.10 24.79 9.97
CA THR B 329 -19.45 24.26 9.88
C THR B 329 -19.52 23.19 8.80
N VAL B 330 -20.61 22.43 8.75
CA VAL B 330 -20.77 21.34 7.80
C VAL B 330 -22.18 21.33 7.21
N GLY B 331 -22.27 21.31 5.89
CA GLY B 331 -23.54 21.17 5.18
C GLY B 331 -23.52 19.92 4.33
N VAL B 332 -24.68 19.56 3.77
CA VAL B 332 -24.79 18.34 2.98
C VAL B 332 -24.76 18.68 1.50
N LEU B 333 -23.79 18.09 0.80
CA LEU B 333 -23.73 18.15 -0.65
C LEU B 333 -24.73 17.16 -1.20
N SER B 334 -25.58 17.61 -2.11
CA SER B 334 -26.55 16.73 -2.78
C SER B 334 -27.08 17.43 -4.02
N MET B 335 -28.05 16.79 -4.68
CA MET B 335 -28.72 17.41 -5.83
C MET B 335 -29.47 18.68 -5.46
N ASP B 336 -29.81 18.82 -4.18
CA ASP B 336 -30.43 20.02 -3.65
C ASP B 336 -29.37 20.83 -2.89
N SER B 337 -29.23 22.10 -3.25
CA SER B 337 -28.17 22.95 -2.69
C SER B 337 -28.64 23.87 -1.55
N SER B 338 -29.82 23.61 -0.98
CA SER B 338 -30.39 24.46 0.07
C SER B 338 -29.53 24.44 1.33
N ASN B 339 -29.21 23.24 1.81
CA ASN B 339 -28.45 23.07 3.05
C ASN B 339 -27.20 23.94 3.08
N VAL B 340 -26.38 23.81 2.06
CA VAL B 340 -25.10 24.53 2.00
C VAL B 340 -25.32 26.04 1.82
N LEU B 341 -26.32 26.43 1.02
CA LEU B 341 -26.67 27.85 0.84
C LEU B 341 -27.07 28.53 2.14
N GLN B 342 -27.83 27.82 2.97
CA GLN B 342 -28.25 28.38 4.25
C GLN B 342 -27.03 28.74 5.09
N LEU B 343 -26.02 27.86 5.11
CA LEU B 343 -24.81 28.13 5.88
C LEU B 343 -24.20 29.48 5.52
N ILE B 344 -24.19 29.81 4.23
CA ILE B 344 -23.57 31.06 3.74
C ILE B 344 -24.47 32.27 4.04
N VAL B 345 -25.77 32.11 3.81
CA VAL B 345 -26.73 33.14 4.19
C VAL B 345 -26.58 33.45 5.68
N ASP B 346 -26.51 32.41 6.50
CA ASP B 346 -26.34 32.55 7.94
C ASP B 346 -25.04 33.24 8.31
N ALA B 347 -23.98 32.96 7.56
CA ALA B 347 -22.69 33.65 7.73
C ALA B 347 -22.82 35.14 7.38
N TYR B 348 -23.57 35.42 6.31
CA TYR B 348 -23.81 36.78 5.87
C TYR B 348 -24.70 37.53 6.86
N GLY B 349 -25.67 36.83 7.43
CA GLY B 349 -26.53 37.38 8.47
C GLY B 349 -25.79 37.89 9.70
N LYS B 350 -24.60 37.34 9.96
CA LYS B 350 -23.82 37.74 11.12
C LYS B 350 -22.99 39.01 10.90
N ILE B 351 -22.74 39.38 9.64
CA ILE B 351 -21.83 40.51 9.34
C ILE B 351 -22.39 41.86 9.81
N ARG B 352 -21.77 42.40 10.86
CA ARG B 352 -22.09 43.73 11.36
C ARG B 352 -21.00 44.71 10.94
N SER B 353 -21.34 45.99 10.87
CA SER B 353 -20.39 47.03 10.44
C SER B 353 -20.47 48.29 11.31
N LYS B 354 -19.63 49.28 11.00
CA LYS B 354 -19.56 50.52 11.78
C LYS B 354 -19.44 51.79 10.90
N VAL B 355 -20.04 52.88 11.39
CA VAL B 355 -19.90 54.20 10.76
C VAL B 355 -18.95 55.04 11.61
N GLU B 356 -17.75 55.25 11.10
CA GLU B 356 -16.70 55.99 11.80
C GLU B 356 -16.34 57.25 11.00
N LEU B 357 -16.79 58.40 11.49
CA LEU B 357 -16.60 59.67 10.79
C LEU B 357 -15.14 60.13 10.86
N GLU B 358 -14.65 60.66 9.74
CA GLU B 358 -13.32 61.28 9.69
C GLU B 358 -13.37 62.57 8.87
N VAL B 359 -12.61 63.57 9.31
CA VAL B 359 -12.64 64.89 8.69
C VAL B 359 -11.39 65.14 7.88
N ARG B 360 -11.58 65.52 6.61
CA ARG B 360 -10.48 65.86 5.72
C ARG B 360 -10.45 67.34 5.43
N ASP B 361 -9.23 67.90 5.39
CA ASP B 361 -9.00 69.28 4.97
C ASP B 361 -9.67 70.30 5.89
N LEU B 362 -9.65 70.03 7.20
CA LEU B 362 -10.19 70.98 8.18
C LEU B 362 -9.17 72.11 8.37
N PRO B 363 -9.57 73.35 8.07
CA PRO B 363 -8.66 74.49 8.20
C PRO B 363 -8.08 74.64 9.61
N GLU B 364 -6.85 75.13 9.68
CA GLU B 364 -6.21 75.52 10.93
C GLU B 364 -7.19 76.24 11.87
N GLU B 365 -7.92 77.20 11.33
CA GLU B 365 -8.78 78.09 12.12
C GLU B 365 -10.02 77.37 12.66
N LEU B 366 -10.55 76.40 11.92
CA LEU B 366 -11.77 75.68 12.34
C LEU B 366 -11.47 74.49 13.23
N SER B 367 -12.48 74.06 13.98
CA SER B 367 -12.37 72.91 14.90
C SER B 367 -13.75 72.34 15.21
N LEU B 368 -13.90 71.03 15.00
CA LEU B 368 -15.21 70.37 15.08
C LEU B 368 -15.45 69.66 16.42
N SER B 369 -16.72 69.37 16.69
CA SER B 369 -17.11 68.54 17.84
C SER B 369 -18.43 67.82 17.53
N PHE B 370 -18.50 66.56 17.94
CA PHE B 370 -19.56 65.65 17.49
C PHE B 370 -20.38 65.06 18.62
N ASN B 371 -21.66 64.83 18.34
CA ASN B 371 -22.53 64.01 19.17
C ASN B 371 -23.09 62.87 18.34
N ALA B 372 -22.76 61.63 18.70
CA ALA B 372 -23.25 60.46 17.99
C ALA B 372 -24.56 59.99 18.58
N THR B 373 -25.50 59.60 17.72
CA THR B 373 -26.77 59.00 18.14
C THR B 373 -26.98 57.70 17.38
N CYS B 374 -26.66 56.56 18.01
CA CYS B 374 -26.63 55.26 17.33
C CYS B 374 -27.95 54.50 17.42
N LEU B 375 -27.92 53.23 17.00
CA LEU B 375 -29.10 52.36 16.98
C LEU B 375 -29.88 52.36 18.31
N ASN B 376 -29.16 52.46 19.42
CA ASN B 376 -29.78 52.48 20.75
C ASN B 376 -30.55 53.78 21.07
N ASN B 377 -30.44 54.78 20.20
CA ASN B 377 -31.04 56.10 20.42
C ASN B 377 -30.57 56.73 21.73
N GLU B 378 -29.28 57.00 21.81
CA GLU B 378 -28.70 57.74 22.92
C GLU B 378 -27.56 58.63 22.43
N VAL B 379 -27.70 59.92 22.68
CA VAL B 379 -26.72 60.90 22.23
C VAL B 379 -25.47 60.83 23.11
N ILE B 380 -24.44 60.14 22.62
CA ILE B 380 -23.16 60.03 23.32
C ILE B 380 -22.30 61.22 22.89
N PRO B 381 -22.13 62.23 23.78
CA PRO B 381 -21.39 63.42 23.34
C PRO B 381 -19.90 63.16 23.18
N GLY B 382 -19.28 63.85 22.23
CA GLY B 382 -17.85 63.70 21.96
C GLY B 382 -17.47 62.50 21.11
N LEU B 383 -18.40 61.56 20.94
CA LEU B 383 -18.17 60.38 20.13
C LEU B 383 -18.56 60.68 18.67
N LYS B 384 -17.84 60.06 17.74
CA LYS B 384 -18.08 60.28 16.31
C LYS B 384 -18.11 58.96 15.51
N SER B 385 -18.46 57.86 16.16
CA SER B 385 -18.56 56.56 15.49
C SER B 385 -19.60 55.64 16.16
N CYS B 386 -20.34 54.90 15.32
CA CYS B 386 -21.35 53.93 15.78
C CYS B 386 -21.02 52.54 15.28
N MET B 387 -21.24 51.52 16.13
CA MET B 387 -20.97 50.13 15.78
C MET B 387 -22.24 49.27 15.74
N GLY B 388 -22.12 48.09 15.13
CA GLY B 388 -23.20 47.09 15.14
C GLY B 388 -24.31 47.31 14.12
N LEU B 389 -23.94 47.82 12.95
CA LEU B 389 -24.90 48.12 11.91
C LEU B 389 -25.12 46.91 11.00
N LYS B 390 -26.39 46.65 10.69
CA LYS B 390 -26.79 45.71 9.65
C LYS B 390 -27.08 46.51 8.38
N ILE B 391 -27.35 45.82 7.27
CA ILE B 391 -27.80 46.49 6.06
C ILE B 391 -29.14 47.17 6.36
N GLY B 392 -29.27 48.43 5.98
CA GLY B 392 -30.51 49.18 6.18
C GLY B 392 -30.52 50.08 7.40
N ASP B 393 -29.60 49.84 8.34
CA ASP B 393 -29.52 50.63 9.57
C ASP B 393 -29.03 52.05 9.28
N THR B 394 -29.54 53.01 10.07
CA THR B 394 -29.16 54.42 9.95
C THR B 394 -28.72 54.96 11.32
N VAL B 395 -27.60 55.68 11.34
CA VAL B 395 -27.15 56.39 12.53
C VAL B 395 -27.10 57.88 12.20
N SER B 396 -26.98 58.71 13.24
CA SER B 396 -27.12 60.15 13.11
C SER B 396 -26.17 60.89 14.05
N PHE B 397 -25.44 61.85 13.51
CA PHE B 397 -24.53 62.69 14.31
C PHE B 397 -24.89 64.17 14.22
N SER B 398 -24.57 64.91 15.28
CA SER B 398 -24.68 66.37 15.26
C SER B 398 -23.27 66.94 15.34
N ILE B 399 -22.82 67.61 14.28
CA ILE B 399 -21.51 68.24 14.27
C ILE B 399 -21.64 69.74 14.57
N GLU B 400 -20.67 70.26 15.33
CA GLU B 400 -20.58 71.70 15.60
C GLU B 400 -19.17 72.16 15.25
N ALA B 401 -19.07 73.23 14.47
CA ALA B 401 -17.78 73.78 14.01
C ALA B 401 -17.58 75.20 14.54
N LYS B 402 -16.44 75.46 15.17
CA LYS B 402 -16.13 76.79 15.72
C LYS B 402 -14.91 77.40 15.04
N VAL B 403 -15.08 78.59 14.49
CA VAL B 403 -13.99 79.32 13.84
C VAL B 403 -13.20 80.17 14.85
N ARG B 404 -11.89 80.21 14.69
CA ARG B 404 -11.02 81.02 15.54
C ARG B 404 -10.88 82.42 14.95
N GLY B 405 -11.66 83.36 15.46
CA GLY B 405 -11.60 84.74 14.99
C GLY B 405 -12.04 84.88 13.54
N CYS B 406 -11.43 85.84 12.85
CA CYS B 406 -11.78 86.15 11.47
C CYS B 406 -10.57 85.94 10.56
N PRO B 407 -10.62 84.91 9.68
CA PRO B 407 -9.48 84.68 8.80
C PRO B 407 -9.60 85.43 7.47
N GLN B 408 -8.45 85.72 6.85
CA GLN B 408 -8.43 86.43 5.56
C GLN B 408 -8.83 85.56 4.38
N GLU B 409 -8.76 84.23 4.54
CA GLU B 409 -9.12 83.29 3.48
C GLU B 409 -10.56 83.47 3.00
N LYS B 410 -11.48 83.63 3.95
CA LYS B 410 -12.88 83.99 3.67
C LYS B 410 -13.77 82.90 3.05
N GLU B 411 -13.18 81.93 2.34
CA GLU B 411 -13.95 80.81 1.76
C GLU B 411 -13.11 79.52 1.67
N LYS B 412 -13.35 78.62 2.61
CA LYS B 412 -12.72 77.30 2.60
C LYS B 412 -13.77 76.20 2.62
N SER B 413 -13.33 74.98 2.32
CA SER B 413 -14.19 73.80 2.36
C SER B 413 -13.46 72.60 2.99
N PHE B 414 -14.22 71.79 3.74
CA PHE B 414 -13.70 70.58 4.35
C PHE B 414 -14.73 69.46 4.26
N THR B 415 -14.27 68.23 4.34
CA THR B 415 -15.13 67.06 4.15
C THR B 415 -15.30 66.26 5.44
N ILE B 416 -16.48 65.69 5.63
CA ILE B 416 -16.75 64.75 6.72
C ILE B 416 -17.16 63.42 6.08
N LYS B 417 -16.25 62.46 6.13
CA LYS B 417 -16.41 61.17 5.44
C LYS B 417 -16.48 60.05 6.47
N PRO B 418 -17.47 59.15 6.34
CA PRO B 418 -17.41 57.90 7.09
C PRO B 418 -16.35 56.97 6.50
N VAL B 419 -15.50 56.39 7.37
CA VAL B 419 -14.44 55.50 6.91
C VAL B 419 -15.06 54.25 6.30
N GLY B 420 -14.60 53.89 5.09
CA GLY B 420 -15.15 52.76 4.35
C GLY B 420 -16.19 53.15 3.31
N PHE B 421 -16.82 54.30 3.51
CA PHE B 421 -17.87 54.79 2.59
C PHE B 421 -17.28 55.70 1.52
N LYS B 422 -17.75 55.55 0.28
CA LYS B 422 -17.41 56.47 -0.80
C LYS B 422 -18.16 57.80 -0.66
N ASP B 423 -19.30 57.77 0.05
CA ASP B 423 -20.10 58.97 0.31
C ASP B 423 -19.43 59.88 1.32
N SER B 424 -19.79 61.16 1.30
CA SER B 424 -19.25 62.14 2.25
C SER B 424 -20.09 63.42 2.30
N LEU B 425 -19.71 64.32 3.21
CA LEU B 425 -20.35 65.63 3.33
C LEU B 425 -19.30 66.71 3.10
N ILE B 426 -19.42 67.43 1.99
CA ILE B 426 -18.60 68.62 1.76
C ILE B 426 -19.29 69.80 2.44
N VAL B 427 -18.57 70.46 3.34
CA VAL B 427 -19.09 71.65 4.01
C VAL B 427 -18.32 72.88 3.54
N GLN B 428 -19.00 73.79 2.86
CA GLN B 428 -18.42 75.04 2.36
C GLN B 428 -18.58 76.11 3.44
N VAL B 429 -17.48 76.75 3.82
CA VAL B 429 -17.50 77.72 4.91
C VAL B 429 -17.09 79.14 4.48
N THR B 430 -18.04 80.07 4.56
CA THR B 430 -17.78 81.50 4.33
C THR B 430 -17.62 82.21 5.67
N PHE B 431 -16.62 83.10 5.76
CA PHE B 431 -16.37 83.89 6.97
C PHE B 431 -16.86 85.33 6.80
N ASP B 432 -18.05 85.59 7.34
CA ASP B 432 -18.69 86.91 7.25
C ASP B 432 -18.17 87.81 8.37
N CYS B 433 -17.29 88.75 7.99
CA CYS B 433 -16.63 89.63 8.95
C CYS B 433 -17.02 91.10 8.86
N ASP B 434 -17.52 91.51 7.70
CA ASP B 434 -17.91 92.89 7.46
C ASP B 434 -19.36 93.11 7.86
N CYS B 435 -19.79 94.37 7.77
CA CYS B 435 -21.19 94.76 7.97
C CYS B 435 -21.76 95.15 6.61
N ALA B 436 -23.06 94.92 6.42
CA ALA B 436 -23.71 95.24 5.16
C ALA B 436 -23.58 96.72 4.77
N CYS B 437 -23.52 97.61 5.76
CA CYS B 437 -23.38 99.04 5.52
C CYS B 437 -22.01 99.45 4.99
N GLN B 438 -21.00 98.58 5.13
CA GLN B 438 -19.67 98.88 4.59
C GLN B 438 -19.66 99.01 3.07
N ALA B 439 -20.61 98.34 2.40
CA ALA B 439 -20.79 98.46 0.95
C ALA B 439 -20.92 99.92 0.50
N GLN B 440 -21.69 100.70 1.27
CA GLN B 440 -21.84 102.13 1.02
C GLN B 440 -20.73 102.90 1.73
N ALA B 441 -19.52 102.85 1.16
CA ALA B 441 -18.34 103.46 1.76
C ALA B 441 -18.35 104.99 1.70
N GLU B 442 -18.80 105.53 0.57
CA GLU B 442 -18.79 106.98 0.32
C GLU B 442 -17.40 107.59 0.54
N PRO B 443 -16.44 107.28 -0.35
CA PRO B 443 -15.02 107.68 -0.27
C PRO B 443 -14.74 109.10 0.22
N ASN B 444 -15.50 110.08 -0.26
CA ASN B 444 -15.34 111.47 0.19
C ASN B 444 -15.88 111.66 1.61
N SER B 445 -15.04 112.19 2.50
CA SER B 445 -15.37 112.31 3.92
C SER B 445 -16.65 113.12 4.14
N HIS B 446 -16.69 114.33 3.58
CA HIS B 446 -17.85 115.23 3.68
C HIS B 446 -17.97 115.87 5.08
N ARG B 447 -17.99 115.02 6.12
CA ARG B 447 -18.10 115.48 7.52
C ARG B 447 -16.74 115.76 8.17
N CYS B 448 -15.79 114.82 8.03
CA CYS B 448 -14.48 114.95 8.69
C CYS B 448 -13.68 116.12 8.09
N ASN B 449 -13.49 116.10 6.77
CA ASN B 449 -12.82 117.18 6.02
C ASN B 449 -11.41 117.57 6.50
N ASN B 450 -10.69 116.61 7.08
CA ASN B 450 -9.30 116.81 7.49
C ASN B 450 -8.38 115.75 6.86
N GLY B 451 -8.72 115.35 5.64
CA GLY B 451 -7.99 114.29 4.93
C GLY B 451 -8.15 112.93 5.57
N ASN B 452 -9.30 112.69 6.19
CA ASN B 452 -9.59 111.42 6.86
C ASN B 452 -9.97 110.34 5.84
N GLY B 453 -10.89 110.68 4.94
CA GLY B 453 -11.31 109.79 3.87
C GLY B 453 -12.38 108.80 4.31
N THR B 454 -13.45 108.72 3.53
CA THR B 454 -14.56 107.76 3.70
C THR B 454 -15.44 108.01 4.94
N PHE B 455 -16.72 107.62 4.82
CA PHE B 455 -17.70 107.77 5.90
C PHE B 455 -18.73 106.64 5.82
N GLU B 456 -18.62 105.67 6.73
CA GLU B 456 -19.46 104.47 6.69
C GLU B 456 -20.15 104.17 8.03
N CYS B 457 -21.45 103.92 7.96
CA CYS B 457 -22.27 103.54 9.12
C CYS B 457 -22.24 104.58 10.24
N GLY B 458 -22.08 105.85 9.87
CA GLY B 458 -22.13 106.97 10.81
C GLY B 458 -20.88 107.12 11.67
N VAL B 459 -19.73 107.31 11.02
CA VAL B 459 -18.45 107.47 11.74
C VAL B 459 -17.31 107.97 10.83
N CYS B 460 -16.37 108.71 11.44
CA CYS B 460 -15.11 109.07 10.78
C CYS B 460 -14.09 107.93 10.97
N ARG B 461 -12.83 108.17 10.62
CA ARG B 461 -11.74 107.23 10.89
C ARG B 461 -11.60 106.94 12.38
N GLU C 1 7.02 -33.50 6.78
CA GLU C 1 7.30 -34.33 5.58
C GLU C 1 6.18 -34.18 4.56
N VAL C 2 6.47 -33.45 3.49
CA VAL C 2 5.52 -33.28 2.39
C VAL C 2 5.31 -34.61 1.69
N GLN C 3 4.05 -34.98 1.47
CA GLN C 3 3.70 -36.24 0.84
C GLN C 3 2.29 -36.23 0.25
N LEU C 4 2.18 -36.61 -1.02
CA LEU C 4 0.92 -36.61 -1.75
C LEU C 4 0.43 -38.05 -1.85
N GLN C 5 -0.76 -38.31 -1.30
CA GLN C 5 -1.30 -39.66 -1.23
C GLN C 5 -2.44 -39.84 -2.23
N GLN C 6 -2.10 -40.43 -3.38
CA GLN C 6 -3.06 -40.65 -4.45
C GLN C 6 -3.94 -41.88 -4.19
N SER C 7 -5.07 -41.94 -4.89
CA SER C 7 -6.03 -43.03 -4.73
C SER C 7 -5.58 -44.27 -5.49
N GLY C 8 -6.26 -45.39 -5.24
CA GLY C 8 -5.85 -46.68 -5.76
C GLY C 8 -6.12 -46.90 -7.23
N ALA C 9 -5.56 -47.97 -7.77
CA ALA C 9 -5.66 -48.28 -9.21
C ALA C 9 -7.11 -48.51 -9.60
N GLU C 10 -7.46 -48.00 -10.79
CA GLU C 10 -8.84 -48.05 -11.27
C GLU C 10 -8.91 -48.91 -12.52
N LEU C 11 -9.81 -49.88 -12.50
CA LEU C 11 -10.22 -50.55 -13.73
C LEU C 11 -11.58 -49.96 -14.10
N VAL C 12 -11.65 -49.36 -15.28
CA VAL C 12 -12.85 -48.65 -15.72
C VAL C 12 -13.22 -49.03 -17.16
N LYS C 13 -14.43 -48.65 -17.56
CA LYS C 13 -14.96 -49.04 -18.87
C LYS C 13 -14.92 -47.88 -19.86
N PRO C 14 -14.66 -48.18 -21.14
CA PRO C 14 -14.63 -47.12 -22.15
C PRO C 14 -15.98 -46.43 -22.28
N GLY C 15 -15.97 -45.10 -22.30
CA GLY C 15 -17.20 -44.32 -22.35
C GLY C 15 -17.56 -43.76 -20.99
N ALA C 16 -17.25 -44.52 -19.95
CA ALA C 16 -17.47 -44.08 -18.58
C ALA C 16 -16.51 -42.97 -18.19
N SER C 17 -16.60 -42.54 -16.93
CA SER C 17 -15.67 -41.57 -16.38
C SER C 17 -15.03 -42.13 -15.12
N VAL C 18 -13.92 -41.52 -14.72
CA VAL C 18 -13.25 -41.87 -13.48
C VAL C 18 -12.76 -40.60 -12.81
N LYS C 19 -12.70 -40.62 -11.48
CA LYS C 19 -12.24 -39.45 -10.73
C LYS C 19 -11.15 -39.91 -9.78
N LEU C 20 -9.95 -39.36 -9.95
CA LEU C 20 -8.79 -39.74 -9.15
C LEU C 20 -8.58 -38.70 -8.06
N SER C 21 -8.02 -39.14 -6.92
CA SER C 21 -7.80 -38.24 -5.79
C SER C 21 -6.32 -38.12 -5.46
N CYS C 22 -6.00 -37.06 -4.74
CA CYS C 22 -4.64 -36.78 -4.33
C CYS C 22 -4.76 -35.96 -3.06
N THR C 23 -4.46 -36.58 -1.93
CA THR C 23 -4.69 -35.96 -0.62
C THR C 23 -3.39 -35.58 0.06
N ALA C 24 -3.28 -34.29 0.39
CA ALA C 24 -2.08 -33.73 1.01
C ALA C 24 -1.89 -34.27 2.41
N SER C 25 -0.66 -34.69 2.70
CA SER C 25 -0.24 -35.08 4.04
C SER C 25 1.04 -34.32 4.41
N GLY C 26 1.06 -33.75 5.61
CA GLY C 26 2.19 -32.94 6.07
C GLY C 26 2.13 -31.50 5.59
N PHE C 27 1.02 -31.12 4.97
CA PHE C 27 0.80 -29.74 4.52
C PHE C 27 -0.66 -29.56 4.09
N ASN C 28 -1.01 -28.35 3.69
CA ASN C 28 -2.36 -28.06 3.19
C ASN C 28 -2.36 -27.86 1.69
N ILE C 29 -3.38 -28.43 1.05
CA ILE C 29 -3.45 -28.47 -0.41
C ILE C 29 -3.50 -27.05 -1.04
N LYS C 30 -4.00 -26.07 -0.28
CA LYS C 30 -4.06 -24.69 -0.76
C LYS C 30 -2.71 -23.94 -0.76
N ASP C 31 -1.67 -24.56 -0.20
CA ASP C 31 -0.37 -23.90 -0.07
C ASP C 31 0.33 -23.62 -1.40
N THR C 32 0.05 -24.43 -2.42
CA THR C 32 0.69 -24.22 -3.72
C THR C 32 -0.23 -24.66 -4.84
N TYR C 33 0.20 -24.40 -6.07
CA TYR C 33 -0.39 -25.04 -7.23
C TYR C 33 -0.31 -26.55 -7.03
N VAL C 34 -1.27 -27.27 -7.60
CA VAL C 34 -1.24 -28.72 -7.70
C VAL C 34 -1.46 -29.08 -9.16
N HIS C 35 -0.55 -29.88 -9.72
CA HIS C 35 -0.60 -30.25 -11.12
C HIS C 35 -0.98 -31.71 -11.26
N TRP C 36 -1.53 -32.07 -12.41
CA TRP C 36 -1.74 -33.48 -12.79
C TRP C 36 -0.91 -33.80 -14.03
N VAL C 37 -0.27 -34.97 -14.02
CA VAL C 37 0.59 -35.40 -15.11
C VAL C 37 0.29 -36.85 -15.47
N LYS C 38 0.25 -37.09 -16.78
CA LYS C 38 -0.07 -38.38 -17.37
C LYS C 38 1.24 -39.01 -17.81
N GLN C 39 1.36 -40.33 -17.62
CA GLN C 39 2.54 -41.08 -18.08
C GLN C 39 2.15 -42.40 -18.73
N ARG C 40 2.69 -42.64 -19.92
CA ARG C 40 2.52 -43.92 -20.60
C ARG C 40 3.89 -44.40 -21.06
N PRO C 41 4.04 -45.72 -21.28
CA PRO C 41 5.35 -46.24 -21.61
C PRO C 41 5.91 -45.65 -22.90
N GLU C 42 5.17 -45.76 -24.00
N GLU C 42 5.16 -45.74 -23.98
CA GLU C 42 5.68 -45.29 -25.30
CA GLU C 42 5.64 -45.34 -25.31
C GLU C 42 5.63 -43.77 -25.41
C GLU C 42 5.58 -43.81 -25.51
N GLN C 43 4.47 -43.20 -25.14
CA GLN C 43 4.26 -41.77 -25.39
C GLN C 43 4.96 -40.85 -24.39
N GLY C 44 5.21 -41.34 -23.19
CA GLY C 44 5.98 -40.58 -22.20
C GLY C 44 5.12 -39.73 -21.28
N LEU C 45 5.65 -38.57 -20.89
CA LEU C 45 5.02 -37.71 -19.88
C LEU C 45 4.28 -36.52 -20.51
N GLU C 46 3.06 -36.28 -20.05
CA GLU C 46 2.23 -35.19 -20.54
C GLU C 46 1.65 -34.44 -19.35
N TRP C 47 1.78 -33.12 -19.36
CA TRP C 47 1.16 -32.25 -18.36
C TRP C 47 -0.31 -32.07 -18.74
N ILE C 48 -1.21 -32.37 -17.81
CA ILE C 48 -2.65 -32.25 -18.06
C ILE C 48 -3.16 -30.85 -17.70
N GLY C 49 -2.72 -30.32 -16.56
CA GLY C 49 -3.19 -29.03 -16.07
C GLY C 49 -2.84 -28.79 -14.62
N ARG C 50 -3.27 -27.64 -14.10
CA ARG C 50 -3.01 -27.30 -12.70
C ARG C 50 -4.25 -26.69 -12.07
N ILE C 51 -4.27 -26.63 -10.75
CA ILE C 51 -5.30 -25.93 -10.00
C ILE C 51 -4.67 -25.21 -8.82
N ASP C 52 -5.11 -23.98 -8.55
CA ASP C 52 -4.72 -23.24 -7.35
C ASP C 52 -5.86 -23.38 -6.34
N PRO C 53 -5.75 -24.34 -5.40
CA PRO C 53 -6.91 -24.67 -4.56
C PRO C 53 -7.34 -23.58 -3.60
N ALA C 54 -6.51 -22.58 -3.37
CA ALA C 54 -6.95 -21.41 -2.62
C ALA C 54 -8.21 -20.81 -3.27
N ASN C 55 -8.22 -20.72 -4.61
CA ASN C 55 -9.30 -20.07 -5.35
C ASN C 55 -9.87 -20.88 -6.52
N GLY C 56 -9.48 -22.14 -6.62
CA GLY C 56 -10.07 -23.04 -7.61
C GLY C 56 -9.70 -22.80 -9.06
N TYR C 57 -8.97 -21.73 -9.37
CA TYR C 57 -8.66 -21.39 -10.76
C TYR C 57 -7.78 -22.48 -11.37
N THR C 58 -7.97 -22.76 -12.66
CA THR C 58 -7.24 -23.85 -13.33
C THR C 58 -6.74 -23.49 -14.73
N LYS C 59 -5.67 -24.17 -15.13
CA LYS C 59 -5.14 -24.12 -16.51
C LYS C 59 -5.04 -25.55 -17.05
N TYR C 60 -5.21 -25.72 -18.36
CA TYR C 60 -5.10 -27.03 -19.02
C TYR C 60 -4.31 -26.97 -20.33
N ASP C 61 -3.75 -28.11 -20.73
CA ASP C 61 -3.24 -28.26 -22.09
C ASP C 61 -4.47 -28.47 -22.97
N PRO C 62 -4.57 -27.72 -24.08
CA PRO C 62 -5.66 -27.90 -25.04
C PRO C 62 -6.00 -29.36 -25.35
N LYS C 63 -5.00 -30.23 -25.36
CA LYS C 63 -5.20 -31.66 -25.59
C LYS C 63 -6.23 -32.26 -24.64
N PHE C 64 -6.15 -31.90 -23.37
CA PHE C 64 -7.04 -32.48 -22.34
C PHE C 64 -8.23 -31.59 -21.98
N GLN C 65 -8.33 -30.42 -22.61
CA GLN C 65 -9.48 -29.53 -22.43
C GLN C 65 -10.71 -30.26 -22.97
N GLY C 66 -11.65 -30.56 -22.09
CA GLY C 66 -12.84 -31.33 -22.49
C GLY C 66 -12.88 -32.69 -21.82
N LYS C 67 -11.73 -33.34 -21.72
CA LYS C 67 -11.63 -34.61 -21.01
C LYS C 67 -11.39 -34.38 -19.51
N ALA C 68 -10.33 -33.64 -19.20
CA ALA C 68 -9.89 -33.47 -17.81
C ALA C 68 -10.59 -32.30 -17.14
N THR C 69 -11.10 -32.52 -15.94
CA THR C 69 -11.58 -31.45 -15.08
C THR C 69 -10.88 -31.58 -13.72
N ILE C 70 -9.93 -30.68 -13.46
CA ILE C 70 -9.22 -30.66 -12.19
C ILE C 70 -10.00 -29.82 -11.18
N THR C 71 -10.16 -30.36 -9.99
CA THR C 71 -10.83 -29.66 -8.90
C THR C 71 -10.09 -29.95 -7.59
N ALA C 72 -10.44 -29.22 -6.53
CA ALA C 72 -9.84 -29.46 -5.22
C ALA C 72 -10.77 -29.02 -4.11
N ASP C 73 -10.50 -29.51 -2.91
CA ASP C 73 -11.33 -29.28 -1.76
C ASP C 73 -10.47 -29.09 -0.52
N THR C 74 -10.36 -27.84 -0.07
CA THR C 74 -9.52 -27.49 1.08
C THR C 74 -10.06 -28.08 2.38
N SER C 75 -11.37 -28.30 2.47
CA SER C 75 -11.97 -28.93 3.64
C SER C 75 -11.37 -30.32 3.90
N SER C 76 -11.14 -31.09 2.84
CA SER C 76 -10.58 -32.44 2.93
C SER C 76 -9.14 -32.52 2.45
N ASN C 77 -8.53 -31.37 2.17
CA ASN C 77 -7.13 -31.31 1.72
C ASN C 77 -6.84 -32.18 0.47
N THR C 78 -7.80 -32.29 -0.43
CA THR C 78 -7.66 -33.18 -1.58
C THR C 78 -7.87 -32.49 -2.92
N ALA C 79 -7.04 -32.85 -3.89
CA ALA C 79 -7.19 -32.42 -5.27
C ALA C 79 -7.73 -33.60 -6.08
N TYR C 80 -8.38 -33.31 -7.20
CA TYR C 80 -9.05 -34.35 -7.99
C TYR C 80 -8.82 -34.19 -9.49
N LEU C 81 -8.64 -35.31 -10.19
CA LEU C 81 -8.67 -35.35 -11.65
C LEU C 81 -9.85 -36.18 -12.12
N GLN C 82 -10.74 -35.57 -12.91
CA GLN C 82 -11.84 -36.30 -13.50
C GLN C 82 -11.66 -36.39 -15.01
N LEU C 83 -11.73 -37.62 -15.52
CA LEU C 83 -11.59 -37.88 -16.94
C LEU C 83 -12.92 -38.40 -17.50
N SER C 84 -13.54 -37.64 -18.39
CA SER C 84 -14.80 -38.05 -19.00
C SER C 84 -14.53 -38.77 -20.32
N SER C 85 -15.52 -39.53 -20.79
CA SER C 85 -15.46 -40.16 -22.10
C SER C 85 -14.20 -40.99 -22.25
N LEU C 86 -13.97 -41.90 -21.30
CA LEU C 86 -12.74 -42.70 -21.26
C LEU C 86 -12.52 -43.47 -22.55
N THR C 87 -11.30 -43.43 -23.05
CA THR C 87 -10.90 -44.21 -24.23
C THR C 87 -9.69 -45.06 -23.88
N SER C 88 -9.25 -45.91 -24.81
CA SER C 88 -8.09 -46.77 -24.56
C SER C 88 -6.79 -45.95 -24.48
N GLU C 89 -6.79 -44.76 -25.07
CA GLU C 89 -5.69 -43.82 -24.95
C GLU C 89 -5.50 -43.29 -23.52
N ASP C 90 -6.56 -43.36 -22.71
CA ASP C 90 -6.51 -42.86 -21.35
C ASP C 90 -5.90 -43.87 -20.37
N THR C 91 -5.61 -45.09 -20.84
CA THR C 91 -4.91 -46.07 -20.01
C THR C 91 -3.47 -45.61 -19.74
N ALA C 92 -3.26 -45.01 -18.58
CA ALA C 92 -1.96 -44.46 -18.22
C ALA C 92 -1.77 -44.53 -16.71
N VAL C 93 -0.60 -44.10 -16.24
CA VAL C 93 -0.41 -43.82 -14.81
C VAL C 93 -0.51 -42.32 -14.63
N TYR C 94 -1.26 -41.88 -13.63
CA TYR C 94 -1.57 -40.48 -13.44
C TYR C 94 -0.99 -39.98 -12.11
N TYR C 95 -0.24 -38.88 -12.17
CA TYR C 95 0.40 -38.31 -10.99
C TYR C 95 -0.13 -36.92 -10.66
N CYS C 96 -0.20 -36.58 -9.39
CA CYS C 96 -0.36 -35.19 -8.98
C CYS C 96 1.01 -34.70 -8.51
N VAL C 97 1.29 -33.42 -8.76
CA VAL C 97 2.62 -32.85 -8.52
C VAL C 97 2.50 -31.46 -7.92
N ARG C 98 3.49 -31.08 -7.12
CA ARG C 98 3.56 -29.74 -6.55
C ARG C 98 5.00 -29.29 -6.34
N PRO C 99 5.24 -27.97 -6.23
CA PRO C 99 6.59 -27.44 -6.03
C PRO C 99 7.09 -27.50 -4.58
N LEU C 100 8.39 -27.23 -4.39
CA LEU C 100 8.98 -27.16 -3.06
C LEU C 100 9.00 -25.69 -2.62
N TYR C 101 9.65 -24.83 -3.41
CA TYR C 101 9.71 -23.39 -3.12
C TYR C 101 9.22 -22.58 -4.31
N ASP C 102 9.89 -22.72 -5.43
CA ASP C 102 9.57 -21.98 -6.64
C ASP C 102 8.13 -22.23 -7.05
N TYR C 103 7.31 -21.18 -7.05
CA TYR C 103 5.90 -21.26 -7.44
C TYR C 103 5.64 -22.21 -8.60
N TYR C 104 6.47 -22.11 -9.64
CA TYR C 104 6.18 -22.75 -10.92
C TYR C 104 6.85 -24.10 -11.11
N ALA C 105 7.46 -24.65 -10.05
CA ALA C 105 8.26 -25.88 -10.16
C ALA C 105 7.44 -27.17 -10.00
N MET C 106 8.09 -28.30 -10.27
CA MET C 106 7.43 -29.61 -10.26
C MET C 106 8.28 -30.59 -9.47
N ASP C 107 8.34 -30.39 -8.15
CA ASP C 107 9.35 -31.04 -7.29
C ASP C 107 8.86 -32.26 -6.49
N TYR C 108 7.64 -32.17 -5.93
CA TYR C 108 7.07 -33.24 -5.13
C TYR C 108 5.96 -33.96 -5.90
N TRP C 109 6.08 -35.27 -6.03
CA TRP C 109 5.13 -36.08 -6.79
C TRP C 109 4.40 -37.08 -5.91
N GLY C 110 3.16 -37.39 -6.28
CA GLY C 110 2.45 -38.50 -5.66
C GLY C 110 2.99 -39.82 -6.16
N GLN C 111 2.58 -40.92 -5.54
CA GLN C 111 3.05 -42.25 -5.93
C GLN C 111 2.50 -42.69 -7.28
N GLY C 112 1.45 -42.03 -7.74
CA GLY C 112 0.85 -42.30 -9.05
C GLY C 112 -0.33 -43.24 -8.95
N THR C 113 -1.34 -43.02 -9.79
CA THR C 113 -2.51 -43.88 -9.85
C THR C 113 -2.64 -44.48 -11.26
N SER C 114 -2.85 -45.79 -11.31
CA SER C 114 -2.96 -46.48 -12.58
C SER C 114 -4.43 -46.55 -13.01
N VAL C 115 -4.71 -46.17 -14.25
CA VAL C 115 -6.06 -46.29 -14.82
C VAL C 115 -6.00 -47.20 -16.03
N THR C 116 -6.83 -48.25 -16.03
CA THR C 116 -6.91 -49.18 -17.16
C THR C 116 -8.31 -49.14 -17.74
N VAL C 117 -8.42 -48.67 -18.98
CA VAL C 117 -9.71 -48.63 -19.70
C VAL C 117 -9.87 -49.89 -20.53
N SER C 118 -10.95 -50.63 -20.31
CA SER C 118 -11.15 -51.94 -20.94
C SER C 118 -12.59 -52.45 -20.82
N SER C 119 -13.07 -53.12 -21.88
CA SER C 119 -14.39 -53.75 -21.90
C SER C 119 -14.33 -55.21 -21.43
N ALA C 120 -13.13 -55.77 -21.39
CA ALA C 120 -12.93 -57.18 -21.07
C ALA C 120 -13.55 -57.58 -19.73
N LYS C 121 -14.00 -58.82 -19.65
CA LYS C 121 -14.52 -59.39 -18.41
C LYS C 121 -13.45 -60.24 -17.74
N THR C 122 -13.63 -60.52 -16.46
CA THR C 122 -12.64 -61.28 -15.70
C THR C 122 -12.57 -62.68 -16.29
N THR C 123 -11.36 -63.14 -16.57
CA THR C 123 -11.12 -64.44 -17.18
C THR C 123 -9.94 -65.13 -16.52
N ALA C 124 -10.14 -66.39 -16.10
CA ALA C 124 -9.08 -67.18 -15.49
C ALA C 124 -8.04 -67.59 -16.55
N PRO C 125 -6.76 -67.61 -16.17
CA PRO C 125 -5.67 -67.91 -17.11
C PRO C 125 -5.56 -69.39 -17.43
N SER C 126 -5.33 -69.72 -18.70
CA SER C 126 -4.93 -71.07 -19.08
C SER C 126 -3.44 -71.20 -18.82
N VAL C 127 -3.04 -72.21 -18.05
CA VAL C 127 -1.64 -72.40 -17.69
C VAL C 127 -1.10 -73.69 -18.30
N TYR C 128 -0.03 -73.57 -19.09
CA TYR C 128 0.54 -74.68 -19.83
C TYR C 128 2.00 -74.92 -19.47
N PRO C 129 2.37 -76.19 -19.22
CA PRO C 129 3.75 -76.52 -18.90
C PRO C 129 4.61 -76.66 -20.16
N LEU C 130 5.80 -76.06 -20.16
CA LEU C 130 6.69 -76.12 -21.30
C LEU C 130 7.89 -76.99 -20.99
N ALA C 131 7.86 -78.23 -21.48
CA ALA C 131 8.98 -79.17 -21.34
C ALA C 131 9.87 -79.05 -22.56
N PRO C 132 11.14 -79.49 -22.46
CA PRO C 132 12.05 -79.41 -23.62
C PRO C 132 11.66 -80.37 -24.74
N VAL C 133 12.34 -80.24 -25.86
CA VAL C 133 12.05 -81.07 -27.03
C VAL C 133 12.85 -82.38 -26.95
N CYS C 134 12.44 -83.39 -27.72
CA CYS C 134 13.21 -84.63 -27.84
C CYS C 134 14.61 -84.39 -28.39
N THR C 137 19.44 -85.00 -28.42
CA THR C 137 20.46 -85.13 -27.40
C THR C 137 20.31 -84.02 -26.35
N THR C 138 21.05 -84.13 -25.26
CA THR C 138 20.92 -83.20 -24.13
C THR C 138 22.29 -82.64 -23.71
N GLY C 139 22.31 -81.36 -23.34
CA GLY C 139 23.55 -80.65 -22.96
C GLY C 139 23.94 -80.95 -21.51
N SER C 140 24.34 -79.91 -20.78
CA SER C 140 24.64 -80.06 -19.35
C SER C 140 23.73 -79.21 -18.45
N SER C 141 22.91 -78.34 -19.04
CA SER C 141 21.93 -77.55 -18.30
C SER C 141 20.62 -77.54 -19.06
N VAL C 142 19.52 -77.60 -18.32
CA VAL C 142 18.19 -77.70 -18.92
C VAL C 142 17.35 -76.49 -18.54
N THR C 143 16.54 -76.02 -19.50
CA THR C 143 15.60 -74.91 -19.29
C THR C 143 14.16 -75.40 -19.52
N LEU C 144 13.30 -75.15 -18.52
CA LEU C 144 11.87 -75.42 -18.63
C LEU C 144 11.12 -74.09 -18.72
N GLY C 145 9.79 -74.17 -18.83
CA GLY C 145 8.98 -72.96 -18.92
C GLY C 145 7.50 -73.11 -18.61
N CYS C 146 6.84 -71.96 -18.47
CA CYS C 146 5.42 -71.92 -18.11
C CYS C 146 4.72 -70.80 -18.89
N LEU C 147 3.59 -71.14 -19.54
CA LEU C 147 2.86 -70.20 -20.38
C LEU C 147 1.49 -69.91 -19.78
N VAL C 148 1.28 -68.65 -19.40
CA VAL C 148 0.02 -68.19 -18.83
C VAL C 148 -0.71 -67.38 -19.91
N LYS C 149 -1.91 -67.81 -20.30
CA LYS C 149 -2.60 -67.22 -21.44
C LYS C 149 -4.06 -66.87 -21.21
N GLY C 150 -4.45 -65.69 -21.69
CA GLY C 150 -5.85 -65.31 -21.79
C GLY C 150 -6.50 -64.98 -20.47
N TYR C 151 -5.86 -64.11 -19.70
CA TYR C 151 -6.39 -63.70 -18.41
C TYR C 151 -6.64 -62.20 -18.35
N PHE C 152 -7.55 -61.82 -17.45
CA PHE C 152 -7.88 -60.41 -17.22
C PHE C 152 -8.61 -60.30 -15.88
N PRO C 153 -8.33 -59.25 -15.09
CA PRO C 153 -7.31 -58.24 -15.28
C PRO C 153 -5.99 -58.72 -14.72
N GLU C 154 -4.98 -57.87 -14.76
CA GLU C 154 -3.74 -58.13 -14.06
C GLU C 154 -3.94 -57.88 -12.57
N PRO C 155 -3.07 -58.44 -11.72
CA PRO C 155 -1.90 -59.26 -12.02
C PRO C 155 -2.10 -60.75 -11.78
N VAL C 156 -1.16 -61.54 -12.26
CA VAL C 156 -0.96 -62.92 -11.80
C VAL C 156 0.37 -62.98 -11.05
N THR C 157 0.49 -63.92 -10.12
CA THR C 157 1.74 -64.13 -9.39
C THR C 157 2.23 -65.57 -9.61
N LEU C 158 3.28 -65.70 -10.42
CA LEU C 158 3.84 -67.00 -10.80
C LEU C 158 5.12 -67.29 -10.03
N THR C 159 5.16 -68.44 -9.35
CA THR C 159 6.35 -68.90 -8.65
C THR C 159 6.71 -70.32 -9.08
N TRP C 160 7.89 -70.79 -8.70
CA TRP C 160 8.35 -72.13 -9.04
C TRP C 160 8.59 -72.91 -7.75
N ASN C 161 7.98 -74.08 -7.65
CA ASN C 161 8.01 -74.89 -6.43
C ASN C 161 7.65 -74.07 -5.20
N SER C 162 6.58 -73.28 -5.34
CA SER C 162 6.09 -72.36 -4.31
C SER C 162 7.17 -71.40 -3.82
N GLY C 163 8.00 -70.93 -4.75
CA GLY C 163 9.08 -69.99 -4.42
C GLY C 163 10.37 -70.61 -3.91
N SER C 164 10.45 -71.94 -3.92
CA SER C 164 11.68 -72.64 -3.52
C SER C 164 12.78 -72.31 -4.52
N LEU C 165 12.43 -72.41 -5.80
CA LEU C 165 13.38 -72.21 -6.89
C LEU C 165 13.27 -70.78 -7.40
N SER C 166 14.01 -69.88 -6.74
CA SER C 166 14.01 -68.46 -7.10
C SER C 166 15.08 -68.13 -8.15
N SER C 167 16.23 -68.79 -8.01
CA SER C 167 17.40 -68.54 -8.86
C SER C 167 17.27 -69.25 -10.22
N GLY C 168 17.79 -68.61 -11.27
CA GLY C 168 17.68 -69.11 -12.63
C GLY C 168 16.30 -68.90 -13.24
N VAL C 169 15.52 -67.99 -12.67
CA VAL C 169 14.16 -67.75 -13.16
C VAL C 169 14.08 -66.45 -13.96
N HIS C 170 13.32 -66.48 -15.04
CA HIS C 170 13.00 -65.30 -15.82
C HIS C 170 11.49 -65.27 -16.08
N THR C 171 10.77 -64.47 -15.31
CA THR C 171 9.34 -64.26 -15.51
C THR C 171 9.13 -62.94 -16.25
N PHE C 172 8.52 -63.02 -17.42
CA PHE C 172 8.42 -61.86 -18.30
C PHE C 172 7.20 -60.99 -18.00
N PRO C 173 7.31 -59.68 -18.28
CA PRO C 173 6.14 -58.82 -18.07
C PRO C 173 4.96 -59.22 -18.96
N ALA C 174 3.75 -59.15 -18.40
CA ALA C 174 2.53 -59.49 -19.13
C ALA C 174 2.38 -58.62 -20.37
N VAL C 175 1.81 -59.19 -21.42
CA VAL C 175 1.54 -58.46 -22.65
C VAL C 175 0.08 -58.64 -23.04
N LEU C 176 -0.56 -57.53 -23.44
CA LEU C 176 -1.94 -57.55 -23.88
C LEU C 176 -2.02 -58.00 -25.33
N GLN C 177 -3.03 -58.81 -25.64
CA GLN C 177 -3.40 -59.12 -27.02
CA GLN C 177 -3.39 -59.13 -27.02
C GLN C 177 -4.90 -59.44 -27.09
N SER C 178 -5.64 -58.63 -27.84
CA SER C 178 -7.08 -58.77 -27.93
C SER C 178 -7.72 -58.85 -26.54
N ASP C 179 -7.52 -57.80 -25.74
CA ASP C 179 -8.23 -57.60 -24.48
C ASP C 179 -7.91 -58.60 -23.36
N LEU C 180 -6.95 -59.48 -23.58
CA LEU C 180 -6.55 -60.46 -22.57
C LEU C 180 -5.03 -60.49 -22.45
N TYR C 181 -4.53 -60.65 -21.24
CA TYR C 181 -3.08 -60.65 -21.00
C TYR C 181 -2.47 -62.03 -21.17
N THR C 182 -1.21 -62.05 -21.60
CA THR C 182 -0.43 -63.28 -21.67
C THR C 182 0.91 -63.03 -20.98
N LEU C 183 1.43 -64.08 -20.36
CA LEU C 183 2.67 -63.99 -19.61
C LEU C 183 3.43 -65.32 -19.74
N SER C 184 4.74 -65.27 -19.57
CA SER C 184 5.57 -66.47 -19.63
C SER C 184 6.67 -66.43 -18.56
N SER C 185 7.17 -67.62 -18.21
CA SER C 185 8.30 -67.71 -17.28
C SER C 185 9.18 -68.91 -17.61
N SER C 186 10.48 -68.67 -17.56
CA SER C 186 11.48 -69.71 -17.79
C SER C 186 12.28 -69.92 -16.50
N VAL C 187 12.69 -71.18 -16.30
CA VAL C 187 13.57 -71.54 -15.21
C VAL C 187 14.65 -72.45 -15.79
N THR C 188 15.89 -72.22 -15.38
CA THR C 188 17.02 -73.02 -15.83
C THR C 188 17.69 -73.69 -14.64
N VAL C 189 17.89 -75.00 -14.75
CA VAL C 189 18.60 -75.78 -13.74
C VAL C 189 19.63 -76.65 -14.47
N THR C 190 20.42 -77.42 -13.72
CA THR C 190 21.36 -78.36 -14.32
C THR C 190 20.63 -79.65 -14.69
N SER C 191 21.25 -80.45 -15.56
CA SER C 191 20.63 -81.69 -16.04
C SER C 191 20.40 -82.73 -14.92
N SER C 192 21.27 -82.75 -13.92
CA SER C 192 21.11 -83.66 -12.79
C SER C 192 19.87 -83.32 -11.94
N THR C 193 19.42 -82.07 -12.02
CA THR C 193 18.28 -81.61 -11.22
C THR C 193 16.93 -82.07 -11.77
N TRP C 194 16.81 -82.13 -13.10
CA TRP C 194 15.54 -82.42 -13.74
C TRP C 194 15.73 -83.36 -14.92
N PRO C 195 14.82 -84.32 -15.12
CA PRO C 195 13.57 -84.58 -14.41
C PRO C 195 13.69 -85.29 -13.06
N SER C 196 14.91 -85.65 -12.63
CA SER C 196 15.09 -86.42 -11.40
C SER C 196 14.25 -85.87 -10.24
N GLN C 197 14.37 -84.57 -9.98
CA GLN C 197 13.54 -83.87 -8.99
C GLN C 197 12.36 -83.18 -9.67
N SER C 198 11.35 -82.85 -8.88
CA SER C 198 10.07 -82.37 -9.39
C SER C 198 9.98 -80.85 -9.47
N ILE C 199 9.95 -80.32 -10.69
CA ILE C 199 9.80 -78.88 -10.90
C ILE C 199 8.36 -78.53 -11.30
N THR C 200 7.63 -77.95 -10.34
CA THR C 200 6.25 -77.54 -10.56
C THR C 200 6.15 -76.03 -10.77
N CYS C 201 5.23 -75.63 -11.64
CA CYS C 201 4.92 -74.24 -11.90
C CYS C 201 3.70 -73.84 -11.05
N ASN C 202 3.70 -72.64 -10.47
CA ASN C 202 2.62 -72.19 -9.59
C ASN C 202 2.05 -70.81 -9.97
N VAL C 203 0.93 -70.80 -10.68
CA VAL C 203 0.26 -69.54 -11.07
C VAL C 203 -0.86 -69.19 -10.08
N ALA C 204 -1.11 -67.90 -9.90
CA ALA C 204 -2.14 -67.42 -8.98
C ALA C 204 -2.79 -66.13 -9.51
N HIS C 205 -4.09 -66.20 -9.80
CA HIS C 205 -4.85 -65.04 -10.30
C HIS C 205 -5.98 -64.69 -9.34
N PRO C 206 -5.75 -63.72 -8.41
CA PRO C 206 -6.75 -63.33 -7.42
C PRO C 206 -8.06 -62.81 -8.00
N ALA C 207 -8.01 -62.20 -9.17
CA ALA C 207 -9.19 -61.58 -9.78
C ALA C 207 -10.32 -62.57 -10.11
N SER C 208 -9.96 -63.83 -10.35
CA SER C 208 -10.95 -64.89 -10.62
C SER C 208 -10.83 -66.03 -9.60
N SER C 209 -10.17 -65.77 -8.47
CA SER C 209 -10.00 -66.75 -7.39
C SER C 209 -9.45 -68.09 -7.88
N THR C 210 -8.42 -68.04 -8.73
CA THR C 210 -7.83 -69.27 -9.29
C THR C 210 -6.36 -69.43 -8.87
N LYS C 211 -6.03 -70.64 -8.41
CA LYS C 211 -4.65 -71.01 -8.07
C LYS C 211 -4.35 -72.38 -8.67
N VAL C 212 -3.52 -72.38 -9.71
CA VAL C 212 -3.24 -73.59 -10.49
C VAL C 212 -1.77 -74.01 -10.37
N ASP C 213 -1.54 -75.32 -10.23
CA ASP C 213 -0.19 -75.91 -10.20
C ASP C 213 0.01 -76.81 -11.42
N LYS C 214 1.15 -76.66 -12.09
CA LYS C 214 1.48 -77.46 -13.29
C LYS C 214 2.88 -78.05 -13.20
N LYS C 215 2.94 -79.36 -12.95
CA LYS C 215 4.20 -80.09 -12.94
C LYS C 215 4.73 -80.24 -14.37
N ILE C 216 5.97 -79.79 -14.59
CA ILE C 216 6.61 -79.93 -15.89
C ILE C 216 7.06 -81.39 -16.06
N GLU C 217 6.41 -82.13 -16.95
CA GLU C 217 6.77 -83.52 -17.23
C GLU C 217 7.50 -83.60 -18.58
N PRO C 218 8.49 -84.50 -18.71
CA PRO C 218 9.17 -84.62 -20.00
C PRO C 218 8.27 -85.20 -21.09
N ARG C 219 8.60 -84.94 -22.34
CA ARG C 219 7.78 -85.39 -23.46
C ARG C 219 8.12 -86.84 -23.82
N GLY C 220 7.11 -87.61 -24.22
CA GLY C 220 7.27 -89.03 -24.54
C GLY C 220 7.15 -89.35 -26.03
N PRO C 221 7.38 -90.62 -26.41
CA PRO C 221 7.31 -91.01 -27.83
C PRO C 221 5.97 -90.67 -28.49
N ASP D 1 3.91 -24.35 -28.05
CA ASP D 1 4.41 -25.46 -27.19
C ASP D 1 5.92 -25.62 -27.39
N ILE D 2 6.66 -25.53 -26.30
CA ILE D 2 8.10 -25.74 -26.34
C ILE D 2 8.33 -27.24 -26.39
N LEU D 3 9.27 -27.65 -27.24
CA LEU D 3 9.66 -29.04 -27.38
C LEU D 3 10.93 -29.24 -26.61
N MET D 4 11.00 -30.31 -25.82
CA MET D 4 12.18 -30.64 -25.02
C MET D 4 12.84 -31.91 -25.54
N THR D 5 13.93 -31.77 -26.29
CA THR D 5 14.66 -32.93 -26.82
C THR D 5 15.77 -33.35 -25.85
N GLN D 6 15.67 -34.57 -25.33
CA GLN D 6 16.59 -35.06 -24.32
C GLN D 6 17.55 -36.10 -24.91
N SER D 7 18.83 -35.98 -24.56
CA SER D 7 19.85 -36.88 -25.11
C SER D 7 20.81 -37.41 -24.04
N PRO D 8 21.25 -38.67 -24.19
CA PRO D 8 20.73 -39.68 -25.09
C PRO D 8 19.47 -40.30 -24.50
N SER D 9 18.78 -41.14 -25.27
CA SER D 9 17.61 -41.84 -24.75
C SER D 9 18.05 -42.94 -23.76
N SER D 10 19.27 -43.44 -23.92
CA SER D 10 19.87 -44.31 -22.91
C SER D 10 21.40 -44.39 -23.04
N MET D 11 22.05 -44.67 -21.92
CA MET D 11 23.51 -44.81 -21.87
C MET D 11 23.92 -45.98 -20.98
N SER D 12 24.96 -46.70 -21.41
CA SER D 12 25.49 -47.84 -20.66
C SER D 12 26.75 -47.41 -19.93
N VAL D 13 26.66 -47.36 -18.61
CA VAL D 13 27.68 -46.75 -17.79
C VAL D 13 27.90 -47.60 -16.57
N SER D 14 29.01 -47.36 -15.88
CA SER D 14 29.42 -48.15 -14.73
C SER D 14 29.41 -47.33 -13.44
N LEU D 15 29.54 -48.02 -12.31
CA LEU D 15 29.61 -47.37 -11.01
C LEU D 15 30.87 -46.51 -10.93
N GLY D 16 30.73 -45.32 -10.35
CA GLY D 16 31.87 -44.40 -10.18
C GLY D 16 32.02 -43.40 -11.32
N ASP D 17 31.42 -43.70 -12.47
CA ASP D 17 31.48 -42.81 -13.62
C ASP D 17 30.79 -41.49 -13.34
N THR D 18 31.27 -40.44 -14.01
CA THR D 18 30.56 -39.18 -14.08
C THR D 18 29.87 -39.09 -15.43
N VAL D 19 28.54 -39.08 -15.40
CA VAL D 19 27.74 -39.00 -16.63
C VAL D 19 26.99 -37.68 -16.69
N SER D 20 26.63 -37.25 -17.89
CA SER D 20 25.76 -36.09 -18.06
C SER D 20 24.67 -36.33 -19.09
N ILE D 21 23.46 -35.87 -18.76
CA ILE D 21 22.31 -35.90 -19.65
C ILE D 21 22.08 -34.49 -20.17
N THR D 22 21.79 -34.34 -21.46
CA THR D 22 21.52 -33.01 -22.03
C THR D 22 20.07 -32.86 -22.45
N CYS D 23 19.59 -31.62 -22.42
CA CYS D 23 18.20 -31.31 -22.70
C CYS D 23 18.13 -29.99 -23.46
N HIS D 24 17.56 -30.03 -24.67
CA HIS D 24 17.54 -28.88 -25.56
C HIS D 24 16.11 -28.41 -25.81
N ALA D 25 15.82 -27.17 -25.43
CA ALA D 25 14.52 -26.56 -25.65
C ALA D 25 14.41 -25.99 -27.07
N SER D 26 13.18 -25.97 -27.60
CA SER D 26 12.92 -25.43 -28.94
C SER D 26 13.12 -23.92 -28.99
N GLN D 27 13.03 -23.28 -27.82
CA GLN D 27 13.38 -21.89 -27.66
C GLN D 27 13.97 -21.68 -26.28
N GLY D 28 14.57 -20.51 -26.06
CA GLY D 28 15.15 -20.17 -24.76
C GLY D 28 14.10 -20.26 -23.66
N ILE D 29 14.52 -20.75 -22.50
CA ILE D 29 13.64 -20.87 -21.32
C ILE D 29 14.32 -20.36 -20.05
N SER D 30 15.28 -19.45 -20.21
CA SER D 30 16.06 -18.85 -19.11
C SER D 30 16.01 -19.61 -17.76
N SER D 31 16.69 -20.75 -17.74
CA SER D 31 16.87 -21.59 -16.54
C SER D 31 15.60 -22.14 -15.88
N ASN D 32 14.44 -22.00 -16.53
CA ASN D 32 13.16 -22.49 -15.98
C ASN D 32 12.96 -23.97 -16.29
N ILE D 33 13.88 -24.77 -15.77
CA ILE D 33 13.98 -26.18 -16.10
C ILE D 33 14.12 -26.96 -14.81
N GLY D 34 13.40 -28.07 -14.72
CA GLY D 34 13.57 -29.01 -13.62
C GLY D 34 14.07 -30.33 -14.16
N TRP D 35 14.75 -31.09 -13.29
CA TRP D 35 15.17 -32.45 -13.60
C TRP D 35 14.51 -33.42 -12.61
N LEU D 36 14.04 -34.54 -13.12
CA LEU D 36 13.32 -35.53 -12.31
C LEU D 36 14.00 -36.89 -12.42
N GLN D 37 13.83 -37.71 -11.39
CA GLN D 37 14.31 -39.10 -11.40
C GLN D 37 13.16 -40.05 -11.16
N GLN D 38 13.09 -41.11 -11.98
CA GLN D 38 12.16 -42.20 -11.74
C GLN D 38 12.92 -43.52 -11.66
N LYS D 39 13.03 -44.06 -10.44
CA LYS D 39 13.66 -45.35 -10.23
C LYS D 39 12.72 -46.46 -10.67
N PRO D 40 13.27 -47.60 -11.13
CA PRO D 40 12.52 -48.73 -11.64
C PRO D 40 11.26 -49.04 -10.84
N GLY D 41 10.10 -48.96 -11.49
CA GLY D 41 8.83 -49.27 -10.86
C GLY D 41 8.35 -48.24 -9.85
N LYS D 42 9.26 -47.37 -9.43
CA LYS D 42 8.94 -46.36 -8.43
C LYS D 42 8.39 -45.10 -9.10
N SER D 43 7.96 -44.16 -8.26
CA SER D 43 7.41 -42.88 -8.70
C SER D 43 8.55 -41.89 -8.96
N PHE D 44 8.23 -40.60 -8.88
CA PHE D 44 9.18 -39.56 -9.21
C PHE D 44 9.74 -38.87 -7.97
N MET D 45 11.00 -38.42 -8.09
CA MET D 45 11.66 -37.57 -7.11
C MET D 45 12.24 -36.39 -7.88
N GLY D 46 12.12 -35.20 -7.31
CA GLY D 46 12.72 -34.01 -7.93
C GLY D 46 14.19 -33.92 -7.61
N LEU D 47 15.01 -33.66 -8.62
CA LEU D 47 16.46 -33.50 -8.42
C LEU D 47 16.83 -32.03 -8.37
N ILE D 48 16.53 -31.31 -9.46
CA ILE D 48 16.88 -29.88 -9.59
C ILE D 48 15.64 -29.03 -9.94
N TYR D 49 15.59 -27.81 -9.39
CA TYR D 49 14.64 -26.79 -9.85
C TYR D 49 15.37 -25.50 -10.22
N TYR D 50 14.75 -24.71 -11.09
CA TYR D 50 15.36 -23.50 -11.66
C TYR D 50 16.80 -23.73 -12.09
N GLY D 51 17.02 -24.82 -12.83
CA GLY D 51 18.30 -25.03 -13.53
C GLY D 51 19.45 -25.61 -12.74
N THR D 52 19.70 -25.10 -11.55
CA THR D 52 20.90 -25.45 -10.79
C THR D 52 20.66 -25.76 -9.30
N ASN D 53 19.45 -25.50 -8.80
CA ASN D 53 19.14 -25.68 -7.38
C ASN D 53 18.72 -27.10 -7.07
N LEU D 54 19.43 -27.78 -6.17
CA LEU D 54 19.01 -29.11 -5.70
C LEU D 54 17.79 -29.02 -4.78
N VAL D 55 16.85 -29.94 -4.98
CA VAL D 55 15.74 -30.13 -4.06
C VAL D 55 16.35 -30.57 -2.71
N ASP D 56 15.68 -30.18 -1.63
CA ASP D 56 16.11 -30.58 -0.29
C ASP D 56 16.32 -32.10 -0.27
N GLY D 57 17.45 -32.53 0.28
CA GLY D 57 17.72 -33.95 0.47
C GLY D 57 18.39 -34.64 -0.70
N VAL D 58 18.37 -34.04 -1.88
CA VAL D 58 19.01 -34.64 -3.05
C VAL D 58 20.52 -34.56 -2.88
N PRO D 59 21.23 -35.69 -3.09
CA PRO D 59 22.68 -35.75 -2.82
C PRO D 59 23.51 -34.79 -3.66
N SER D 60 24.62 -34.34 -3.10
CA SER D 60 25.49 -33.35 -3.74
C SER D 60 25.95 -33.75 -5.15
N ARG D 61 26.15 -35.05 -5.37
CA ARG D 61 26.65 -35.54 -6.66
C ARG D 61 25.81 -35.17 -7.90
N PHE D 62 24.56 -34.76 -7.69
CA PHE D 62 23.72 -34.24 -8.77
C PHE D 62 23.93 -32.75 -8.93
N SER D 63 24.02 -32.30 -10.17
CA SER D 63 24.18 -30.87 -10.45
C SER D 63 23.57 -30.48 -11.79
N GLY D 64 22.94 -29.31 -11.81
CA GLY D 64 22.38 -28.76 -13.03
C GLY D 64 23.29 -27.69 -13.59
N SER D 65 23.29 -27.56 -14.91
CA SER D 65 24.04 -26.52 -15.61
C SER D 65 23.33 -26.12 -16.89
N GLY D 66 23.76 -25.02 -17.49
CA GLY D 66 23.26 -24.59 -18.78
C GLY D 66 22.55 -23.26 -18.73
N SER D 67 22.22 -22.74 -19.91
CA SER D 67 21.49 -21.48 -20.05
C SER D 67 20.76 -21.48 -21.40
N GLY D 68 20.01 -20.41 -21.66
CA GLY D 68 19.32 -20.26 -22.93
C GLY D 68 18.39 -21.43 -23.20
N ALA D 69 18.74 -22.26 -24.18
CA ALA D 69 17.90 -23.39 -24.59
C ALA D 69 18.60 -24.73 -24.41
N ASP D 70 19.78 -24.73 -23.80
CA ASP D 70 20.57 -25.96 -23.68
C ASP D 70 21.05 -26.16 -22.25
N TYR D 71 20.64 -27.29 -21.66
CA TYR D 71 20.89 -27.57 -20.25
C TYR D 71 21.38 -29.00 -20.07
N SER D 72 22.09 -29.23 -18.96
CA SER D 72 22.71 -30.53 -18.67
C SER D 72 22.62 -30.91 -17.20
N LEU D 73 22.24 -32.16 -16.94
CA LEU D 73 22.28 -32.74 -15.58
C LEU D 73 23.53 -33.61 -15.46
N THR D 74 24.32 -33.39 -14.41
CA THR D 74 25.53 -34.20 -14.20
C THR D 74 25.44 -34.96 -12.89
N ILE D 75 25.65 -36.27 -13.00
CA ILE D 75 25.78 -37.14 -11.84
C ILE D 75 27.25 -37.54 -11.79
N SER D 76 27.88 -37.37 -10.63
CA SER D 76 29.31 -37.63 -10.49
C SER D 76 29.51 -38.78 -9.51
N SER D 77 30.43 -39.68 -9.83
CA SER D 77 30.60 -40.90 -9.05
C SER D 77 29.27 -41.64 -8.92
N LEU D 78 28.88 -42.35 -9.98
CA LEU D 78 27.58 -43.04 -10.02
C LEU D 78 27.44 -44.07 -8.91
N ASP D 79 26.31 -43.99 -8.22
CA ASP D 79 25.92 -44.96 -7.22
C ASP D 79 25.00 -45.98 -7.90
N SER D 80 24.96 -47.20 -7.37
CA SER D 80 24.07 -48.24 -7.92
C SER D 80 22.60 -47.85 -7.82
N GLU D 81 22.32 -46.93 -6.90
CA GLU D 81 20.99 -46.35 -6.72
C GLU D 81 20.62 -45.40 -7.89
N ASP D 82 21.63 -44.88 -8.59
CA ASP D 82 21.43 -43.88 -9.63
C ASP D 82 21.10 -44.46 -11.00
N PHE D 83 20.95 -45.78 -11.09
CA PHE D 83 20.55 -46.41 -12.35
C PHE D 83 19.03 -46.37 -12.48
N ALA D 84 18.54 -45.25 -12.99
CA ALA D 84 17.11 -45.00 -13.15
C ALA D 84 16.85 -44.26 -14.46
N ASP D 85 15.63 -43.74 -14.59
CA ASP D 85 15.28 -42.88 -15.71
C ASP D 85 15.31 -41.44 -15.23
N TYR D 86 15.58 -40.52 -16.15
CA TYR D 86 15.70 -39.11 -15.83
C TYR D 86 15.01 -38.27 -16.89
N TYR D 87 14.22 -37.29 -16.45
CA TYR D 87 13.50 -36.42 -17.38
C TYR D 87 13.73 -34.96 -17.04
N CYS D 88 13.79 -34.11 -18.07
CA CYS D 88 13.71 -32.68 -17.87
C CYS D 88 12.27 -32.20 -18.11
N VAL D 89 11.86 -31.20 -17.33
CA VAL D 89 10.60 -30.50 -17.54
C VAL D 89 10.89 -29.01 -17.63
N GLN D 90 10.24 -28.33 -18.58
CA GLN D 90 10.32 -26.87 -18.65
C GLN D 90 9.05 -26.24 -18.08
N TYR D 91 9.19 -25.10 -17.44
CA TYR D 91 8.02 -24.34 -17.00
C TYR D 91 8.15 -22.86 -17.32
N ALA D 92 8.76 -22.56 -18.46
CA ALA D 92 8.84 -21.20 -18.98
C ALA D 92 7.46 -20.83 -19.51
N GLN D 93 6.87 -21.75 -20.27
CA GLN D 93 5.53 -21.56 -20.83
C GLN D 93 4.59 -22.69 -20.45
N LEU D 94 3.32 -22.34 -20.25
CA LEU D 94 2.24 -23.31 -20.20
C LEU D 94 1.91 -23.54 -21.66
N PRO D 95 1.70 -24.80 -22.06
CA PRO D 95 1.69 -25.99 -21.24
C PRO D 95 3.09 -26.46 -20.91
N TYR D 96 3.30 -26.88 -19.66
CA TYR D 96 4.57 -27.48 -19.25
C TYR D 96 4.84 -28.69 -20.16
N THR D 97 6.08 -28.88 -20.56
CA THR D 97 6.43 -29.97 -21.46
C THR D 97 7.67 -30.75 -21.00
N PHE D 98 7.65 -32.06 -21.22
CA PHE D 98 8.67 -32.95 -20.69
C PHE D 98 9.63 -33.44 -21.75
N GLY D 99 10.79 -33.89 -21.32
CA GLY D 99 11.74 -34.52 -22.21
C GLY D 99 11.33 -35.94 -22.52
N GLY D 100 12.06 -36.58 -23.42
CA GLY D 100 11.77 -37.96 -23.77
C GLY D 100 12.18 -38.93 -22.69
N GLY D 101 13.19 -38.54 -21.91
CA GLY D 101 13.78 -39.41 -20.90
C GLY D 101 15.16 -39.89 -21.30
N THR D 102 15.98 -40.19 -20.30
CA THR D 102 17.28 -40.84 -20.48
C THR D 102 17.35 -41.99 -19.47
N LYS D 103 17.70 -43.18 -19.93
CA LYS D 103 17.79 -44.34 -19.04
C LYS D 103 19.24 -44.76 -18.81
N LEU D 104 19.70 -44.64 -17.56
CA LEU D 104 21.02 -45.14 -17.17
C LEU D 104 20.97 -46.66 -17.03
N GLU D 105 21.91 -47.33 -17.69
CA GLU D 105 21.92 -48.78 -17.81
C GLU D 105 23.30 -49.30 -17.41
N ILE D 106 23.36 -50.50 -16.82
CA ILE D 106 24.63 -51.07 -16.35
C ILE D 106 25.43 -51.67 -17.50
N LYS D 107 26.63 -51.13 -17.72
CA LYS D 107 27.52 -51.66 -18.74
C LYS D 107 28.10 -53.00 -18.31
N ARG D 108 28.19 -53.93 -19.26
CA ARG D 108 28.88 -55.20 -19.05
C ARG D 108 29.30 -55.83 -20.38
N ALA D 109 30.05 -56.93 -20.31
CA ALA D 109 30.59 -57.58 -21.50
C ALA D 109 29.45 -58.10 -22.35
N ASP D 110 29.70 -58.21 -23.65
CA ASP D 110 28.69 -58.75 -24.55
C ASP D 110 28.51 -60.24 -24.29
N ALA D 111 27.27 -60.69 -24.37
CA ALA D 111 26.92 -62.10 -24.16
C ALA D 111 25.83 -62.50 -25.15
N ALA D 112 26.05 -63.61 -25.85
CA ALA D 112 25.05 -64.16 -26.76
C ALA D 112 23.96 -64.85 -25.93
N PRO D 113 22.72 -64.86 -26.44
CA PRO D 113 21.60 -65.44 -25.71
C PRO D 113 21.62 -66.96 -25.71
N THR D 114 21.02 -67.56 -24.68
CA THR D 114 20.75 -69.00 -24.66
C THR D 114 19.32 -69.21 -25.16
N VAL D 115 19.19 -69.80 -26.36
CA VAL D 115 17.90 -69.91 -27.02
C VAL D 115 17.28 -71.29 -26.78
N SER D 116 16.00 -71.30 -26.41
CA SER D 116 15.28 -72.53 -26.10
C SER D 116 13.92 -72.51 -26.79
N ILE D 117 13.64 -73.50 -27.63
CA ILE D 117 12.35 -73.57 -28.33
C ILE D 117 11.46 -74.61 -27.68
N PHE D 118 10.18 -74.27 -27.51
CA PHE D 118 9.22 -75.15 -26.84
C PHE D 118 7.97 -75.37 -27.69
N PRO D 119 7.66 -76.64 -28.04
CA PRO D 119 6.42 -76.87 -28.76
C PRO D 119 5.21 -76.81 -27.85
N PRO D 120 4.01 -76.63 -28.43
CA PRO D 120 2.75 -76.62 -27.67
C PRO D 120 2.67 -77.76 -26.66
N SER D 121 2.18 -77.45 -25.46
CA SER D 121 1.93 -78.48 -24.46
C SER D 121 0.75 -79.35 -24.90
N SER D 122 0.64 -80.54 -24.32
CA SER D 122 -0.47 -81.44 -24.65
C SER D 122 -1.82 -80.85 -24.27
N GLU D 123 -1.84 -80.11 -23.17
CA GLU D 123 -3.09 -79.51 -22.67
C GLU D 123 -3.64 -78.50 -23.66
N GLN D 124 -2.75 -77.65 -24.16
CA GLN D 124 -3.13 -76.59 -25.09
C GLN D 124 -3.67 -77.17 -26.40
N LEU D 125 -2.97 -78.17 -26.93
CA LEU D 125 -3.38 -78.78 -28.18
C LEU D 125 -4.78 -79.38 -28.08
N THR D 126 -5.05 -80.13 -27.02
CA THR D 126 -6.38 -80.74 -26.83
C THR D 126 -7.48 -79.67 -26.66
N SER D 127 -7.11 -78.50 -26.15
CA SER D 127 -8.05 -77.39 -26.01
C SER D 127 -8.34 -76.68 -27.34
N GLY D 128 -7.42 -76.77 -28.31
CA GLY D 128 -7.67 -76.23 -29.65
C GLY D 128 -6.67 -75.21 -30.16
N GLY D 129 -5.81 -74.69 -29.28
CA GLY D 129 -4.79 -73.70 -29.64
C GLY D 129 -3.41 -74.32 -29.74
N ALA D 130 -2.47 -73.54 -30.29
CA ALA D 130 -1.10 -73.99 -30.44
C ALA D 130 -0.16 -72.79 -30.38
N SER D 131 0.63 -72.73 -29.32
CA SER D 131 1.64 -71.70 -29.14
C SER D 131 3.02 -72.32 -29.09
N VAL D 132 3.93 -71.80 -29.91
CA VAL D 132 5.32 -72.18 -29.88
C VAL D 132 6.06 -71.05 -29.17
N VAL D 133 6.77 -71.39 -28.09
CA VAL D 133 7.46 -70.41 -27.26
C VAL D 133 8.97 -70.46 -27.50
N CYS D 134 9.63 -69.30 -27.40
CA CYS D 134 11.08 -69.23 -27.53
C CYS D 134 11.68 -68.29 -26.49
N PHE D 135 12.58 -68.81 -25.65
CA PHE D 135 13.26 -67.99 -24.66
C PHE D 135 14.65 -67.69 -25.15
N LEU D 136 14.93 -66.39 -25.29
CA LEU D 136 16.27 -65.89 -25.58
C LEU D 136 16.79 -65.27 -24.27
N ASN D 137 17.61 -66.02 -23.53
CA ASN D 137 17.94 -65.69 -22.15
C ASN D 137 19.37 -65.25 -21.87
N ASN D 138 19.52 -64.29 -20.96
CA ASN D 138 20.82 -63.77 -20.49
C ASN D 138 21.73 -63.32 -21.62
N PHE D 139 21.44 -62.14 -22.17
CA PHE D 139 22.25 -61.59 -23.25
C PHE D 139 22.51 -60.10 -23.05
N TYR D 140 23.59 -59.62 -23.64
CA TYR D 140 23.96 -58.21 -23.58
C TYR D 140 24.71 -57.82 -24.85
N PRO D 141 24.35 -56.68 -25.47
CA PRO D 141 23.40 -55.62 -25.09
C PRO D 141 21.95 -55.99 -25.32
N LYS D 142 21.05 -55.08 -24.96
CA LYS D 142 19.61 -55.36 -24.91
C LYS D 142 18.96 -55.59 -26.27
N ASP D 143 19.51 -55.00 -27.33
CA ASP D 143 18.91 -55.11 -28.67
C ASP D 143 19.06 -56.51 -29.27
N ILE D 144 17.94 -57.08 -29.69
CA ILE D 144 17.88 -58.44 -30.22
C ILE D 144 16.74 -58.56 -31.22
N ASN D 145 16.87 -59.47 -32.20
CA ASN D 145 15.84 -59.72 -33.20
C ASN D 145 15.53 -61.20 -33.29
N VAL D 146 14.27 -61.56 -33.09
CA VAL D 146 13.81 -62.94 -33.21
C VAL D 146 13.08 -63.10 -34.55
N LYS D 147 13.16 -64.29 -35.14
CA LYS D 147 12.46 -64.57 -36.39
C LYS D 147 11.93 -66.00 -36.36
N TRP D 148 10.69 -66.19 -36.80
CA TRP D 148 10.07 -67.51 -36.83
C TRP D 148 9.98 -68.04 -38.25
N LYS D 149 10.15 -69.36 -38.40
CA LYS D 149 9.95 -70.03 -39.69
C LYS D 149 9.16 -71.33 -39.49
N ILE D 150 8.06 -71.46 -40.23
CA ILE D 150 7.32 -72.71 -40.30
C ILE D 150 7.68 -73.38 -41.64
N ASP D 151 8.40 -74.50 -41.56
CA ASP D 151 8.95 -75.18 -42.74
C ASP D 151 9.79 -74.21 -43.57
N GLY D 152 10.63 -73.44 -42.90
CA GLY D 152 11.54 -72.53 -43.58
C GLY D 152 10.91 -71.29 -44.21
N SER D 153 9.62 -71.08 -43.98
CA SER D 153 8.95 -69.86 -44.45
C SER D 153 8.69 -68.94 -43.25
N GLU D 154 9.16 -67.70 -43.35
CA GLU D 154 9.06 -66.71 -42.26
C GLU D 154 7.60 -66.44 -41.85
N ARG D 155 7.30 -66.61 -40.56
CA ARG D 155 5.96 -66.35 -40.05
C ARG D 155 5.92 -64.99 -39.35
N GLN D 156 5.02 -64.11 -39.81
CA GLN D 156 4.97 -62.72 -39.36
C GLN D 156 3.88 -62.39 -38.33
N ASN D 157 2.63 -62.79 -38.58
CA ASN D 157 1.52 -62.47 -37.66
C ASN D 157 1.37 -63.44 -36.47
N GLY D 158 0.76 -62.95 -35.38
CA GLY D 158 0.51 -63.78 -34.19
C GLY D 158 1.68 -64.06 -33.26
N VAL D 159 2.76 -63.27 -33.42
CA VAL D 159 3.92 -63.36 -32.54
C VAL D 159 3.74 -62.33 -31.42
N LEU D 160 4.10 -62.74 -30.21
CA LEU D 160 4.01 -61.88 -29.03
C LEU D 160 5.37 -61.87 -28.36
N ASN D 161 5.92 -60.69 -28.15
CA ASN D 161 7.25 -60.58 -27.59
C ASN D 161 7.24 -59.84 -26.26
N SER D 162 8.15 -60.20 -25.37
CA SER D 162 8.24 -59.54 -24.06
C SER D 162 9.67 -59.62 -23.52
N TRP D 163 10.21 -58.47 -23.17
CA TRP D 163 11.57 -58.34 -22.70
C TRP D 163 11.53 -58.05 -21.20
N THR D 164 12.47 -58.60 -20.45
CA THR D 164 12.62 -58.29 -19.04
C THR D 164 13.53 -57.08 -18.89
N ASP D 165 13.49 -56.46 -17.71
CA ASP D 165 14.43 -55.42 -17.38
C ASP D 165 15.80 -56.04 -17.15
N GLN D 166 16.81 -55.19 -16.98
CA GLN D 166 18.19 -55.64 -16.75
C GLN D 166 18.27 -56.42 -15.43
N ASP D 167 18.85 -57.62 -15.50
CA ASP D 167 18.90 -58.51 -14.35
C ASP D 167 19.64 -57.86 -13.18
N SER D 168 19.13 -58.09 -11.98
CA SER D 168 19.72 -57.49 -10.78
C SER D 168 21.05 -58.11 -10.35
N LYS D 169 21.41 -59.24 -10.96
CA LYS D 169 22.61 -59.98 -10.56
C LYS D 169 23.69 -59.94 -11.64
N ASP D 170 23.36 -60.38 -12.85
CA ASP D 170 24.35 -60.47 -13.94
C ASP D 170 24.16 -59.40 -15.03
N SER D 171 23.32 -58.41 -14.76
CA SER D 171 23.12 -57.27 -15.66
C SER D 171 22.79 -57.61 -17.12
N THR D 172 22.24 -58.81 -17.36
CA THR D 172 21.88 -59.22 -18.72
C THR D 172 20.41 -58.96 -18.95
N TYR D 173 19.96 -59.30 -20.16
CA TYR D 173 18.56 -59.21 -20.52
C TYR D 173 18.07 -60.59 -20.91
N SER D 174 16.75 -60.69 -21.08
CA SER D 174 16.13 -61.90 -21.58
C SER D 174 14.90 -61.52 -22.38
N MET D 175 14.48 -62.41 -23.28
CA MET D 175 13.33 -62.15 -24.13
C MET D 175 12.55 -63.42 -24.40
N SER D 176 11.24 -63.34 -24.21
CA SER D 176 10.30 -64.41 -24.57
C SER D 176 9.58 -64.03 -25.87
N SER D 177 9.38 -65.01 -26.74
CA SER D 177 8.65 -64.82 -27.99
C SER D 177 7.69 -65.99 -28.20
N THR D 178 6.41 -65.67 -28.33
CA THR D 178 5.37 -66.70 -28.43
C THR D 178 4.60 -66.57 -29.74
N LEU D 179 4.89 -67.49 -30.67
CA LEU D 179 4.10 -67.63 -31.89
C LEU D 179 2.86 -68.45 -31.57
N THR D 180 1.69 -67.88 -31.82
CA THR D 180 0.42 -68.59 -31.67
C THR D 180 -0.27 -68.73 -33.00
N LEU D 181 -0.79 -69.92 -33.26
CA LEU D 181 -1.55 -70.19 -34.46
C LEU D 181 -2.59 -71.27 -34.20
N THR D 182 -3.53 -71.47 -35.12
CA THR D 182 -4.56 -72.47 -34.96
C THR D 182 -3.94 -73.86 -34.96
N LYS D 183 -4.42 -74.73 -34.08
CA LYS D 183 -3.96 -76.13 -34.02
C LYS D 183 -4.08 -76.80 -35.39
N ASP D 184 -5.14 -76.44 -36.11
CA ASP D 184 -5.40 -76.95 -37.46
C ASP D 184 -4.24 -76.70 -38.41
N GLU D 185 -3.67 -75.50 -38.38
CA GLU D 185 -2.49 -75.17 -39.19
C GLU D 185 -1.25 -75.81 -38.62
N TYR D 186 -1.12 -75.78 -37.29
CA TYR D 186 0.05 -76.32 -36.62
C TYR D 186 0.32 -77.77 -37.05
N GLU D 187 -0.73 -78.56 -37.17
CA GLU D 187 -0.60 -79.97 -37.56
C GLU D 187 -0.46 -80.18 -39.07
N ARG D 188 -0.45 -79.08 -39.83
CA ARG D 188 -0.25 -79.14 -41.27
C ARG D 188 1.22 -78.93 -41.66
N HIS D 189 2.08 -78.64 -40.70
CA HIS D 189 3.49 -78.39 -40.97
C HIS D 189 4.38 -79.14 -40.01
N ASN D 190 5.62 -79.34 -40.42
CA ASN D 190 6.55 -80.20 -39.68
C ASN D 190 7.59 -79.43 -38.87
N SER D 191 8.39 -78.61 -39.56
CA SER D 191 9.54 -77.97 -38.95
C SER D 191 9.22 -76.56 -38.45
N TYR D 192 9.47 -76.35 -37.17
CA TYR D 192 9.26 -75.06 -36.51
C TYR D 192 10.58 -74.54 -35.99
N THR D 193 10.84 -73.25 -36.19
CA THR D 193 12.15 -72.69 -35.93
C THR D 193 12.05 -71.26 -35.41
N CYS D 194 12.92 -70.92 -34.47
CA CYS D 194 13.03 -69.54 -34.01
C CYS D 194 14.51 -69.14 -34.11
N GLU D 195 14.80 -68.06 -34.83
CA GLU D 195 16.18 -67.62 -35.10
C GLU D 195 16.50 -66.32 -34.37
N ALA D 196 17.47 -66.37 -33.46
CA ALA D 196 17.90 -65.18 -32.72
C ALA D 196 19.07 -64.50 -33.42
N THR D 197 18.93 -63.19 -33.69
CA THR D 197 20.01 -62.37 -34.23
C THR D 197 20.45 -61.33 -33.18
N HIS D 198 21.75 -61.31 -32.93
CA HIS D 198 22.32 -60.48 -31.88
C HIS D 198 23.68 -60.00 -32.38
N LYS D 199 24.20 -58.92 -31.81
CA LYS D 199 25.49 -58.38 -32.24
C LYS D 199 26.65 -59.36 -31.98
N THR D 200 26.50 -60.21 -30.97
CA THR D 200 27.55 -61.16 -30.60
C THR D 200 27.83 -62.23 -31.67
N SER D 201 27.05 -62.25 -32.76
CA SER D 201 27.30 -63.18 -33.85
C SER D 201 26.69 -62.67 -35.16
N THR D 202 27.48 -62.67 -36.22
CA THR D 202 27.04 -62.18 -37.52
C THR D 202 25.99 -63.10 -38.14
N SER D 203 26.12 -64.41 -37.88
CA SER D 203 25.09 -65.37 -38.27
C SER D 203 24.26 -65.74 -37.04
N PRO D 204 22.95 -66.00 -37.24
CA PRO D 204 22.00 -66.14 -36.13
C PRO D 204 22.03 -67.51 -35.43
N ILE D 205 21.53 -67.54 -34.19
CA ILE D 205 21.36 -68.78 -33.44
C ILE D 205 20.01 -69.38 -33.80
N VAL D 206 20.04 -70.58 -34.39
CA VAL D 206 18.83 -71.25 -34.89
C VAL D 206 18.48 -72.45 -34.01
N LYS D 207 17.31 -72.43 -33.38
CA LYS D 207 16.78 -73.57 -32.64
C LYS D 207 15.47 -74.04 -33.27
N SER D 208 15.35 -75.35 -33.48
CA SER D 208 14.21 -75.94 -34.17
C SER D 208 13.70 -77.20 -33.50
N PHE D 209 12.54 -77.64 -33.96
CA PHE D 209 12.03 -78.99 -33.69
C PHE D 209 11.15 -79.42 -34.85
N ASN D 210 11.10 -80.72 -35.09
CA ASN D 210 10.18 -81.28 -36.07
C ASN D 210 9.00 -81.91 -35.35
N ARG D 211 7.79 -81.50 -35.74
CA ARG D 211 6.58 -81.91 -35.05
C ARG D 211 6.46 -83.43 -35.04
N ASN D 212 6.09 -83.96 -33.87
CA ASN D 212 5.99 -85.41 -33.67
C ASN D 212 7.26 -86.14 -34.11
N GLU D 213 8.33 -85.99 -33.32
CA GLU D 213 9.59 -86.66 -33.60
C GLU D 213 10.19 -87.19 -32.31
N CYS D 214 9.64 -88.31 -31.83
CA CYS D 214 10.11 -88.95 -30.60
C CYS D 214 9.97 -90.47 -30.68
#